data_5AIK
#
_entry.id   5AIK
#
_cell.length_a   89.955
_cell.length_b   90.891
_cell.length_c   232.468
_cell.angle_alpha   90.00
_cell.angle_beta   90.00
_cell.angle_gamma   90.00
#
_symmetry.space_group_name_H-M   'P 21 21 21'
#
loop_
_entity.id
_entity.type
_entity.pdbx_description
1 polymer 'DYRK1A DUAL-SPECIFICITY TYROSINE-PHOSPHORYLATION REGULATED KINASE 1A'
2 non-polymer 4-(7-METHOXY-1-(TRIFLUOROMETHYL)-9H-PYRIDO[3,4-B]INDOL-9-yl)butan-1-amine
3 non-polymer 'PHOSPHATE ION'
4 water water
#
_entity_poly.entity_id   1
_entity_poly.type   'polypeptide(L)'
_entity_poly.pdbx_seq_one_letter_code
;MHHHHHHSSGVDLGTENLYFQSMSSHKKERKVYNDGYDDDNYDYIVKNGEKWMDRYEIDSLIGKGSFGQVVKAYDRVEQE
WVAIKIIKNKKAFLNQAQIEVRLLELMNKHDTEMKYYIVHLKRHFMFRNHLCLVFEMLSYNLYDLLRNTNFRGVSLNLTR
KFAQQMCTALLFLATPELSIIHCDLKPENILLCNPKRSAIKIVDFGSSCQLGQRIYQ(PTR)IQSRFYRSPEVLLGMPYD
LAIDMWSLGCILVEMHTGEPLFSGANEVDQMNKIVEVLGIPPAHILDQAPKARKFFEKLPDGTWNLKKTKDGKREYKPPG
TRKLHNILGVETGGPGGRRAGESGHTVADYLKFKDLILRMLDYDPKTRIQPYYALQHSFFKKTADE
;
_entity_poly.pdbx_strand_id   A,B,C,D
#
loop_
_chem_comp.id
_chem_comp.type
_chem_comp.name
_chem_comp.formula
AWR non-polymer 4-(7-METHOXY-1-(TRIFLUOROMETHYL)-9H-PYRIDO[3,4-B]INDOL-9-yl)butan-1-amine 'C17 H18 F3 N3 O'
PO4 non-polymer 'PHOSPHATE ION' 'O4 P -3'
#
# COMPACT_ATOMS: atom_id res chain seq x y z
N LYS A 31 26.49 19.53 -14.86
CA LYS A 31 25.09 19.02 -14.83
C LYS A 31 24.84 18.28 -13.51
N VAL A 32 24.01 18.86 -12.63
CA VAL A 32 23.55 18.22 -11.36
C VAL A 32 22.10 17.66 -11.44
N TYR A 33 21.78 16.70 -10.59
CA TYR A 33 20.44 16.09 -10.53
C TYR A 33 19.91 16.21 -9.11
N ASN A 34 18.67 16.69 -8.96
CA ASN A 34 18.02 16.87 -7.67
C ASN A 34 18.84 17.77 -6.75
N ASP A 35 19.28 18.91 -7.26
CA ASP A 35 20.30 19.77 -6.61
C ASP A 35 21.59 18.93 -6.38
N GLY A 36 22.15 18.88 -5.17
CA GLY A 36 23.28 17.95 -4.88
C GLY A 36 23.12 16.52 -5.44
N TYR A 37 21.98 15.89 -5.28
CA TYR A 37 21.76 14.88 -4.24
C TYR A 37 21.69 13.50 -4.94
N ASP A 38 21.26 13.48 -6.22
CA ASP A 38 21.15 12.27 -7.02
C ASP A 38 22.26 12.13 -8.07
N ASP A 39 22.55 10.87 -8.42
CA ASP A 39 23.43 10.54 -9.55
C ASP A 39 22.65 10.63 -10.87
N ASP A 40 23.33 10.37 -11.99
CA ASP A 40 22.70 10.40 -13.33
C ASP A 40 21.68 9.26 -13.58
N ASN A 41 21.34 8.51 -12.52
CA ASN A 41 20.57 7.29 -12.57
C ASN A 41 19.45 7.27 -11.51
N TYR A 42 19.07 8.44 -11.00
CA TYR A 42 18.01 8.61 -9.99
C TYR A 42 18.22 8.01 -8.58
N ASP A 43 19.42 7.46 -8.30
CA ASP A 43 19.75 6.97 -6.94
C ASP A 43 20.23 8.13 -6.05
N TYR A 44 19.86 8.11 -4.78
CA TYR A 44 20.44 9.08 -3.82
C TYR A 44 21.94 8.76 -3.62
N ILE A 45 22.81 9.77 -3.72
CA ILE A 45 24.27 9.55 -3.56
C ILE A 45 24.57 9.39 -2.08
N VAL A 46 24.79 8.14 -1.68
CA VAL A 46 24.95 7.80 -0.27
C VAL A 46 26.31 8.27 0.22
N LYS A 47 26.32 8.93 1.39
CA LYS A 47 27.52 9.46 2.05
C LYS A 47 27.55 8.89 3.48
N ASN A 48 28.60 8.14 3.81
CA ASN A 48 28.77 7.57 5.16
C ASN A 48 28.93 8.67 6.21
N GLY A 49 28.22 8.55 7.32
CA GLY A 49 28.26 9.56 8.39
C GLY A 49 27.17 10.63 8.34
N GLU A 50 26.40 10.70 7.25
CA GLU A 50 25.38 11.74 7.08
C GLU A 50 24.23 11.48 8.04
N LYS A 51 23.68 12.56 8.60
CA LYS A 51 22.59 12.45 9.54
C LYS A 51 21.34 12.96 8.85
N TRP A 52 20.26 12.18 8.85
CA TRP A 52 19.00 12.64 8.25
C TRP A 52 17.96 13.06 9.28
N MET A 53 17.26 14.17 8.99
CA MET A 53 16.15 14.67 9.80
C MET A 53 16.54 14.71 11.26
N ASP A 54 17.81 15.00 11.52
CA ASP A 54 18.36 15.03 12.89
C ASP A 54 18.00 13.78 13.71
N ARG A 55 18.17 12.60 13.08
CA ARG A 55 17.67 11.33 13.64
C ARG A 55 18.45 10.08 13.19
N TYR A 56 18.54 9.89 11.87
CA TYR A 56 19.10 8.67 11.30
C TYR A 56 20.54 8.90 10.89
N GLU A 57 21.48 8.24 11.56
CA GLU A 57 22.91 8.30 11.19
C GLU A 57 23.26 7.19 10.21
N ILE A 58 23.59 7.56 8.98
CA ILE A 58 23.87 6.61 7.92
C ILE A 58 25.25 6.03 8.14
N ASP A 59 25.35 4.70 8.13
CA ASP A 59 26.62 3.99 8.37
C ASP A 59 27.26 3.58 7.06
N SER A 60 26.52 2.81 6.27
CA SER A 60 27.06 2.22 5.03
C SER A 60 25.98 1.68 4.10
N LEU A 61 26.37 1.53 2.84
CA LEU A 61 25.53 0.94 1.79
C LEU A 61 25.60 -0.59 1.89
N ILE A 62 24.46 -1.27 2.04
CA ILE A 62 24.44 -2.73 2.23
C ILE A 62 23.70 -3.51 1.14
N GLY A 63 23.10 -2.81 0.18
CA GLY A 63 22.24 -3.44 -0.81
C GLY A 63 21.98 -2.54 -1.99
N LYS A 64 21.90 -3.15 -3.15
CA LYS A 64 21.63 -2.44 -4.38
C LYS A 64 20.60 -3.24 -5.19
N GLY A 65 19.87 -2.51 -6.03
CA GLY A 65 18.89 -3.13 -6.90
C GLY A 65 18.27 -2.03 -7.75
N SER A 66 17.11 -2.32 -8.34
CA SER A 66 16.69 -1.58 -9.49
C SER A 66 15.79 -0.34 -9.41
N PHE A 67 14.73 -0.15 -8.62
CA PHE A 67 14.47 -0.14 -7.16
C PHE A 67 15.26 0.98 -6.48
N GLY A 68 16.57 0.82 -6.35
CA GLY A 68 17.39 1.81 -5.64
C GLY A 68 18.38 1.13 -4.72
N GLN A 69 18.47 1.59 -3.48
CA GLN A 69 19.52 1.14 -2.55
C GLN A 69 18.98 0.82 -1.16
N VAL A 70 19.76 0.07 -0.40
CA VAL A 70 19.49 -0.19 1.01
C VAL A 70 20.69 0.19 1.86
N VAL A 71 20.46 0.88 2.98
CA VAL A 71 21.55 1.28 3.87
C VAL A 71 21.34 0.79 5.29
N LYS A 72 22.46 0.53 5.96
CA LYS A 72 22.48 0.35 7.40
C LYS A 72 22.54 1.71 8.06
N ALA A 73 21.64 1.95 9.01
CA ALA A 73 21.59 3.24 9.73
C ALA A 73 21.19 3.12 11.20
N TYR A 74 21.70 4.05 12.02
CA TYR A 74 21.32 4.11 13.43
C TYR A 74 20.25 5.17 13.68
N ASP A 75 19.18 4.73 14.32
CA ASP A 75 18.09 5.58 14.77
C ASP A 75 18.41 6.06 16.18
N ARG A 76 18.79 7.33 16.30
CA ARG A 76 19.13 7.96 17.59
C ARG A 76 17.95 7.99 18.56
N VAL A 77 16.75 8.19 18.03
CA VAL A 77 15.55 8.32 18.82
C VAL A 77 15.19 7.02 19.50
N GLU A 78 15.03 5.96 18.69
CA GLU A 78 14.64 4.63 19.19
C GLU A 78 15.80 3.79 19.73
N GLN A 79 17.03 4.22 19.43
CA GLN A 79 18.26 3.61 19.91
C GLN A 79 18.43 2.19 19.37
N GLU A 80 18.25 2.04 18.06
CA GLU A 80 18.41 0.76 17.39
C GLU A 80 18.92 0.94 15.96
N TRP A 81 19.55 -0.11 15.42
CA TRP A 81 19.94 -0.14 14.02
C TRP A 81 18.70 -0.42 13.18
N VAL A 82 18.62 0.22 12.00
CA VAL A 82 17.61 -0.08 11.02
C VAL A 82 18.21 -0.22 9.61
N ALA A 83 17.46 -0.88 8.75
CA ALA A 83 17.77 -0.95 7.34
C ALA A 83 16.82 -0.03 6.61
N ILE A 84 17.35 0.89 5.82
CA ILE A 84 16.48 1.84 5.09
C ILE A 84 16.54 1.57 3.59
N LYS A 85 15.38 1.34 3.00
CA LYS A 85 15.28 1.14 1.58
C LYS A 85 14.99 2.48 0.89
N ILE A 86 16.01 3.04 0.23
CA ILE A 86 15.89 4.34 -0.44
C ILE A 86 15.54 4.11 -1.91
N ILE A 87 14.29 4.45 -2.25
CA ILE A 87 13.79 4.21 -3.59
C ILE A 87 14.28 5.32 -4.51
N LYS A 88 14.64 4.94 -5.74
CA LYS A 88 14.97 5.91 -6.79
C LYS A 88 13.95 7.01 -6.94
N ASN A 89 14.43 8.20 -7.28
CA ASN A 89 13.60 9.38 -7.48
C ASN A 89 13.05 9.38 -8.90
N LYS A 90 12.07 8.51 -9.15
CA LYS A 90 11.57 8.23 -10.52
C LYS A 90 10.21 7.57 -10.42
N LYS A 91 9.19 8.16 -11.07
CA LYS A 91 7.81 7.76 -10.87
C LYS A 91 7.56 6.24 -10.86
N ALA A 92 8.14 5.54 -11.83
CA ALA A 92 7.94 4.10 -11.98
C ALA A 92 8.29 3.30 -10.74
N PHE A 93 9.44 3.62 -10.13
CA PHE A 93 9.89 2.88 -8.95
C PHE A 93 9.19 3.31 -7.67
N LEU A 94 8.79 4.60 -7.61
CA LEU A 94 8.00 5.13 -6.52
C LEU A 94 6.68 4.38 -6.42
N ASN A 95 5.99 4.27 -7.56
CA ASN A 95 4.68 3.59 -7.59
C ASN A 95 4.80 2.11 -7.26
N GLN A 96 5.91 1.50 -7.65
CA GLN A 96 6.18 0.12 -7.28
C GLN A 96 6.36 -0.04 -5.78
N ALA A 97 7.12 0.87 -5.16
CA ALA A 97 7.35 0.81 -3.73
C ALA A 97 6.09 1.04 -2.91
N GLN A 98 5.17 1.84 -3.44
CA GLN A 98 3.88 2.10 -2.76
C GLN A 98 2.99 0.84 -2.71
N ILE A 99 3.08 -0.02 -3.73
CA ILE A 99 2.51 -1.35 -3.64
C ILE A 99 3.14 -2.09 -2.45
N GLU A 100 4.47 -2.11 -2.39
CA GLU A 100 5.14 -2.78 -1.29
C GLU A 100 4.65 -2.23 0.05
N VAL A 101 4.57 -0.91 0.17
CA VAL A 101 4.12 -0.29 1.41
C VAL A 101 2.70 -0.75 1.74
N ARG A 102 1.83 -0.75 0.75
CA ARG A 102 0.45 -1.08 0.99
C ARG A 102 0.29 -2.53 1.50
N LEU A 103 1.05 -3.46 0.93
CA LEU A 103 0.96 -4.86 1.35
C LEU A 103 1.48 -5.10 2.75
N LEU A 104 2.60 -4.45 3.08
CA LEU A 104 3.18 -4.56 4.41
C LEU A 104 2.25 -4.00 5.49
N GLU A 105 1.63 -2.87 5.21
CA GLU A 105 0.73 -2.23 6.14
C GLU A 105 -0.52 -3.04 6.35
N LEU A 106 -0.92 -3.73 5.30
CA LEU A 106 -2.03 -4.68 5.35
C LEU A 106 -1.69 -5.88 6.27
N MET A 107 -0.51 -6.44 6.10
CA MET A 107 -0.03 -7.51 6.98
C MET A 107 0.01 -7.04 8.43
N ASN A 108 0.45 -5.78 8.62
CA ASN A 108 0.66 -5.19 9.94
C ASN A 108 -0.56 -5.14 10.83
N LYS A 109 -1.73 -4.99 10.22
CA LYS A 109 -2.94 -4.89 11.03
C LYS A 109 -3.51 -6.23 11.54
N HIS A 110 -2.84 -7.33 11.22
CA HIS A 110 -3.23 -8.66 11.74
C HIS A 110 -2.55 -9.05 13.05
N ASP A 111 -3.34 -9.61 13.96
CA ASP A 111 -2.95 -9.80 15.35
C ASP A 111 -1.97 -10.97 15.58
N THR A 112 -1.97 -11.97 14.69
CA THR A 112 -1.27 -13.25 14.93
C THR A 112 0.27 -13.18 15.01
N GLU A 113 0.82 -14.21 15.68
CA GLU A 113 2.27 -14.37 15.87
C GLU A 113 3.01 -14.86 14.63
N MET A 114 2.25 -15.36 13.65
CA MET A 114 2.83 -15.85 12.41
C MET A 114 3.40 -14.74 11.52
N LYS A 115 2.98 -13.49 11.72
CA LYS A 115 3.52 -12.38 10.93
C LYS A 115 5.01 -12.09 11.17
N TYR A 116 5.57 -12.65 12.23
CA TYR A 116 6.98 -12.43 12.58
C TYR A 116 7.94 -13.04 11.59
N TYR A 117 7.46 -13.95 10.74
CA TYR A 117 8.29 -14.51 9.69
C TYR A 117 8.35 -13.64 8.43
N ILE A 118 7.71 -12.47 8.48
CA ILE A 118 7.84 -11.44 7.47
C ILE A 118 8.60 -10.28 8.06
N VAL A 119 9.52 -9.72 7.28
CA VAL A 119 10.24 -8.54 7.71
C VAL A 119 9.27 -7.38 8.01
N HIS A 120 9.52 -6.69 9.11
CA HIS A 120 8.61 -5.67 9.61
C HIS A 120 8.97 -4.26 9.13
N LEU A 121 8.04 -3.62 8.45
CA LEU A 121 8.11 -2.18 8.11
C LEU A 121 7.70 -1.31 9.30
N LYS A 122 8.62 -0.45 9.76
CA LYS A 122 8.41 0.35 10.97
C LYS A 122 7.70 1.66 10.69
N ARG A 123 8.18 2.35 9.64
CA ARG A 123 7.54 3.56 9.09
C ARG A 123 8.11 3.92 7.73
N HIS A 124 7.51 4.91 7.08
CA HIS A 124 8.07 5.44 5.84
C HIS A 124 7.93 6.95 5.80
N PHE A 125 8.73 7.57 4.97
CA PHE A 125 8.75 9.03 4.84
C PHE A 125 9.44 9.42 3.52
N MET A 126 9.14 10.63 3.03
CA MET A 126 9.85 11.19 1.90
C MET A 126 11.05 11.96 2.44
N PHE A 127 12.19 11.80 1.81
CA PHE A 127 13.41 12.52 2.17
C PHE A 127 14.12 12.93 0.89
N ARG A 128 14.21 14.23 0.64
CA ARG A 128 14.85 14.79 -0.54
C ARG A 128 14.37 14.10 -1.84
N ASN A 129 13.06 14.00 -1.96
CA ASN A 129 12.37 13.40 -3.13
C ASN A 129 12.56 11.91 -3.35
N HIS A 130 12.96 11.19 -2.30
CA HIS A 130 13.06 9.74 -2.32
C HIS A 130 12.15 9.15 -1.26
N LEU A 131 11.30 8.21 -1.66
CA LEU A 131 10.56 7.42 -0.70
C LEU A 131 11.53 6.51 0.05
N CYS A 132 11.43 6.53 1.37
CA CYS A 132 12.30 5.75 2.25
C CYS A 132 11.48 4.79 3.13
N LEU A 133 11.71 3.48 3.00
CA LEU A 133 11.05 2.48 3.88
C LEU A 133 12.03 2.02 4.96
N VAL A 134 11.61 2.16 6.21
CA VAL A 134 12.44 1.81 7.37
C VAL A 134 12.04 0.43 7.86
N PHE A 135 12.97 -0.52 7.75
CA PHE A 135 12.78 -1.88 8.25
C PHE A 135 13.66 -2.15 9.45
N GLU A 136 13.22 -3.10 10.28
CA GLU A 136 14.11 -3.73 11.27
C GLU A 136 15.38 -4.26 10.57
N MET A 137 16.53 -4.20 11.25
CA MET A 137 17.79 -4.64 10.67
C MET A 137 17.95 -6.13 10.83
N LEU A 138 18.30 -6.81 9.74
CA LEU A 138 18.49 -8.26 9.74
C LEU A 138 19.94 -8.62 9.41
N SER A 139 20.24 -9.92 9.38
CA SER A 139 21.59 -10.40 9.10
C SER A 139 21.73 -10.85 7.64
N TYR A 140 22.58 -11.83 7.36
CA TYR A 140 22.76 -12.28 5.95
C TYR A 140 21.66 -13.20 5.50
N ASN A 141 21.54 -13.30 4.18
CA ASN A 141 20.59 -14.19 3.53
C ASN A 141 21.09 -15.62 3.35
N LEU A 142 20.19 -16.49 2.97
CA LEU A 142 20.49 -17.89 2.83
C LEU A 142 21.37 -18.21 1.64
N TYR A 143 21.53 -17.31 0.68
CA TYR A 143 22.54 -17.51 -0.34
C TYR A 143 23.96 -17.31 0.21
N ASP A 144 24.18 -16.22 0.94
CA ASP A 144 25.43 -16.01 1.65
C ASP A 144 25.81 -17.18 2.55
N LEU A 145 24.81 -17.79 3.18
CA LEU A 145 25.03 -18.94 4.08
C LEU A 145 25.58 -20.14 3.32
N LEU A 146 24.97 -20.43 2.18
CA LEU A 146 25.50 -21.44 1.29
C LEU A 146 26.95 -21.12 0.82
N ARG A 147 27.25 -19.85 0.53
CA ARG A 147 28.59 -19.47 0.06
C ARG A 147 29.61 -19.88 1.10
N ASN A 148 29.30 -19.69 2.39
CA ASN A 148 30.23 -20.05 3.48
C ASN A 148 30.43 -21.56 3.70
N THR A 149 29.53 -22.38 3.17
CA THR A 149 29.69 -23.85 3.12
C THR A 149 30.44 -24.34 1.87
N ASN A 150 30.92 -23.41 1.03
CA ASN A 150 31.30 -23.70 -0.36
C ASN A 150 30.28 -24.50 -1.11
N PHE A 151 29.01 -24.11 -0.97
CA PHE A 151 27.92 -24.75 -1.67
C PHE A 151 27.86 -26.26 -1.45
N ARG A 152 28.10 -26.67 -0.21
CA ARG A 152 28.03 -28.05 0.22
C ARG A 152 26.80 -28.30 1.12
N GLY A 153 26.11 -27.23 1.49
CA GLY A 153 24.81 -27.37 2.13
C GLY A 153 24.91 -27.40 3.64
N VAL A 154 23.79 -27.10 4.29
CA VAL A 154 23.67 -27.15 5.74
C VAL A 154 22.96 -28.41 6.17
N SER A 155 23.07 -28.73 7.46
CA SER A 155 22.49 -29.96 7.98
C SER A 155 20.99 -30.06 7.73
N LEU A 156 20.47 -31.26 7.89
CA LEU A 156 19.05 -31.52 7.73
C LEU A 156 18.23 -30.97 8.91
N ASN A 157 18.87 -30.97 10.08
CA ASN A 157 18.25 -30.34 11.25
C ASN A 157 18.02 -28.86 11.06
N LEU A 158 18.98 -28.19 10.44
CA LEU A 158 18.83 -26.78 10.15
C LEU A 158 17.86 -26.56 9.00
N THR A 159 17.95 -27.39 7.96
CA THR A 159 17.01 -27.31 6.84
C THR A 159 15.58 -27.38 7.37
N ARG A 160 15.34 -28.29 8.33
CA ARG A 160 14.01 -28.45 8.96
C ARG A 160 13.51 -27.19 9.65
N LYS A 161 14.39 -26.56 10.43
CA LYS A 161 14.04 -25.31 11.09
C LYS A 161 13.60 -24.23 10.11
N PHE A 162 14.36 -24.08 9.02
CA PHE A 162 14.01 -23.17 7.93
C PHE A 162 12.69 -23.57 7.26
N ALA A 163 12.53 -24.86 7.02
CA ALA A 163 11.32 -25.36 6.36
C ALA A 163 10.07 -25.07 7.18
N GLN A 164 10.16 -25.26 8.49
CA GLN A 164 8.99 -25.04 9.35
C GLN A 164 8.57 -23.59 9.43
N GLN A 165 9.55 -22.71 9.52
CA GLN A 165 9.28 -21.28 9.60
C GLN A 165 8.69 -20.75 8.28
N MET A 166 9.22 -21.24 7.16
CA MET A 166 8.70 -20.83 5.84
C MET A 166 7.27 -21.31 5.59
N CYS A 167 6.96 -22.52 6.04
CA CYS A 167 5.60 -23.06 5.93
C CYS A 167 4.63 -22.20 6.74
N THR A 168 5.06 -21.78 7.92
CA THR A 168 4.28 -20.85 8.75
C THR A 168 4.10 -19.47 8.08
N ALA A 169 5.14 -18.96 7.44
CA ALA A 169 5.03 -17.68 6.72
C ALA A 169 4.03 -17.76 5.58
N LEU A 170 4.10 -18.84 4.80
CA LEU A 170 3.17 -19.06 3.70
C LEU A 170 1.74 -19.22 4.19
N LEU A 171 1.56 -19.84 5.35
CA LEU A 171 0.23 -19.93 5.96
C LEU A 171 -0.34 -18.55 6.28
N PHE A 172 0.51 -17.67 6.81
CA PHE A 172 0.12 -16.31 7.14
C PHE A 172 -0.31 -15.54 5.88
N LEU A 173 0.53 -15.60 4.85
CA LEU A 173 0.22 -15.00 3.54
C LEU A 173 -1.06 -15.51 2.93
N ALA A 174 -1.37 -16.77 3.24
CA ALA A 174 -2.60 -17.40 2.78
C ALA A 174 -3.86 -17.00 3.55
N THR A 175 -3.73 -16.31 4.70
CA THR A 175 -4.93 -15.92 5.44
C THR A 175 -5.83 -15.12 4.47
N PRO A 176 -7.11 -15.48 4.41
CA PRO A 176 -8.04 -15.07 3.33
C PRO A 176 -8.03 -13.58 2.99
N GLU A 177 -8.03 -12.75 4.02
CA GLU A 177 -8.05 -11.30 3.85
C GLU A 177 -6.77 -10.71 3.24
N LEU A 178 -5.67 -11.48 3.26
CA LEU A 178 -4.42 -11.12 2.58
C LEU A 178 -4.31 -11.78 1.20
N SER A 179 -4.22 -13.12 1.19
CA SER A 179 -4.10 -13.90 -0.05
C SER A 179 -2.96 -13.39 -0.90
N ILE A 180 -1.78 -13.25 -0.27
CA ILE A 180 -0.63 -12.63 -0.91
C ILE A 180 0.28 -13.67 -1.54
N ILE A 181 0.68 -13.42 -2.79
CA ILE A 181 1.65 -14.26 -3.47
C ILE A 181 2.95 -13.47 -3.58
N HIS A 182 4.03 -14.01 -3.02
CA HIS A 182 5.31 -13.32 -3.01
C HIS A 182 5.91 -13.21 -4.41
N CYS A 183 5.83 -14.28 -5.19
CA CYS A 183 6.21 -14.28 -6.62
C CYS A 183 7.71 -14.25 -6.88
N ASP A 184 8.54 -14.41 -5.85
CA ASP A 184 10.00 -14.35 -6.01
C ASP A 184 10.78 -14.89 -4.83
N LEU A 185 10.33 -16.00 -4.29
CA LEU A 185 11.07 -16.69 -3.25
C LEU A 185 12.32 -17.35 -3.82
N LYS A 186 13.42 -17.10 -3.16
CA LYS A 186 14.71 -17.69 -3.47
C LYS A 186 15.63 -17.40 -2.26
N PRO A 187 16.75 -18.14 -2.15
CA PRO A 187 17.58 -17.99 -0.96
C PRO A 187 17.98 -16.52 -0.66
N GLU A 188 18.35 -15.77 -1.70
CA GLU A 188 18.60 -14.31 -1.62
C GLU A 188 17.58 -13.50 -0.81
N ASN A 189 16.29 -13.87 -0.91
CA ASN A 189 15.19 -13.14 -0.27
C ASN A 189 14.69 -13.72 1.06
N ILE A 190 15.47 -14.62 1.66
CA ILE A 190 15.21 -15.13 3.00
C ILE A 190 16.44 -14.81 3.83
N LEU A 191 16.27 -14.03 4.89
CA LEU A 191 17.39 -13.57 5.71
C LEU A 191 17.34 -14.15 7.12
N LEU A 192 18.51 -14.41 7.69
CA LEU A 192 18.64 -14.67 9.12
C LEU A 192 18.38 -13.39 9.92
N CYS A 193 17.75 -13.52 11.08
CA CYS A 193 17.59 -12.39 11.99
C CYS A 193 18.92 -12.08 12.67
N ASN A 194 19.63 -13.13 13.08
CA ASN A 194 20.87 -13.05 13.81
C ASN A 194 21.81 -14.11 13.20
N PRO A 195 23.11 -13.79 13.02
CA PRO A 195 24.03 -14.71 12.33
C PRO A 195 24.33 -16.05 13.02
N LYS A 196 24.19 -16.09 14.34
CA LYS A 196 24.42 -17.30 15.14
C LYS A 196 23.11 -18.04 15.53
N ARG A 197 21.96 -17.69 14.95
CA ARG A 197 20.67 -18.32 15.26
C ARG A 197 19.97 -18.71 13.96
N SER A 198 18.94 -19.54 14.08
CA SER A 198 18.19 -20.06 12.93
C SER A 198 16.91 -19.29 12.55
N ALA A 199 16.57 -18.25 13.30
CA ALA A 199 15.37 -17.45 12.99
C ALA A 199 15.51 -16.78 11.63
N ILE A 200 14.50 -16.90 10.77
CA ILE A 200 14.51 -16.27 9.44
C ILE A 200 13.25 -15.49 9.10
N LYS A 201 13.39 -14.63 8.10
CA LYS A 201 12.28 -13.82 7.58
C LYS A 201 12.36 -13.67 6.07
N ILE A 202 11.20 -13.43 5.46
CA ILE A 202 11.10 -13.13 4.03
C ILE A 202 11.16 -11.62 3.83
N VAL A 203 11.87 -11.21 2.78
CA VAL A 203 11.97 -9.80 2.43
C VAL A 203 11.52 -9.55 1.00
N ASP A 204 11.29 -8.26 0.70
CA ASP A 204 11.03 -7.74 -0.64
C ASP A 204 9.68 -8.17 -1.21
N PHE A 205 8.66 -7.38 -0.93
CA PHE A 205 7.35 -7.56 -1.50
C PHE A 205 7.07 -6.64 -2.69
N GLY A 206 8.13 -6.10 -3.31
CA GLY A 206 7.99 -5.26 -4.49
C GLY A 206 7.49 -5.97 -5.74
N SER A 207 7.82 -7.26 -5.85
CA SER A 207 7.30 -8.10 -6.96
C SER A 207 5.96 -8.80 -6.70
N SER A 208 5.36 -8.56 -5.54
CA SER A 208 4.25 -9.37 -5.07
C SER A 208 2.93 -8.95 -5.67
N CYS A 209 1.91 -9.79 -5.47
CA CYS A 209 0.53 -9.42 -5.77
C CYS A 209 -0.43 -10.22 -4.89
N GLN A 210 -1.71 -9.89 -4.98
CA GLN A 210 -2.77 -10.62 -4.31
C GLN A 210 -3.50 -11.52 -5.31
N LEU A 211 -4.12 -12.58 -4.78
CA LEU A 211 -4.96 -13.47 -5.57
C LEU A 211 -6.00 -12.65 -6.32
N GLY A 212 -6.14 -12.95 -7.60
CA GLY A 212 -7.20 -12.33 -8.38
C GLY A 212 -7.04 -12.53 -9.84
N GLN A 213 -7.22 -11.47 -10.63
CA GLN A 213 -7.32 -11.61 -12.05
C GLN A 213 -5.91 -11.46 -12.56
N ARG A 214 -5.52 -12.39 -13.41
CA ARG A 214 -4.17 -12.40 -13.90
C ARG A 214 -3.82 -11.08 -14.60
N ILE A 215 -2.73 -10.45 -14.14
CA ILE A 215 -2.01 -9.41 -14.87
C ILE A 215 -0.67 -9.91 -15.39
N TYR A 216 0.19 -10.30 -14.46
CA TYR A 216 1.57 -10.65 -14.76
C TYR A 216 1.64 -12.06 -15.27
N GLN A 217 2.55 -12.31 -16.21
CA GLN A 217 2.80 -13.68 -16.67
C GLN A 217 4.25 -14.20 -16.57
N PTR A 218 5.23 -13.33 -16.80
CA PTR A 218 6.64 -13.68 -16.67
C PTR A 218 7.07 -13.34 -15.24
O PTR A 218 7.56 -12.26 -14.98
CB PTR A 218 7.40 -12.85 -17.72
CG PTR A 218 8.86 -13.18 -17.90
CD1 PTR A 218 9.21 -14.39 -18.51
CD2 PTR A 218 9.87 -12.30 -17.47
CE1 PTR A 218 10.57 -14.70 -18.68
CE2 PTR A 218 11.21 -12.62 -17.65
CZ PTR A 218 11.59 -13.82 -18.25
OH PTR A 218 12.91 -14.17 -18.48
P PTR A 218 13.86 -15.02 -17.48
O1P PTR A 218 15.20 -14.70 -18.14
O2P PTR A 218 13.52 -14.40 -16.14
O3P PTR A 218 13.48 -16.46 -17.58
N ILE A 219 6.91 -14.30 -14.34
CA ILE A 219 7.17 -14.13 -12.91
C ILE A 219 8.00 -15.26 -12.32
N GLN A 220 8.51 -15.04 -11.11
CA GLN A 220 9.39 -15.96 -10.37
C GLN A 220 10.77 -16.00 -10.99
N SER A 221 11.81 -16.04 -10.15
CA SER A 221 13.18 -16.31 -10.63
C SER A 221 13.21 -17.66 -11.32
N ARG A 222 13.94 -17.72 -12.43
CA ARG A 222 13.89 -18.89 -13.33
C ARG A 222 14.02 -20.24 -12.62
N PHE A 223 15.04 -20.39 -11.78
CA PHE A 223 15.32 -21.69 -11.08
C PHE A 223 14.18 -22.14 -10.16
N TYR A 224 13.40 -21.16 -9.69
CA TYR A 224 12.31 -21.36 -8.73
C TYR A 224 10.92 -21.22 -9.34
N ARG A 225 10.86 -21.18 -10.68
CA ARG A 225 9.64 -20.85 -11.41
C ARG A 225 8.84 -22.11 -11.57
N SER A 226 7.54 -22.00 -11.30
CA SER A 226 6.64 -23.16 -11.28
C SER A 226 6.19 -23.59 -12.67
N PRO A 227 5.75 -24.85 -12.79
CA PRO A 227 5.33 -25.32 -14.13
C PRO A 227 4.10 -24.61 -14.68
N GLU A 228 3.13 -24.27 -13.84
CA GLU A 228 1.98 -23.52 -14.27
C GLU A 228 2.38 -22.18 -14.88
N VAL A 229 3.41 -21.53 -14.33
CA VAL A 229 3.91 -20.29 -14.93
C VAL A 229 4.64 -20.54 -16.27
N LEU A 230 5.52 -21.54 -16.30
CA LEU A 230 6.22 -21.94 -17.53
C LEU A 230 5.28 -22.30 -18.67
N LEU A 231 4.15 -22.92 -18.32
CA LEU A 231 3.14 -23.34 -19.30
C LEU A 231 2.10 -22.28 -19.71
N GLY A 232 2.17 -21.10 -19.08
CA GLY A 232 1.26 -19.99 -19.40
C GLY A 232 -0.16 -20.17 -18.88
N MET A 233 -0.29 -20.88 -17.78
CA MET A 233 -1.58 -21.27 -17.19
C MET A 233 -2.00 -20.36 -16.02
N PRO A 234 -3.27 -20.49 -15.54
CA PRO A 234 -3.65 -19.77 -14.32
C PRO A 234 -2.81 -20.21 -13.12
N TYR A 235 -2.64 -19.30 -12.17
CA TYR A 235 -1.82 -19.57 -11.01
C TYR A 235 -2.41 -18.92 -9.77
N ASP A 236 -1.91 -19.36 -8.62
CA ASP A 236 -2.40 -18.94 -7.30
C ASP A 236 -1.25 -19.03 -6.27
N LEU A 237 -1.60 -19.06 -4.98
CA LEU A 237 -0.59 -19.06 -3.90
C LEU A 237 0.30 -20.32 -3.93
N ALA A 238 -0.13 -21.37 -4.63
CA ALA A 238 0.63 -22.59 -4.73
C ALA A 238 1.96 -22.43 -5.43
N ILE A 239 2.14 -21.41 -6.27
CA ILE A 239 3.45 -21.20 -6.89
C ILE A 239 4.56 -20.93 -5.88
N ASP A 240 4.22 -20.34 -4.73
CA ASP A 240 5.21 -20.07 -3.67
C ASP A 240 5.66 -21.39 -3.00
N MET A 241 4.75 -22.34 -2.88
CA MET A 241 5.09 -23.64 -2.34
C MET A 241 6.04 -24.42 -3.27
N TRP A 242 5.87 -24.31 -4.58
CA TRP A 242 6.82 -24.90 -5.52
C TRP A 242 8.24 -24.34 -5.28
N SER A 243 8.32 -23.01 -5.20
CA SER A 243 9.60 -22.36 -4.97
C SER A 243 10.22 -22.88 -3.70
N LEU A 244 9.43 -22.98 -2.62
CA LEU A 244 9.91 -23.50 -1.35
C LEU A 244 10.51 -24.91 -1.52
N GLY A 245 9.83 -25.77 -2.26
CA GLY A 245 10.33 -27.10 -2.54
C GLY A 245 11.74 -27.08 -3.10
N CYS A 246 11.95 -26.22 -4.09
CA CYS A 246 13.25 -26.07 -4.75
C CYS A 246 14.30 -25.53 -3.81
N ILE A 247 13.89 -24.59 -2.98
CA ILE A 247 14.78 -23.98 -2.03
C ILE A 247 15.31 -24.97 -0.98
N LEU A 248 14.42 -25.75 -0.36
CA LEU A 248 14.79 -26.60 0.77
C LEU A 248 15.74 -27.69 0.36
N VAL A 249 15.55 -28.23 -0.84
CA VAL A 249 16.51 -29.16 -1.39
C VAL A 249 17.87 -28.46 -1.58
N GLU A 250 17.86 -27.26 -2.14
CA GLU A 250 19.09 -26.53 -2.41
C GLU A 250 19.86 -26.15 -1.14
N MET A 251 19.14 -25.89 -0.06
CA MET A 251 19.78 -25.61 1.23
C MET A 251 20.57 -26.81 1.78
N HIS A 252 20.07 -28.03 1.56
CA HIS A 252 20.77 -29.21 2.03
C HIS A 252 21.88 -29.72 1.10
N THR A 253 21.71 -29.58 -0.21
CA THR A 253 22.70 -29.99 -1.21
C THR A 253 23.75 -28.93 -1.48
N GLY A 254 23.36 -27.67 -1.27
CA GLY A 254 24.17 -26.51 -1.60
C GLY A 254 24.04 -26.00 -3.02
N GLU A 255 23.21 -26.66 -3.81
CA GLU A 255 23.19 -26.50 -5.23
C GLU A 255 21.74 -26.33 -5.66
N PRO A 256 21.50 -25.50 -6.69
CA PRO A 256 20.10 -25.41 -7.13
C PRO A 256 19.59 -26.71 -7.76
N LEU A 257 18.35 -27.07 -7.42
CA LEU A 257 17.74 -28.31 -7.90
C LEU A 257 17.51 -28.28 -9.41
N PHE A 258 16.96 -27.17 -9.89
CA PHE A 258 16.64 -26.97 -11.32
C PHE A 258 17.31 -25.71 -11.89
N SER A 259 18.54 -25.82 -12.35
CA SER A 259 19.33 -24.67 -12.80
C SER A 259 19.27 -24.43 -14.33
N GLY A 260 18.11 -23.96 -14.81
CA GLY A 260 17.90 -23.77 -16.24
C GLY A 260 18.52 -22.51 -16.81
N ALA A 261 19.21 -22.64 -17.95
CA ALA A 261 19.79 -21.49 -18.67
C ALA A 261 18.75 -20.66 -19.43
N ASN A 262 17.64 -21.29 -19.79
CA ASN A 262 16.51 -20.64 -20.43
C ASN A 262 15.25 -21.47 -20.08
N GLU A 263 14.07 -21.06 -20.57
CA GLU A 263 12.83 -21.72 -20.17
C GLU A 263 12.76 -23.17 -20.66
N VAL A 264 13.25 -23.46 -21.86
CA VAL A 264 13.25 -24.85 -22.36
C VAL A 264 14.13 -25.76 -21.46
N ASP A 265 15.34 -25.31 -21.22
CA ASP A 265 16.25 -26.04 -20.36
C ASP A 265 15.67 -26.21 -18.96
N GLN A 266 15.00 -25.18 -18.45
CA GLN A 266 14.40 -25.22 -17.12
C GLN A 266 13.35 -26.32 -17.01
N MET A 267 12.49 -26.41 -18.03
CA MET A 267 11.46 -27.44 -18.05
C MET A 267 12.09 -28.83 -18.19
N ASN A 268 13.11 -28.96 -19.04
CA ASN A 268 13.78 -30.25 -19.22
C ASN A 268 14.42 -30.76 -17.93
N LYS A 269 15.02 -29.86 -17.16
CA LYS A 269 15.61 -30.22 -15.89
C LYS A 269 14.58 -30.65 -14.86
N ILE A 270 13.39 -30.02 -14.90
CA ILE A 270 12.24 -30.43 -14.07
C ILE A 270 11.78 -31.83 -14.44
N VAL A 271 11.66 -32.08 -15.74
CA VAL A 271 11.21 -33.37 -16.26
C VAL A 271 12.19 -34.51 -15.94
N GLU A 272 13.49 -34.22 -15.96
CA GLU A 272 14.52 -35.21 -15.55
C GLU A 272 14.27 -35.85 -14.20
N VAL A 273 13.74 -35.07 -13.28
CA VAL A 273 13.44 -35.53 -11.94
C VAL A 273 12.02 -36.09 -11.79
N LEU A 274 11.03 -35.39 -12.35
CA LEU A 274 9.61 -35.62 -12.02
C LEU A 274 8.78 -36.20 -13.15
N GLY A 275 9.43 -36.49 -14.27
CA GLY A 275 8.76 -37.12 -15.41
C GLY A 275 7.93 -36.16 -16.22
N ILE A 276 7.24 -36.71 -17.22
CA ILE A 276 6.35 -35.93 -18.09
C ILE A 276 5.14 -35.50 -17.25
N PRO A 277 4.76 -34.20 -17.32
CA PRO A 277 3.59 -33.79 -16.52
C PRO A 277 2.31 -34.41 -17.09
N PRO A 278 1.26 -34.57 -16.25
CA PRO A 278 0.01 -35.29 -16.68
C PRO A 278 -0.65 -34.72 -17.93
N ALA A 279 -1.33 -35.57 -18.67
CA ALA A 279 -1.98 -35.16 -19.90
C ALA A 279 -3.04 -34.06 -19.68
N HIS A 280 -3.83 -34.16 -18.61
CA HIS A 280 -4.95 -33.22 -18.38
C HIS A 280 -4.47 -31.77 -18.18
N ILE A 281 -3.29 -31.62 -17.60
CA ILE A 281 -2.63 -30.31 -17.50
C ILE A 281 -2.13 -29.84 -18.87
N LEU A 282 -1.32 -30.64 -19.56
CA LEU A 282 -0.75 -30.21 -20.84
C LEU A 282 -1.79 -29.94 -21.92
N ASP A 283 -2.94 -30.63 -21.84
CA ASP A 283 -4.08 -30.36 -22.77
C ASP A 283 -4.63 -28.94 -22.67
N GLN A 284 -4.45 -28.28 -21.53
CA GLN A 284 -4.91 -26.91 -21.30
C GLN A 284 -3.84 -25.83 -21.33
N ALA A 285 -2.55 -26.21 -21.37
CA ALA A 285 -1.45 -25.25 -21.39
C ALA A 285 -1.34 -24.52 -22.74
N PRO A 286 -1.46 -23.19 -22.73
CA PRO A 286 -1.15 -22.43 -23.95
C PRO A 286 0.25 -22.63 -24.49
N LYS A 287 1.25 -22.70 -23.60
CA LYS A 287 2.64 -22.85 -24.00
C LYS A 287 3.12 -24.31 -23.97
N ALA A 288 2.19 -25.27 -24.03
CA ALA A 288 2.51 -26.70 -24.04
C ALA A 288 3.53 -27.02 -25.11
N ARG A 289 3.30 -26.51 -26.32
CA ARG A 289 4.13 -26.84 -27.48
C ARG A 289 5.46 -26.13 -27.54
N LYS A 290 5.74 -25.24 -26.59
CA LYS A 290 7.09 -24.73 -26.41
C LYS A 290 8.07 -25.83 -25.94
N PHE A 291 7.57 -26.77 -25.13
CA PHE A 291 8.37 -27.86 -24.59
C PHE A 291 8.01 -29.29 -25.06
N PHE A 292 6.76 -29.50 -25.50
CA PHE A 292 6.24 -30.83 -25.74
C PHE A 292 5.50 -30.96 -27.08
N GLU A 293 5.21 -32.20 -27.46
CA GLU A 293 4.35 -32.49 -28.61
C GLU A 293 3.40 -33.63 -28.25
N LYS A 294 2.18 -33.55 -28.78
CA LYS A 294 1.14 -34.56 -28.55
C LYS A 294 1.18 -35.58 -29.68
N LEU A 295 1.44 -36.83 -29.33
CA LEU A 295 1.55 -37.92 -30.30
C LEU A 295 0.18 -38.26 -30.88
N PRO A 296 0.14 -38.94 -32.04
CA PRO A 296 -1.18 -39.30 -32.58
C PRO A 296 -2.14 -40.03 -31.60
N ASP A 297 -1.62 -40.81 -30.65
CA ASP A 297 -2.47 -41.53 -29.67
C ASP A 297 -2.98 -40.73 -28.46
N GLY A 298 -2.66 -39.42 -28.38
CA GLY A 298 -3.11 -38.57 -27.28
C GLY A 298 -2.10 -38.33 -26.15
N THR A 299 -1.04 -39.14 -26.09
CA THR A 299 0.00 -39.01 -25.07
C THR A 299 1.04 -37.97 -25.48
N TRP A 300 1.65 -37.35 -24.46
CA TRP A 300 2.61 -36.27 -24.65
C TRP A 300 4.07 -36.72 -24.45
N ASN A 301 4.97 -36.18 -25.27
CA ASN A 301 6.42 -36.37 -25.18
C ASN A 301 7.15 -35.05 -25.18
N LEU A 302 8.45 -35.08 -24.85
CA LEU A 302 9.34 -33.93 -25.08
C LEU A 302 9.58 -33.67 -26.56
N LYS A 303 9.88 -32.43 -26.90
CA LYS A 303 10.34 -32.05 -28.26
C LYS A 303 11.81 -32.47 -28.46
N LYS A 304 12.17 -33.03 -29.62
CA LYS A 304 13.60 -33.29 -29.97
C LYS A 304 14.24 -31.97 -30.46
N THR A 305 15.21 -31.42 -29.71
CA THR A 305 15.75 -30.04 -29.96
C THR A 305 17.27 -30.02 -30.26
N LYS A 309 23.24 -34.08 -30.82
CA LYS A 309 23.90 -33.74 -29.57
C LYS A 309 23.00 -34.16 -28.38
N ARG A 310 23.15 -35.42 -27.91
CA ARG A 310 22.36 -35.96 -26.78
C ARG A 310 22.78 -35.29 -25.45
N GLU A 311 21.80 -34.88 -24.65
CA GLU A 311 22.03 -33.95 -23.54
C GLU A 311 21.31 -34.38 -22.25
N TYR A 312 19.98 -34.54 -22.27
CA TYR A 312 19.24 -34.80 -21.02
C TYR A 312 19.09 -36.27 -20.67
N LYS A 313 18.91 -36.53 -19.38
CA LYS A 313 18.63 -37.85 -18.85
C LYS A 313 17.17 -38.16 -19.08
N PRO A 314 16.81 -39.44 -19.33
CA PRO A 314 15.40 -39.72 -19.68
C PRO A 314 14.38 -39.32 -18.60
N PRO A 315 13.15 -38.96 -19.02
CA PRO A 315 12.06 -38.52 -18.12
C PRO A 315 11.93 -39.30 -16.80
N GLY A 316 12.12 -38.60 -15.69
CA GLY A 316 11.95 -39.19 -14.36
C GLY A 316 13.04 -40.11 -13.84
N THR A 317 14.18 -40.17 -14.53
CA THR A 317 15.28 -41.08 -14.14
C THR A 317 16.28 -40.48 -13.14
N ARG A 318 16.33 -39.16 -13.04
CA ARG A 318 17.16 -38.45 -12.05
C ARG A 318 16.43 -38.33 -10.71
N LYS A 319 16.31 -39.46 -10.04
CA LYS A 319 15.43 -39.57 -8.87
C LYS A 319 15.88 -38.67 -7.74
N LEU A 320 14.92 -38.02 -7.13
CA LEU A 320 15.17 -37.22 -5.92
C LEU A 320 15.82 -38.06 -4.80
N HIS A 321 15.40 -39.32 -4.70
CA HIS A 321 16.01 -40.31 -3.81
C HIS A 321 17.53 -40.24 -3.82
N ASN A 322 18.12 -40.25 -5.02
CA ASN A 322 19.58 -40.20 -5.19
C ASN A 322 20.18 -38.80 -5.01
N ILE A 323 19.43 -37.76 -5.39
CA ILE A 323 19.91 -36.39 -5.25
C ILE A 323 20.17 -36.07 -3.78
N LEU A 324 19.24 -36.48 -2.92
CA LEU A 324 19.38 -36.30 -1.46
C LEU A 324 20.32 -37.32 -0.82
N GLY A 325 20.50 -38.47 -1.46
CA GLY A 325 21.36 -39.52 -0.97
C GLY A 325 20.76 -40.24 0.23
N VAL A 326 19.47 -40.57 0.12
CA VAL A 326 18.67 -41.13 1.24
C VAL A 326 19.35 -42.35 1.86
N GLU A 327 19.79 -43.27 1.01
CA GLU A 327 20.44 -44.52 1.45
C GLU A 327 21.98 -44.50 1.33
N THR A 328 22.56 -43.39 0.85
CA THR A 328 23.99 -43.30 0.51
C THR A 328 24.73 -42.20 1.30
N GLY A 329 24.25 -41.89 2.50
CA GLY A 329 24.94 -40.95 3.38
C GLY A 329 24.84 -39.48 2.99
N GLY A 330 23.72 -39.11 2.37
CA GLY A 330 23.44 -37.73 2.02
C GLY A 330 24.05 -37.29 0.70
N PRO A 331 23.86 -36.02 0.33
CA PRO A 331 24.41 -35.45 -0.89
C PRO A 331 25.92 -35.59 -1.00
N GLY A 332 26.40 -36.24 -2.05
CA GLY A 332 27.82 -36.55 -2.21
C GLY A 332 28.39 -37.53 -1.18
N GLY A 333 27.53 -38.22 -0.43
CA GLY A 333 27.95 -39.02 0.71
C GLY A 333 28.57 -38.25 1.88
N ARG A 334 28.38 -36.93 1.94
CA ARG A 334 29.09 -36.08 2.91
C ARG A 334 28.46 -36.05 4.31
N ARG A 335 27.31 -36.67 4.51
CA ARG A 335 26.68 -36.80 5.83
C ARG A 335 26.77 -38.22 6.45
N ALA A 336 27.54 -39.13 5.81
CA ALA A 336 27.78 -40.49 6.34
C ALA A 336 28.40 -40.40 7.75
N GLY A 337 27.75 -41.04 8.70
CA GLY A 337 28.19 -41.01 10.09
C GLY A 337 27.69 -39.87 10.96
N GLU A 338 27.03 -38.84 10.39
CA GLU A 338 26.43 -37.79 11.18
C GLU A 338 25.11 -38.19 11.80
N SER A 339 24.91 -37.77 13.04
CA SER A 339 23.61 -37.92 13.69
C SER A 339 22.58 -36.93 13.10
N GLY A 340 21.29 -37.24 13.25
CA GLY A 340 20.21 -36.46 12.62
C GLY A 340 20.22 -36.54 11.10
N HIS A 341 20.71 -37.65 10.55
CA HIS A 341 20.73 -37.90 9.12
C HIS A 341 20.47 -39.37 8.84
N THR A 342 19.51 -39.94 9.56
CA THR A 342 19.19 -41.36 9.41
C THR A 342 18.40 -41.55 8.10
N VAL A 343 18.31 -42.79 7.65
CA VAL A 343 17.51 -43.10 6.46
C VAL A 343 16.03 -42.69 6.70
N ALA A 344 15.50 -43.01 7.89
CA ALA A 344 14.14 -42.64 8.30
C ALA A 344 13.91 -41.15 8.17
N ASP A 345 14.88 -40.36 8.64
CA ASP A 345 14.79 -38.89 8.55
C ASP A 345 14.76 -38.44 7.08
N TYR A 346 15.68 -38.95 6.26
CA TYR A 346 15.73 -38.61 4.83
C TYR A 346 14.44 -38.96 4.06
N LEU A 347 13.80 -40.08 4.40
CA LEU A 347 12.55 -40.47 3.73
C LEU A 347 11.39 -39.51 3.98
N LYS A 348 11.33 -38.97 5.19
CA LYS A 348 10.31 -37.97 5.53
C LYS A 348 10.54 -36.66 4.77
N PHE A 349 11.79 -36.23 4.67
CA PHE A 349 12.14 -35.06 3.89
C PHE A 349 11.75 -35.27 2.43
N LYS A 350 12.17 -36.40 1.86
CA LYS A 350 11.85 -36.72 0.46
C LYS A 350 10.36 -36.62 0.20
N ASP A 351 9.58 -37.23 1.09
CA ASP A 351 8.13 -37.24 0.93
C ASP A 351 7.52 -35.85 0.93
N LEU A 352 7.88 -35.03 1.92
CA LEU A 352 7.41 -33.66 1.99
C LEU A 352 7.77 -32.87 0.72
N ILE A 353 9.01 -33.01 0.27
CA ILE A 353 9.45 -32.28 -0.92
C ILE A 353 8.62 -32.68 -2.15
N LEU A 354 8.37 -33.98 -2.34
CA LEU A 354 7.60 -34.44 -3.51
C LEU A 354 6.16 -33.94 -3.50
N ARG A 355 5.62 -33.73 -2.32
CA ARG A 355 4.32 -33.11 -2.17
C ARG A 355 4.35 -31.59 -2.54
N MET A 356 5.45 -30.91 -2.21
CA MET A 356 5.64 -29.50 -2.64
C MET A 356 5.90 -29.38 -4.14
N LEU A 357 6.45 -30.43 -4.75
CA LEU A 357 6.74 -30.44 -6.19
C LEU A 357 5.73 -31.24 -7.04
N ASP A 358 4.52 -31.42 -6.50
CA ASP A 358 3.36 -31.90 -7.27
C ASP A 358 3.18 -30.98 -8.49
N TYR A 359 3.04 -31.57 -9.67
CA TYR A 359 2.78 -30.81 -10.89
C TYR A 359 1.42 -30.06 -10.85
N ASP A 360 0.43 -30.65 -10.18
CA ASP A 360 -0.92 -30.11 -10.13
C ASP A 360 -1.05 -29.14 -8.96
N PRO A 361 -1.32 -27.84 -9.25
CA PRO A 361 -1.43 -26.86 -8.17
C PRO A 361 -2.66 -27.03 -7.29
N LYS A 362 -3.65 -27.78 -7.74
CA LYS A 362 -4.82 -28.07 -6.91
C LYS A 362 -4.59 -29.16 -5.85
N THR A 363 -3.65 -30.07 -6.08
CA THR A 363 -3.31 -31.13 -5.11
C THR A 363 -1.91 -30.96 -4.46
N ARG A 364 -1.12 -30.01 -4.96
CA ARG A 364 0.12 -29.63 -4.29
C ARG A 364 -0.19 -29.28 -2.82
N ILE A 365 0.68 -29.71 -1.92
CA ILE A 365 0.42 -29.56 -0.49
C ILE A 365 0.31 -28.08 -0.13
N GLN A 366 -0.56 -27.79 0.83
CA GLN A 366 -0.77 -26.42 1.31
C GLN A 366 -0.13 -26.21 2.69
N PRO A 367 0.10 -24.95 3.07
CA PRO A 367 0.83 -24.65 4.31
C PRO A 367 0.30 -25.32 5.58
N TYR A 368 -1.02 -25.31 5.77
CA TYR A 368 -1.60 -25.91 6.99
C TYR A 368 -1.26 -27.40 7.12
N TYR A 369 -1.33 -28.15 6.02
CA TYR A 369 -1.03 -29.58 6.01
C TYR A 369 0.46 -29.88 5.99
N ALA A 370 1.25 -29.01 5.36
CA ALA A 370 2.71 -29.15 5.37
C ALA A 370 3.22 -29.11 6.81
N LEU A 371 2.67 -28.21 7.62
CA LEU A 371 3.06 -28.10 9.03
C LEU A 371 2.73 -29.33 9.89
N GLN A 372 1.74 -30.13 9.44
CA GLN A 372 1.41 -31.41 10.07
C GLN A 372 2.19 -32.66 9.60
N HIS A 373 3.02 -32.53 8.56
CA HIS A 373 3.85 -33.64 8.06
C HIS A 373 4.81 -34.25 9.12
N SER A 374 5.13 -35.55 9.00
CA SER A 374 5.93 -36.27 10.01
C SER A 374 7.40 -35.80 10.14
N PHE A 375 7.84 -35.05 9.14
CA PHE A 375 9.15 -34.41 9.12
C PHE A 375 9.29 -33.35 10.22
N PHE A 376 8.17 -32.80 10.70
CA PHE A 376 8.16 -31.88 11.83
C PHE A 376 7.81 -32.49 13.21
N LYS A 377 7.38 -33.74 13.31
CA LYS A 377 7.11 -34.36 14.63
C LYS A 377 8.42 -34.58 15.44
N LYS A 378 8.44 -34.11 16.69
CA LYS A 378 9.68 -34.19 17.56
C LYS A 378 9.91 -35.59 18.19
N LYS B 31 28.46 51.48 37.55
CA LYS B 31 28.04 50.57 38.66
C LYS B 31 28.44 49.12 38.35
N VAL B 32 29.42 48.58 39.09
CA VAL B 32 29.83 47.15 39.01
C VAL B 32 29.27 46.32 40.18
N TYR B 33 29.15 45.02 39.99
CA TYR B 33 28.63 44.11 41.01
C TYR B 33 29.69 43.06 41.26
N ASN B 34 30.01 42.83 42.54
CA ASN B 34 30.97 41.81 42.96
C ASN B 34 32.33 42.03 42.27
N ASP B 35 32.79 43.28 42.31
CA ASP B 35 33.95 43.73 41.52
C ASP B 35 33.68 43.50 40.01
N GLY B 36 34.56 42.83 39.25
CA GLY B 36 34.22 42.45 37.85
C GLY B 36 32.80 41.88 37.65
N TYR B 37 32.34 40.95 38.48
CA TYR B 37 32.34 39.51 38.19
C TYR B 37 30.86 39.09 37.95
N ASP B 38 29.91 39.79 38.58
CA ASP B 38 28.46 39.54 38.44
C ASP B 38 27.76 40.58 37.56
N ASP B 39 26.65 40.13 36.94
CA ASP B 39 25.73 41.02 36.21
C ASP B 39 24.78 41.68 37.22
N ASP B 40 23.87 42.53 36.72
CA ASP B 40 22.90 43.24 37.58
C ASP B 40 21.82 42.35 38.21
N ASN B 41 22.02 41.03 38.07
CA ASN B 41 21.04 40.01 38.41
C ASN B 41 21.64 38.87 39.25
N TYR B 42 22.79 39.13 39.87
CA TYR B 42 23.51 38.17 40.71
C TYR B 42 24.11 36.91 40.05
N ASP B 43 24.05 36.80 38.73
CA ASP B 43 24.68 35.66 38.02
C ASP B 43 26.18 35.94 37.81
N TYR B 44 27.04 34.91 37.91
CA TYR B 44 28.43 35.06 37.49
C TYR B 44 28.47 35.25 35.96
N ILE B 45 29.20 36.26 35.49
CA ILE B 45 29.33 36.51 34.05
C ILE B 45 30.30 35.49 33.45
N VAL B 46 29.73 34.50 32.76
CA VAL B 46 30.48 33.38 32.24
C VAL B 46 31.31 33.82 31.03
N LYS B 47 32.58 33.42 31.04
CA LYS B 47 33.55 33.71 29.98
C LYS B 47 34.13 32.37 29.53
N ASN B 48 33.95 32.04 28.24
CA ASN B 48 34.51 30.81 27.67
C ASN B 48 36.05 30.83 27.70
N GLY B 49 36.67 29.72 28.12
CA GLY B 49 38.12 29.62 28.19
C GLY B 49 38.73 29.94 29.55
N GLU B 50 37.94 30.48 30.48
CA GLU B 50 38.47 30.88 31.78
C GLU B 50 38.83 29.62 32.61
N LYS B 51 39.94 29.70 33.36
CA LYS B 51 40.41 28.58 34.18
C LYS B 51 40.15 28.96 35.64
N TRP B 52 39.47 28.11 36.39
CA TRP B 52 39.21 28.40 37.81
C TRP B 52 40.10 27.59 38.72
N MET B 53 40.61 28.24 39.77
CA MET B 53 41.42 27.61 40.82
C MET B 53 42.52 26.74 40.23
N ASP B 54 43.03 27.18 39.08
CA ASP B 54 44.04 26.45 38.37
C ASP B 54 43.67 24.96 38.18
N ARG B 55 42.44 24.71 37.75
CA ARG B 55 41.87 23.35 37.69
C ARG B 55 40.75 23.15 36.62
N TYR B 56 39.72 23.98 36.69
CA TYR B 56 38.51 23.80 35.90
C TYR B 56 38.54 24.74 34.70
N GLU B 57 38.64 24.19 33.50
CA GLU B 57 38.60 24.98 32.26
C GLU B 57 37.17 25.10 31.76
N ILE B 58 36.62 26.30 31.81
CA ILE B 58 35.23 26.55 31.42
C ILE B 58 35.13 26.51 29.88
N ASP B 59 34.22 25.70 29.36
CA ASP B 59 34.02 25.55 27.94
C ASP B 59 32.88 26.44 27.46
N SER B 60 31.70 26.25 28.04
CA SER B 60 30.48 26.92 27.56
C SER B 60 29.33 26.84 28.56
N LEU B 61 28.39 27.76 28.38
CA LEU B 61 27.15 27.82 29.14
C LEU B 61 26.16 26.81 28.56
N ILE B 62 25.64 25.88 29.37
CA ILE B 62 24.71 24.82 28.88
C ILE B 62 23.32 24.85 29.49
N GLY B 63 23.10 25.74 30.44
CA GLY B 63 21.87 25.72 31.23
C GLY B 63 21.65 27.01 31.97
N LYS B 64 20.38 27.39 32.09
CA LYS B 64 20.00 28.58 32.81
C LYS B 64 18.79 28.26 33.69
N GLY B 65 18.63 29.03 34.74
CA GLY B 65 17.49 28.92 35.62
C GLY B 65 17.60 29.97 36.70
N SER B 66 16.85 29.80 37.78
CA SER B 66 16.52 30.92 38.62
C SER B 66 17.35 31.34 39.83
N PHE B 67 17.94 30.53 40.74
CA PHE B 67 18.94 29.44 40.73
C PHE B 67 20.32 29.93 40.22
N GLY B 68 20.45 30.20 38.92
CA GLY B 68 21.70 30.66 38.34
C GLY B 68 21.95 29.95 37.03
N GLN B 69 23.16 29.40 36.87
CA GLN B 69 23.59 28.83 35.58
C GLN B 69 24.26 27.48 35.72
N VAL B 70 24.34 26.76 34.61
CA VAL B 70 25.12 25.53 34.52
C VAL B 70 26.12 25.61 33.37
N VAL B 71 27.35 25.17 33.61
CA VAL B 71 28.39 25.19 32.57
C VAL B 71 29.03 23.83 32.35
N LYS B 72 29.45 23.60 31.13
CA LYS B 72 30.29 22.46 30.78
C LYS B 72 31.72 22.89 31.04
N ALA B 73 32.46 22.07 31.79
CA ALA B 73 33.86 22.37 32.12
C ALA B 73 34.74 21.12 32.21
N TYR B 74 36.03 21.30 31.88
CA TYR B 74 37.01 20.23 31.99
C TYR B 74 37.81 20.34 33.28
N ASP B 75 37.83 19.24 34.05
CA ASP B 75 38.61 19.08 35.25
C ASP B 75 39.98 18.51 34.87
N ARG B 76 41.00 19.37 34.91
CA ARG B 76 42.40 18.99 34.56
C ARG B 76 43.00 17.93 35.47
N VAL B 77 42.62 18.00 36.74
CA VAL B 77 43.11 17.09 37.77
C VAL B 77 42.61 15.66 37.54
N GLU B 78 41.29 15.51 37.49
CA GLU B 78 40.65 14.19 37.32
C GLU B 78 40.57 13.72 35.86
N GLN B 79 40.78 14.65 34.92
CA GLN B 79 40.82 14.37 33.49
C GLN B 79 39.48 13.92 32.94
N GLU B 80 38.44 14.66 33.30
CA GLU B 80 37.08 14.36 32.85
C GLU B 80 36.27 15.65 32.70
N TRP B 81 35.22 15.58 31.88
CA TRP B 81 34.24 16.66 31.77
C TRP B 81 33.29 16.63 32.95
N VAL B 82 32.93 17.82 33.44
CA VAL B 82 31.93 17.96 34.49
C VAL B 82 30.92 19.05 34.15
N ALA B 83 29.77 18.96 34.79
CA ALA B 83 28.76 20.02 34.74
C ALA B 83 28.81 20.78 36.06
N ILE B 84 28.99 22.10 36.02
CA ILE B 84 29.08 22.90 37.24
C ILE B 84 27.85 23.78 37.36
N LYS B 85 27.15 23.65 38.48
CA LYS B 85 26.01 24.49 38.77
C LYS B 85 26.47 25.70 39.58
N ILE B 86 26.49 26.88 38.92
CA ILE B 86 26.94 28.13 39.57
C ILE B 86 25.72 28.86 40.11
N ILE B 87 25.58 28.87 41.43
CA ILE B 87 24.43 29.48 42.09
C ILE B 87 24.62 30.99 42.17
N LYS B 88 23.53 31.72 41.95
CA LYS B 88 23.52 33.18 42.10
C LYS B 88 24.10 33.63 43.43
N ASN B 89 24.75 34.78 43.42
CA ASN B 89 25.36 35.40 44.60
C ASN B 89 24.29 36.20 45.34
N LYS B 90 23.41 35.49 46.01
CA LYS B 90 22.24 36.08 46.64
C LYS B 90 21.73 35.13 47.72
N LYS B 91 21.61 35.61 48.96
CA LYS B 91 21.31 34.71 50.09
C LYS B 91 20.23 33.64 49.82
N ALA B 92 19.12 34.07 49.24
CA ALA B 92 17.97 33.21 49.03
C ALA B 92 18.28 31.97 48.22
N PHE B 93 19.03 32.14 47.15
CA PHE B 93 19.38 31.02 46.27
C PHE B 93 20.53 30.18 46.82
N LEU B 94 21.45 30.80 47.56
CA LEU B 94 22.51 30.11 48.29
C LEU B 94 21.94 29.13 49.29
N ASN B 95 21.00 29.60 50.12
CA ASN B 95 20.34 28.73 51.11
C ASN B 95 19.55 27.61 50.46
N GLN B 96 18.98 27.87 49.29
CA GLN B 96 18.26 26.86 48.55
C GLN B 96 19.20 25.77 48.08
N ALA B 97 20.34 26.17 47.55
CA ALA B 97 21.32 25.22 47.03
C ALA B 97 21.97 24.37 48.12
N GLN B 98 22.09 24.93 49.32
CA GLN B 98 22.56 24.18 50.48
C GLN B 98 21.59 23.05 50.90
N ILE B 99 20.30 23.25 50.72
CA ILE B 99 19.33 22.17 50.83
C ILE B 99 19.68 21.08 49.81
N GLU B 100 19.84 21.47 48.56
CA GLU B 100 20.22 20.50 47.52
C GLU B 100 21.51 19.75 47.87
N VAL B 101 22.53 20.46 48.33
CA VAL B 101 23.78 19.84 48.73
C VAL B 101 23.58 18.84 49.87
N ARG B 102 22.80 19.25 50.86
CA ARG B 102 22.56 18.40 52.00
C ARG B 102 21.84 17.09 51.59
N LEU B 103 20.85 17.17 50.70
CA LEU B 103 20.10 15.97 50.29
C LEU B 103 20.95 15.02 49.45
N LEU B 104 21.78 15.55 48.55
CA LEU B 104 22.68 14.76 47.73
C LEU B 104 23.75 14.05 48.53
N GLU B 105 24.32 14.75 49.51
CA GLU B 105 25.33 14.15 50.40
C GLU B 105 24.74 13.05 51.27
N LEU B 106 23.47 13.23 51.62
CA LEU B 106 22.71 12.25 52.42
C LEU B 106 22.50 10.98 51.60
N MET B 107 22.10 11.14 50.33
CA MET B 107 21.99 10.01 49.39
C MET B 107 23.34 9.31 49.21
N ASN B 108 24.41 10.09 49.12
CA ASN B 108 25.76 9.56 48.90
C ASN B 108 26.31 8.59 49.93
N LYS B 109 25.89 8.74 51.18
CA LYS B 109 26.43 7.85 52.21
C LYS B 109 25.77 6.45 52.24
N HIS B 110 24.80 6.20 51.35
CA HIS B 110 24.15 4.89 51.26
C HIS B 110 24.84 3.96 50.28
N ASP B 111 24.98 2.71 50.70
CA ASP B 111 25.86 1.77 50.03
C ASP B 111 25.28 1.20 48.72
N THR B 112 23.95 1.20 48.56
CA THR B 112 23.27 0.45 47.48
C THR B 112 23.56 0.92 46.03
N GLU B 113 23.35 0.00 45.08
CA GLU B 113 23.50 0.23 43.64
C GLU B 113 22.33 1.04 43.04
N MET B 114 21.22 1.16 43.78
CA MET B 114 20.06 1.93 43.32
C MET B 114 20.31 3.45 43.27
N LYS B 115 21.30 3.95 43.99
CA LYS B 115 21.59 5.39 43.95
C LYS B 115 22.14 5.92 42.62
N TYR B 116 22.54 5.01 41.74
CA TYR B 116 23.05 5.39 40.43
C TYR B 116 22.02 6.01 39.50
N TYR B 117 20.73 5.86 39.82
CA TYR B 117 19.67 6.52 39.07
C TYR B 117 19.44 7.98 39.50
N ILE B 118 20.25 8.47 40.44
CA ILE B 118 20.32 9.87 40.82
C ILE B 118 21.64 10.47 40.36
N VAL B 119 21.58 11.68 39.81
CA VAL B 119 22.80 12.37 39.37
C VAL B 119 23.76 12.57 40.56
N HIS B 120 25.04 12.31 40.32
CA HIS B 120 26.03 12.26 41.38
C HIS B 120 26.74 13.60 41.56
N LEU B 121 26.60 14.16 42.75
CA LEU B 121 27.38 15.32 43.16
C LEU B 121 28.78 14.86 43.57
N LYS B 122 29.81 15.42 42.92
CA LYS B 122 31.20 15.02 43.17
C LYS B 122 31.83 15.80 44.32
N ARG B 123 31.67 17.12 44.28
CA ARG B 123 32.10 18.03 45.38
C ARG B 123 31.47 19.44 45.19
N HIS B 124 31.70 20.31 46.17
CA HIS B 124 31.29 21.71 46.04
C HIS B 124 32.34 22.63 46.65
N PHE B 125 32.28 23.90 46.25
CA PHE B 125 33.19 24.91 46.72
C PHE B 125 32.64 26.31 46.44
N MET B 126 33.10 27.29 47.21
CA MET B 126 32.82 28.69 46.94
C MET B 126 33.86 29.23 45.98
N PHE B 127 33.41 29.98 44.96
CA PHE B 127 34.29 30.64 44.00
C PHE B 127 33.78 32.02 43.71
N ARG B 128 34.55 33.03 44.10
CA ARG B 128 34.18 34.44 43.90
C ARG B 128 32.76 34.75 44.36
N ASN B 129 32.46 34.30 45.58
CA ASN B 129 31.15 34.50 46.23
C ASN B 129 29.93 33.78 45.60
N HIS B 130 30.19 32.75 44.80
CA HIS B 130 29.17 31.85 44.27
C HIS B 130 29.42 30.42 44.76
N LEU B 131 28.40 29.80 45.33
CA LEU B 131 28.42 28.37 45.57
C LEU B 131 28.39 27.60 44.22
N CYS B 132 29.32 26.67 44.05
CA CYS B 132 29.45 25.89 42.85
C CYS B 132 29.30 24.38 43.15
N LEU B 133 28.30 23.73 42.57
CA LEU B 133 28.13 22.27 42.69
C LEU B 133 28.66 21.56 41.42
N VAL B 134 29.58 20.61 41.62
CA VAL B 134 30.20 19.85 40.54
C VAL B 134 29.53 18.49 40.39
N PHE B 135 28.86 18.31 39.25
CA PHE B 135 28.18 17.04 38.91
C PHE B 135 28.87 16.35 37.77
N GLU B 136 28.72 15.03 37.72
CA GLU B 136 29.08 14.26 36.53
C GLU B 136 28.35 14.88 35.32
N MET B 137 28.98 14.83 34.16
CA MET B 137 28.41 15.38 32.94
C MET B 137 27.44 14.36 32.31
N LEU B 138 26.22 14.78 31.98
CA LEU B 138 25.22 13.90 31.37
C LEU B 138 24.86 14.35 29.92
N SER B 139 23.94 13.62 29.27
CA SER B 139 23.50 13.95 27.91
C SER B 139 22.17 14.72 27.90
N TYR B 140 21.32 14.56 26.88
CA TYR B 140 20.07 15.31 26.81
C TYR B 140 18.98 14.67 27.63
N ASN B 141 17.97 15.49 27.93
CA ASN B 141 16.82 15.09 28.70
C ASN B 141 15.71 14.47 27.84
N LEU B 142 14.72 13.90 28.52
CA LEU B 142 13.66 13.19 27.85
C LEU B 142 12.69 14.11 27.13
N TYR B 143 12.70 15.40 27.42
CA TYR B 143 11.94 16.32 26.60
C TYR B 143 12.59 16.50 25.22
N ASP B 144 13.89 16.77 25.19
CA ASP B 144 14.66 16.83 23.94
C ASP B 144 14.46 15.59 23.09
N LEU B 145 14.35 14.44 23.75
CA LEU B 145 14.16 13.15 23.04
C LEU B 145 12.83 13.11 22.31
N LEU B 146 11.76 13.54 22.99
CA LEU B 146 10.46 13.69 22.37
C LEU B 146 10.45 14.70 21.23
N ARG B 147 11.16 15.82 21.39
CA ARG B 147 11.26 16.78 20.29
C ARG B 147 11.78 16.11 19.01
N ASN B 148 12.78 15.23 19.12
CA ASN B 148 13.39 14.57 17.95
C ASN B 148 12.48 13.55 17.28
N THR B 149 11.44 13.12 18.00
CA THR B 149 10.36 12.27 17.45
C THR B 149 9.21 13.07 16.87
N ASN B 150 9.33 14.41 16.83
CA ASN B 150 8.21 15.31 16.57
C ASN B 150 7.02 15.00 17.41
N PHE B 151 7.30 14.72 18.66
CA PHE B 151 6.26 14.45 19.63
C PHE B 151 5.34 13.30 19.21
N ARG B 152 5.94 12.24 18.68
CA ARG B 152 5.23 11.01 18.32
C ARG B 152 5.60 9.84 19.21
N GLY B 153 6.57 10.03 20.08
CA GLY B 153 6.84 9.06 21.13
C GLY B 153 7.85 8.01 20.74
N VAL B 154 8.40 7.37 21.76
CA VAL B 154 9.39 6.27 21.60
C VAL B 154 8.70 4.94 21.82
N SER B 155 9.37 3.86 21.43
CA SER B 155 8.79 2.51 21.55
C SER B 155 8.41 2.15 23.00
N LEU B 156 7.59 1.12 23.13
CA LEU B 156 7.12 0.61 24.41
C LEU B 156 8.25 -0.14 25.12
N ASN B 157 9.15 -0.74 24.36
CA ASN B 157 10.36 -1.36 24.88
C ASN B 157 11.30 -0.37 25.56
N LEU B 158 11.46 0.81 24.95
CA LEU B 158 12.24 1.89 25.54
C LEU B 158 11.50 2.53 26.70
N THR B 159 10.20 2.77 26.54
CA THR B 159 9.37 3.29 27.64
C THR B 159 9.56 2.39 28.89
N ARG B 160 9.54 1.06 28.68
CA ARG B 160 9.71 0.08 29.77
C ARG B 160 11.04 0.23 30.50
N LYS B 161 12.11 0.39 29.73
CA LYS B 161 13.44 0.58 30.31
C LYS B 161 13.47 1.82 31.22
N PHE B 162 12.92 2.93 30.74
CA PHE B 162 12.81 4.13 31.52
C PHE B 162 11.93 3.92 32.74
N ALA B 163 10.81 3.25 32.55
CA ALA B 163 9.87 3.01 33.64
C ALA B 163 10.53 2.23 34.76
N GLN B 164 11.29 1.20 34.40
CA GLN B 164 11.93 0.34 35.40
C GLN B 164 12.99 1.09 36.21
N GLN B 165 13.78 1.91 35.54
CA GLN B 165 14.85 2.66 36.20
C GLN B 165 14.27 3.71 37.15
N MET B 166 13.21 4.36 36.70
CA MET B 166 12.52 5.35 37.53
C MET B 166 11.84 4.76 38.76
N CYS B 167 11.23 3.59 38.61
CA CYS B 167 10.65 2.87 39.74
C CYS B 167 11.73 2.54 40.77
N THR B 168 12.90 2.13 40.28
CA THR B 168 14.05 1.86 41.15
C THR B 168 14.56 3.13 41.85
N ALA B 169 14.61 4.24 41.12
CA ALA B 169 15.03 5.52 41.73
C ALA B 169 14.07 5.95 42.85
N LEU B 170 12.77 5.84 42.60
CA LEU B 170 11.74 6.14 43.60
C LEU B 170 11.82 5.22 44.82
N LEU B 171 12.15 3.95 44.59
CA LEU B 171 12.39 3.01 45.71
C LEU B 171 13.57 3.47 46.61
N PHE B 172 14.63 3.96 45.97
CA PHE B 172 15.80 4.44 46.68
C PHE B 172 15.45 5.66 47.51
N LEU B 173 14.77 6.62 46.89
CA LEU B 173 14.27 7.83 47.61
C LEU B 173 13.36 7.48 48.76
N ALA B 174 12.64 6.37 48.62
CA ALA B 174 11.75 5.91 49.67
C ALA B 174 12.44 5.19 50.81
N THR B 175 13.74 4.86 50.71
CA THR B 175 14.41 4.20 51.84
C THR B 175 14.20 5.07 53.08
N PRO B 176 13.77 4.46 54.21
CA PRO B 176 13.24 5.17 55.38
C PRO B 176 14.07 6.36 55.86
N GLU B 177 15.39 6.15 55.93
CA GLU B 177 16.32 7.17 56.39
C GLU B 177 16.43 8.41 55.44
N LEU B 178 16.02 8.27 54.19
CA LEU B 178 15.94 9.39 53.25
C LEU B 178 14.53 9.97 53.19
N SER B 179 13.56 9.18 52.73
CA SER B 179 12.16 9.60 52.61
C SER B 179 12.04 10.91 51.83
N ILE B 180 12.71 10.95 50.68
CA ILE B 180 12.82 12.18 49.89
C ILE B 180 11.73 12.26 48.81
N ILE B 181 11.07 13.42 48.74
CA ILE B 181 10.11 13.70 47.70
C ILE B 181 10.72 14.72 46.75
N HIS B 182 10.83 14.35 45.48
CA HIS B 182 11.48 15.20 44.48
C HIS B 182 10.65 16.45 44.21
N CYS B 183 9.33 16.28 44.14
CA CYS B 183 8.37 17.40 44.00
C CYS B 183 8.37 18.09 42.64
N ASP B 184 9.04 17.54 41.64
CA ASP B 184 9.12 18.20 40.31
C ASP B 184 9.61 17.28 39.18
N LEU B 185 9.15 16.05 39.18
CA LEU B 185 9.45 15.15 38.10
C LEU B 185 8.71 15.53 36.84
N LYS B 186 9.45 15.57 35.75
CA LYS B 186 8.94 15.84 34.44
C LYS B 186 10.05 15.45 33.45
N PRO B 187 9.69 15.27 32.17
CA PRO B 187 10.69 14.84 31.22
C PRO B 187 11.99 15.69 31.21
N GLU B 188 11.85 17.02 31.26
CA GLU B 188 12.98 17.97 31.44
C GLU B 188 14.01 17.56 32.49
N ASN B 189 13.56 16.99 33.61
CA ASN B 189 14.43 16.64 34.76
C ASN B 189 14.89 15.19 34.82
N ILE B 190 14.74 14.46 33.72
CA ILE B 190 15.27 13.11 33.59
C ILE B 190 16.19 13.10 32.36
N LEU B 191 17.48 12.80 32.57
CA LEU B 191 18.49 12.91 31.51
C LEU B 191 19.09 11.57 31.17
N LEU B 192 19.40 11.39 29.89
CA LEU B 192 20.18 10.26 29.44
C LEU B 192 21.62 10.45 29.93
N CYS B 193 22.28 9.34 30.28
CA CYS B 193 23.71 9.36 30.58
C CYS B 193 24.53 9.50 29.31
N ASN B 194 24.12 8.77 28.28
CA ASN B 194 24.80 8.71 26.99
C ASN B 194 23.71 8.77 25.92
N PRO B 195 23.93 9.54 24.82
CA PRO B 195 22.85 9.74 23.81
C PRO B 195 22.36 8.50 23.05
N LYS B 196 23.23 7.48 22.96
CA LYS B 196 22.94 6.25 22.22
C LYS B 196 22.60 5.08 23.16
N ARG B 197 22.33 5.35 24.45
CA ARG B 197 21.99 4.30 25.43
C ARG B 197 20.78 4.74 26.23
N SER B 198 20.16 3.77 26.90
CA SER B 198 18.92 4.00 27.66
C SER B 198 19.08 4.32 29.15
N ALA B 199 20.31 4.34 29.65
CA ALA B 199 20.56 4.69 31.06
C ALA B 199 20.12 6.12 31.34
N ILE B 200 19.32 6.31 32.40
CA ILE B 200 18.86 7.64 32.78
C ILE B 200 19.09 7.97 34.25
N LYS B 201 19.06 9.27 34.55
CA LYS B 201 19.16 9.79 35.93
C LYS B 201 18.22 10.98 36.17
N ILE B 202 17.83 11.16 37.43
CA ILE B 202 17.02 12.31 37.86
C ILE B 202 17.96 13.42 38.29
N VAL B 203 17.62 14.66 37.94
CA VAL B 203 18.40 15.83 38.33
C VAL B 203 17.55 16.86 39.04
N ASP B 204 18.23 17.80 39.70
CA ASP B 204 17.66 18.97 40.35
C ASP B 204 16.82 18.63 41.58
N PHE B 205 17.49 18.57 42.72
CA PHE B 205 16.85 18.42 44.00
C PHE B 205 16.72 19.75 44.77
N GLY B 206 16.79 20.87 44.06
CA GLY B 206 16.52 22.17 44.66
C GLY B 206 15.09 22.42 45.15
N SER B 207 14.12 21.82 44.49
CA SER B 207 12.71 21.91 44.91
C SER B 207 12.25 20.84 45.89
N SER B 208 13.17 19.96 46.30
CA SER B 208 12.79 18.76 47.00
C SER B 208 12.59 19.00 48.49
N CYS B 209 12.04 17.99 49.16
CA CYS B 209 11.93 17.98 50.60
C CYS B 209 11.85 16.55 51.11
N GLN B 210 11.87 16.41 52.43
CA GLN B 210 11.71 15.11 53.08
C GLN B 210 10.31 15.02 53.67
N LEU B 211 9.85 13.78 53.85
CA LEU B 211 8.58 13.50 54.51
C LEU B 211 8.53 14.21 55.85
N GLY B 212 7.42 14.88 56.09
CA GLY B 212 7.20 15.52 57.38
C GLY B 212 6.15 16.58 57.43
N GLN B 213 6.26 17.50 58.39
CA GLN B 213 5.26 18.55 58.63
C GLN B 213 5.13 19.38 57.32
N ARG B 214 3.90 19.59 56.87
CA ARG B 214 3.61 20.23 55.57
C ARG B 214 4.00 21.69 55.58
N ILE B 215 5.02 22.07 54.80
CA ILE B 215 5.42 23.48 54.61
C ILE B 215 4.83 24.00 53.32
N TYR B 216 5.26 23.39 52.22
CA TYR B 216 4.93 23.85 50.89
C TYR B 216 3.54 23.36 50.51
N GLN B 217 2.80 24.17 49.75
CA GLN B 217 1.53 23.71 49.16
C GLN B 217 1.40 23.79 47.63
N PTR B 218 1.98 24.82 47.01
CA PTR B 218 1.98 24.98 45.56
C PTR B 218 3.21 24.34 45.01
O PTR B 218 4.22 25.00 44.81
CB PTR B 218 1.93 26.48 45.26
CG PTR B 218 1.71 26.86 43.80
CD1 PTR B 218 0.46 26.68 43.21
CD2 PTR B 218 2.75 27.44 43.05
CE1 PTR B 218 0.25 27.06 41.89
CE2 PTR B 218 2.53 27.83 41.72
CZ PTR B 218 1.28 27.63 41.13
OH PTR B 218 1.03 28.02 39.84
P PTR B 218 1.20 27.10 38.50
O1P PTR B 218 1.18 28.16 37.44
O2P PTR B 218 2.51 26.43 38.77
O3P PTR B 218 0.02 26.15 38.45
N ILE B 219 3.12 23.03 44.73
CA ILE B 219 4.27 22.22 44.26
C ILE B 219 3.95 21.37 43.05
N GLN B 220 5.01 20.84 42.41
CA GLN B 220 4.94 20.04 41.17
C GLN B 220 4.66 20.94 39.96
N SER B 221 5.29 20.66 38.82
CA SER B 221 4.88 21.24 37.53
C SER B 221 3.43 20.89 37.20
N ARG B 222 2.69 21.87 36.68
CA ARG B 222 1.23 21.76 36.57
C ARG B 222 0.76 20.45 35.92
N PHE B 223 1.33 20.09 34.77
CA PHE B 223 0.89 18.90 34.03
C PHE B 223 1.06 17.61 34.82
N TYR B 224 2.01 17.62 35.75
CA TYR B 224 2.43 16.45 36.52
C TYR B 224 1.99 16.53 37.98
N ARG B 225 1.10 17.48 38.28
CA ARG B 225 0.70 17.79 39.64
C ARG B 225 -0.39 16.81 40.05
N SER B 226 -0.25 16.25 41.26
CA SER B 226 -1.16 15.23 41.77
C SER B 226 -2.48 15.79 42.32
N PRO B 227 -3.52 14.94 42.36
CA PRO B 227 -4.81 15.46 42.84
C PRO B 227 -4.82 15.88 44.31
N GLU B 228 -4.09 15.17 45.17
CA GLU B 228 -3.97 15.58 46.57
C GLU B 228 -3.38 17.00 46.69
N VAL B 229 -2.45 17.36 45.80
CA VAL B 229 -1.89 18.71 45.81
C VAL B 229 -2.88 19.74 45.28
N LEU B 230 -3.55 19.43 44.18
CA LEU B 230 -4.62 20.28 43.63
C LEU B 230 -5.77 20.55 44.62
N LEU B 231 -6.10 19.54 45.43
CA LEU B 231 -7.19 19.61 46.42
C LEU B 231 -6.80 20.25 47.77
N GLY B 232 -5.52 20.57 47.94
CA GLY B 232 -5.05 21.17 49.18
C GLY B 232 -4.97 20.21 50.34
N MET B 233 -4.75 18.93 50.06
CA MET B 233 -4.73 17.86 51.07
C MET B 233 -3.30 17.50 51.54
N PRO B 234 -3.20 16.66 52.60
CA PRO B 234 -1.86 16.14 52.97
C PRO B 234 -1.26 15.31 51.83
N TYR B 235 0.07 15.27 51.76
CA TYR B 235 0.74 14.53 50.71
C TYR B 235 2.00 13.85 51.25
N ASP B 236 2.51 12.91 50.46
CA ASP B 236 3.69 12.12 50.81
C ASP B 236 4.45 11.70 49.51
N LEU B 237 5.29 10.65 49.58
CA LEU B 237 6.14 10.22 48.44
C LEU B 237 5.32 9.75 47.25
N ALA B 238 4.03 9.45 47.48
CA ALA B 238 3.15 9.00 46.43
C ALA B 238 2.91 10.04 45.37
N ILE B 239 3.08 11.33 45.66
CA ILE B 239 2.94 12.34 44.58
C ILE B 239 3.95 12.17 43.43
N ASP B 240 5.15 11.64 43.72
CA ASP B 240 6.15 11.39 42.68
C ASP B 240 5.70 10.25 41.76
N MET B 241 4.99 9.27 42.31
CA MET B 241 4.48 8.17 41.50
C MET B 241 3.39 8.66 40.52
N TRP B 242 2.55 9.59 40.95
CA TRP B 242 1.58 10.16 40.08
C TRP B 242 2.30 10.80 38.88
N SER B 243 3.30 11.60 39.17
CA SER B 243 4.04 12.27 38.13
C SER B 243 4.59 11.24 37.15
N LEU B 244 5.17 10.18 37.69
CA LEU B 244 5.75 9.13 36.86
C LEU B 244 4.68 8.53 35.91
N GLY B 245 3.48 8.28 36.44
CA GLY B 245 2.37 7.82 35.62
C GLY B 245 2.15 8.70 34.39
N CYS B 246 2.10 10.01 34.62
CA CYS B 246 1.88 10.97 33.56
C CYS B 246 3.03 11.00 32.57
N ILE B 247 4.24 10.87 33.10
CA ILE B 247 5.45 10.90 32.29
C ILE B 247 5.54 9.69 31.33
N LEU B 248 5.31 8.48 31.83
CA LEU B 248 5.48 7.29 31.00
C LEU B 248 4.49 7.22 29.83
N VAL B 249 3.27 7.66 30.06
CA VAL B 249 2.29 7.75 28.99
C VAL B 249 2.80 8.75 27.96
N GLU B 250 3.28 9.89 28.42
CA GLU B 250 3.73 10.94 27.51
C GLU B 250 4.95 10.52 26.68
N MET B 251 5.81 9.68 27.24
CA MET B 251 6.96 9.17 26.51
C MET B 251 6.56 8.29 25.34
N HIS B 252 5.49 7.52 25.49
CA HIS B 252 5.03 6.66 24.40
C HIS B 252 4.13 7.34 23.35
N THR B 253 3.30 8.29 23.78
CA THR B 253 2.42 9.06 22.89
C THR B 253 3.10 10.26 22.27
N GLY B 254 4.10 10.79 22.97
CA GLY B 254 4.79 12.03 22.61
C GLY B 254 4.15 13.31 23.12
N GLU B 255 3.06 13.17 23.88
CA GLU B 255 2.16 14.27 24.17
C GLU B 255 1.86 14.22 25.66
N PRO B 256 1.75 15.40 26.31
CA PRO B 256 1.38 15.33 27.74
C PRO B 256 -0.03 14.78 27.94
N LEU B 257 -0.17 13.92 28.92
CA LEU B 257 -1.45 13.30 29.22
C LEU B 257 -2.46 14.31 29.69
N PHE B 258 -2.06 15.16 30.63
CA PHE B 258 -2.92 16.17 31.25
C PHE B 258 -2.32 17.56 31.09
N SER B 259 -2.62 18.24 29.98
CA SER B 259 -2.04 19.55 29.66
C SER B 259 -2.92 20.75 30.07
N GLY B 260 -3.02 21.01 31.36
CA GLY B 260 -3.88 22.09 31.88
C GLY B 260 -3.31 23.49 31.76
N ALA B 261 -4.11 24.43 31.30
CA ALA B 261 -3.72 25.85 31.21
C ALA B 261 -3.72 26.56 32.59
N ASN B 262 -4.53 26.05 33.50
CA ASN B 262 -4.62 26.52 34.87
C ASN B 262 -5.10 25.35 35.75
N GLU B 263 -5.27 25.57 37.04
CA GLU B 263 -5.60 24.47 37.94
C GLU B 263 -7.00 23.87 37.66
N VAL B 264 -7.98 24.70 37.35
CA VAL B 264 -9.33 24.19 37.04
C VAL B 264 -9.26 23.28 35.78
N ASP B 265 -8.63 23.79 34.73
CA ASP B 265 -8.47 23.05 33.49
C ASP B 265 -7.68 21.74 33.70
N GLN B 266 -6.67 21.81 34.55
CA GLN B 266 -5.86 20.64 34.89
C GLN B 266 -6.70 19.55 35.53
N MET B 267 -7.56 19.92 36.49
CA MET B 267 -8.43 18.94 37.16
C MET B 267 -9.48 18.40 36.20
N ASN B 268 -10.05 19.26 35.36
CA ASN B 268 -11.01 18.78 34.37
C ASN B 268 -10.43 17.76 33.38
N LYS B 269 -9.18 17.97 32.95
CA LYS B 269 -8.50 17.04 32.05
C LYS B 269 -8.19 15.70 32.71
N ILE B 270 -7.86 15.71 34.00
CA ILE B 270 -7.73 14.50 34.80
C ILE B 270 -9.05 13.75 34.88
N VAL B 271 -10.14 14.46 35.17
CA VAL B 271 -11.47 13.87 35.32
C VAL B 271 -11.99 13.27 34.01
N GLU B 272 -11.69 13.90 32.88
CA GLU B 272 -12.00 13.35 31.56
C GLU B 272 -11.57 11.88 31.40
N VAL B 273 -10.41 11.54 31.96
CA VAL B 273 -9.83 10.20 31.82
C VAL B 273 -10.27 9.27 32.96
N LEU B 274 -10.24 9.78 34.20
CA LEU B 274 -10.34 8.94 35.41
C LEU B 274 -11.62 9.11 36.22
N GLY B 275 -12.54 9.92 35.70
CA GLY B 275 -13.84 10.11 36.34
C GLY B 275 -13.78 11.01 37.56
N ILE B 276 -14.93 11.14 38.21
CA ILE B 276 -15.06 11.95 39.42
C ILE B 276 -14.26 11.23 40.52
N PRO B 277 -13.38 11.94 41.25
CA PRO B 277 -12.71 11.27 42.36
C PRO B 277 -13.70 10.84 43.47
N PRO B 278 -13.35 9.80 44.27
CA PRO B 278 -14.29 9.25 45.27
C PRO B 278 -14.83 10.28 46.28
N ALA B 279 -16.03 10.05 46.79
CA ALA B 279 -16.64 10.94 47.77
C ALA B 279 -15.82 11.12 49.06
N HIS B 280 -15.26 10.03 49.59
CA HIS B 280 -14.52 10.10 50.87
C HIS B 280 -13.29 11.03 50.81
N ILE B 281 -12.65 11.11 49.63
CA ILE B 281 -11.57 12.06 49.40
C ILE B 281 -12.10 13.50 49.33
N LEU B 282 -13.06 13.75 48.45
CA LEU B 282 -13.59 15.12 48.28
C LEU B 282 -14.25 15.71 49.53
N ASP B 283 -14.82 14.85 50.38
CA ASP B 283 -15.36 15.28 51.67
C ASP B 283 -14.33 15.95 52.57
N GLN B 284 -13.05 15.61 52.40
CA GLN B 284 -11.97 16.15 53.23
C GLN B 284 -11.12 17.21 52.56
N ALA B 285 -11.27 17.42 51.26
CA ALA B 285 -10.45 18.38 50.51
C ALA B 285 -10.81 19.82 50.83
N PRO B 286 -9.86 20.61 51.33
CA PRO B 286 -10.12 22.04 51.53
C PRO B 286 -10.50 22.76 50.24
N LYS B 287 -9.85 22.42 49.13
CA LYS B 287 -10.10 23.08 47.85
C LYS B 287 -11.07 22.28 46.95
N ALA B 288 -11.88 21.41 47.54
CA ALA B 288 -12.91 20.66 46.83
C ALA B 288 -13.79 21.55 45.97
N ARG B 289 -14.28 22.64 46.56
CA ARG B 289 -15.23 23.51 45.87
C ARG B 289 -14.62 24.45 44.85
N LYS B 290 -13.29 24.44 44.69
CA LYS B 290 -12.66 25.08 43.54
C LYS B 290 -13.05 24.38 42.24
N PHE B 291 -13.21 23.05 42.28
CA PHE B 291 -13.54 22.25 41.08
C PHE B 291 -14.92 21.58 41.06
N PHE B 292 -15.52 21.34 42.24
CA PHE B 292 -16.70 20.49 42.37
C PHE B 292 -17.79 21.13 43.23
N GLU B 293 -18.97 20.52 43.20
CA GLU B 293 -20.07 20.85 44.14
C GLU B 293 -20.76 19.58 44.62
N LYS B 294 -21.21 19.60 45.88
CA LYS B 294 -21.85 18.46 46.51
C LYS B 294 -23.35 18.62 46.36
N LEU B 295 -23.98 17.67 45.67
CA LEU B 295 -25.42 17.70 45.40
C LEU B 295 -26.21 17.41 46.68
N PRO B 296 -27.52 17.75 46.70
CA PRO B 296 -28.28 17.51 47.94
C PRO B 296 -28.24 16.06 48.46
N ASP B 297 -28.07 15.07 47.57
CA ASP B 297 -28.00 13.66 47.99
C ASP B 297 -26.63 13.15 48.52
N GLY B 298 -25.62 14.01 48.59
CA GLY B 298 -24.28 13.63 49.07
C GLY B 298 -23.23 13.33 48.00
N THR B 299 -23.67 13.14 46.75
CA THR B 299 -22.76 12.83 45.64
C THR B 299 -22.19 14.11 45.03
N TRP B 300 -21.00 13.99 44.46
CA TRP B 300 -20.24 15.12 43.93
C TRP B 300 -20.29 15.17 42.41
N ASN B 301 -20.35 16.39 41.88
CA ASN B 301 -20.26 16.68 40.44
C ASN B 301 -19.24 17.75 40.16
N LEU B 302 -18.89 17.92 38.88
CA LEU B 302 -18.12 19.10 38.44
C LEU B 302 -18.93 20.40 38.53
N LYS B 303 -18.23 21.53 38.68
CA LYS B 303 -18.86 22.87 38.60
C LYS B 303 -19.14 23.24 37.13
N LYS B 304 -20.32 23.81 36.82
CA LYS B 304 -20.59 24.39 35.48
C LYS B 304 -19.92 25.78 35.37
N THR B 305 -18.91 25.93 34.50
CA THR B 305 -18.04 27.16 34.45
C THR B 305 -18.08 27.89 33.11
N GLU B 311 -17.43 22.42 26.53
CA GLU B 311 -15.99 22.35 26.37
C GLU B 311 -15.42 20.92 26.66
N TYR B 312 -15.62 20.36 27.87
CA TYR B 312 -15.00 19.06 28.23
C TYR B 312 -15.83 17.83 27.89
N LYS B 313 -15.13 16.71 27.74
CA LYS B 313 -15.75 15.42 27.49
C LYS B 313 -16.30 14.90 28.82
N PRO B 314 -17.43 14.17 28.81
CA PRO B 314 -17.99 13.75 30.10
C PRO B 314 -17.03 12.90 30.97
N PRO B 315 -17.16 13.02 32.31
CA PRO B 315 -16.36 12.27 33.27
C PRO B 315 -16.03 10.82 32.91
N GLY B 316 -14.74 10.52 32.74
CA GLY B 316 -14.27 9.16 32.51
C GLY B 316 -14.44 8.59 31.11
N THR B 317 -14.87 9.42 30.15
CA THR B 317 -15.17 8.95 28.79
C THR B 317 -13.97 8.98 27.83
N ARG B 318 -12.95 9.76 28.16
CA ARG B 318 -11.67 9.76 27.44
C ARG B 318 -10.73 8.63 27.93
N LYS B 319 -11.07 7.40 27.57
CA LYS B 319 -10.45 6.22 28.16
C LYS B 319 -8.96 6.14 27.82
N LEU B 320 -8.16 5.79 28.82
CA LEU B 320 -6.74 5.51 28.62
C LEU B 320 -6.51 4.40 27.58
N HIS B 321 -7.39 3.39 27.59
CA HIS B 321 -7.47 2.35 26.56
C HIS B 321 -7.26 2.89 25.13
N ASN B 322 -8.01 3.93 24.77
CA ASN B 322 -7.94 4.55 23.44
C ASN B 322 -6.76 5.49 23.27
N ILE B 323 -6.34 6.18 24.35
CA ILE B 323 -5.19 7.08 24.29
C ILE B 323 -3.92 6.33 23.89
N LEU B 324 -3.72 5.17 24.51
CA LEU B 324 -2.58 4.27 24.17
C LEU B 324 -2.78 3.52 22.87
N GLY B 325 -4.05 3.30 22.47
CA GLY B 325 -4.37 2.53 21.28
C GLY B 325 -4.16 1.03 21.45
N VAL B 326 -4.61 0.49 22.58
CA VAL B 326 -4.35 -0.90 22.98
C VAL B 326 -4.73 -1.88 21.87
N GLU B 327 -5.94 -1.71 21.33
CA GLU B 327 -6.49 -2.59 20.30
C GLU B 327 -6.41 -2.00 18.88
N THR B 328 -5.85 -0.80 18.75
CA THR B 328 -5.82 -0.08 17.47
C THR B 328 -4.38 0.25 17.00
N GLY B 329 -3.40 -0.57 17.40
CA GLY B 329 -2.04 -0.45 16.89
C GLY B 329 -1.23 0.72 17.43
N GLY B 330 -1.53 1.08 18.68
CA GLY B 330 -0.76 2.10 19.37
C GLY B 330 -1.23 3.50 19.04
N PRO B 331 -0.55 4.53 19.59
CA PRO B 331 -0.97 5.92 19.48
C PRO B 331 -0.92 6.34 18.03
N GLY B 332 -2.05 6.81 17.49
CA GLY B 332 -2.19 7.11 16.06
C GLY B 332 -2.08 5.93 15.12
N GLY B 333 -2.19 4.71 15.66
CA GLY B 333 -1.97 3.49 14.88
C GLY B 333 -0.56 3.27 14.37
N ARG B 334 0.40 4.01 14.92
CA ARG B 334 1.75 4.08 14.36
C ARG B 334 2.63 2.89 14.74
N ARG B 335 2.16 2.03 15.64
CA ARG B 335 2.92 0.85 16.04
C ARG B 335 2.32 -0.49 15.54
N ALA B 336 1.32 -0.43 14.66
CA ALA B 336 0.72 -1.63 14.08
C ALA B 336 1.78 -2.54 13.47
N GLY B 337 1.83 -3.77 13.99
CA GLY B 337 2.81 -4.78 13.54
C GLY B 337 4.15 -4.86 14.25
N GLU B 338 4.55 -3.80 14.95
CA GLU B 338 5.90 -3.75 15.56
C GLU B 338 5.95 -4.78 16.64
N SER B 339 7.09 -5.44 16.79
CA SER B 339 7.25 -6.42 17.85
C SER B 339 7.31 -5.67 19.17
N GLY B 340 6.95 -6.37 20.23
CA GLY B 340 6.87 -5.78 21.57
C GLY B 340 5.71 -4.83 21.79
N HIS B 341 4.71 -4.88 20.91
CA HIS B 341 3.59 -3.95 20.93
C HIS B 341 2.30 -4.72 20.70
N THR B 342 2.24 -5.91 21.27
CA THR B 342 1.05 -6.77 21.14
C THR B 342 -0.06 -6.20 22.02
N VAL B 343 -1.26 -6.69 21.84
CA VAL B 343 -2.39 -6.28 22.70
C VAL B 343 -2.14 -6.68 24.16
N ALA B 344 -1.65 -7.90 24.37
CA ALA B 344 -1.19 -8.38 25.69
C ALA B 344 -0.19 -7.39 26.36
N ASP B 345 0.80 -6.93 25.60
CA ASP B 345 1.80 -5.99 26.12
C ASP B 345 1.15 -4.66 26.51
N TYR B 346 0.33 -4.12 25.62
CA TYR B 346 -0.39 -2.88 25.90
C TYR B 346 -1.29 -2.95 27.15
N LEU B 347 -1.98 -4.08 27.37
CA LEU B 347 -2.84 -4.26 28.55
C LEU B 347 -2.08 -4.23 29.89
N LYS B 348 -0.87 -4.76 29.90
CA LYS B 348 0.01 -4.68 31.07
C LYS B 348 0.43 -3.24 31.36
N PHE B 349 0.81 -2.52 30.30
CA PHE B 349 1.20 -1.11 30.44
C PHE B 349 0.02 -0.32 30.99
N LYS B 350 -1.15 -0.50 30.38
CA LYS B 350 -2.36 0.18 30.82
C LYS B 350 -2.63 -0.07 32.31
N ASP B 351 -2.57 -1.34 32.71
CA ASP B 351 -2.81 -1.71 34.09
C ASP B 351 -1.85 -1.02 35.05
N LEU B 352 -0.55 -1.08 34.77
CA LEU B 352 0.45 -0.42 35.60
C LEU B 352 0.20 1.08 35.72
N ILE B 353 -0.09 1.74 34.60
CA ILE B 353 -0.35 3.18 34.60
C ILE B 353 -1.55 3.50 35.48
N LEU B 354 -2.64 2.74 35.37
CA LEU B 354 -3.84 3.02 36.19
C LEU B 354 -3.62 2.86 37.69
N ARG B 355 -2.72 1.98 38.06
CA ARG B 355 -2.29 1.83 39.43
C ARG B 355 -1.42 3.01 39.92
N MET B 356 -0.59 3.59 39.04
CA MET B 356 0.12 4.84 39.34
C MET B 356 -0.82 6.05 39.41
N LEU B 357 -1.94 6.01 38.69
CA LEU B 357 -2.91 7.11 38.64
C LEU B 357 -4.16 6.89 39.51
N ASP B 358 -4.04 6.00 40.50
CA ASP B 358 -5.01 5.86 41.57
C ASP B 358 -5.21 7.22 42.22
N TYR B 359 -6.47 7.63 42.39
CA TYR B 359 -6.81 8.89 43.07
C TYR B 359 -6.38 8.88 44.55
N ASP B 360 -6.45 7.71 45.18
CA ASP B 360 -6.15 7.56 46.61
C ASP B 360 -4.65 7.31 46.83
N PRO B 361 -3.94 8.23 47.51
CA PRO B 361 -2.49 8.06 47.70
C PRO B 361 -2.12 6.94 48.65
N LYS B 362 -3.07 6.46 49.45
CA LYS B 362 -2.81 5.32 50.32
C LYS B 362 -2.84 3.96 49.61
N THR B 363 -3.56 3.85 48.49
CA THR B 363 -3.61 2.61 47.68
C THR B 363 -2.89 2.71 46.34
N ARG B 364 -2.47 3.92 45.96
CA ARG B 364 -1.63 4.12 44.78
C ARG B 364 -0.42 3.19 44.91
N ILE B 365 -0.04 2.56 43.80
CA ILE B 365 1.04 1.58 43.82
C ILE B 365 2.34 2.22 44.29
N GLN B 366 3.13 1.43 45.03
CA GLN B 366 4.43 1.86 45.56
C GLN B 366 5.58 1.25 44.79
N PRO B 367 6.78 1.87 44.85
CA PRO B 367 7.91 1.42 44.03
C PRO B 367 8.23 -0.07 44.09
N TYR B 368 8.25 -0.65 45.30
CA TYR B 368 8.61 -2.06 45.45
C TYR B 368 7.68 -2.99 44.66
N TYR B 369 6.37 -2.71 44.70
CA TYR B 369 5.35 -3.50 44.01
C TYR B 369 5.24 -3.17 42.54
N ALA B 370 5.53 -1.93 42.17
CA ALA B 370 5.59 -1.54 40.76
C ALA B 370 6.66 -2.34 40.03
N LEU B 371 7.81 -2.51 40.66
CA LEU B 371 8.89 -3.32 40.09
C LEU B 371 8.54 -4.81 39.87
N GLN B 372 7.57 -5.33 40.62
CA GLN B 372 7.07 -6.69 40.45
C GLN B 372 5.91 -6.89 39.47
N HIS B 373 5.38 -5.81 38.93
CA HIS B 373 4.30 -5.88 37.92
C HIS B 373 4.69 -6.71 36.68
N SER B 374 3.70 -7.34 36.05
CA SER B 374 3.95 -8.24 34.90
C SER B 374 4.53 -7.56 33.62
N PHE B 375 4.43 -6.23 33.58
CA PHE B 375 5.01 -5.40 32.54
C PHE B 375 6.55 -5.47 32.53
N PHE B 376 7.16 -5.82 33.67
CA PHE B 376 8.61 -6.02 33.77
C PHE B 376 9.10 -7.47 33.75
N LYS B 377 8.21 -8.47 33.79
CA LYS B 377 8.65 -9.88 33.76
C LYS B 377 9.35 -10.27 32.43
N LYS B 378 10.58 -10.79 32.55
CA LYS B 378 11.52 -11.01 31.44
C LYS B 378 11.83 -12.51 31.31
N LYS C 31 -44.44 19.58 -5.07
CA LYS C 31 -43.02 19.08 -5.00
C LYS C 31 -42.70 18.26 -6.25
N VAL C 32 -41.81 18.80 -7.11
CA VAL C 32 -41.26 18.06 -8.27
C VAL C 32 -39.83 17.55 -8.01
N TYR C 33 -39.41 16.52 -8.75
CA TYR C 33 -38.06 15.93 -8.64
C TYR C 33 -37.41 15.97 -10.01
N ASN C 34 -36.17 16.46 -10.06
CA ASN C 34 -35.39 16.54 -11.31
C ASN C 34 -36.15 17.32 -12.37
N ASP C 35 -36.66 18.47 -12.00
CA ASP C 35 -37.61 19.26 -12.81
C ASP C 35 -38.89 18.40 -13.10
N GLY C 36 -39.33 18.26 -14.34
CA GLY C 36 -40.40 17.29 -14.65
C GLY C 36 -40.27 15.83 -14.15
N TYR C 37 -39.04 15.33 -14.12
CA TYR C 37 -38.72 14.12 -14.88
C TYR C 37 -38.70 12.83 -14.07
N ASP C 38 -38.41 12.93 -12.77
CA ASP C 38 -38.39 11.81 -11.84
C ASP C 38 -39.61 11.74 -10.92
N ASP C 39 -39.94 10.51 -10.50
CA ASP C 39 -40.93 10.26 -9.45
C ASP C 39 -40.28 10.47 -8.05
N ASP C 40 -41.07 10.29 -7.00
CA ASP C 40 -40.58 10.48 -5.61
C ASP C 40 -39.57 9.40 -5.14
N ASN C 41 -39.12 8.57 -6.08
CA ASN C 41 -38.33 7.39 -5.83
C ASN C 41 -37.10 7.28 -6.77
N TYR C 42 -36.70 8.42 -7.34
CA TYR C 42 -35.53 8.54 -8.23
C TYR C 42 -35.60 7.79 -9.57
N ASP C 43 -36.74 7.18 -9.93
CA ASP C 43 -36.92 6.56 -11.26
C ASP C 43 -37.30 7.63 -12.33
N TYR C 44 -36.77 7.52 -13.55
CA TYR C 44 -37.26 8.36 -14.66
C TYR C 44 -38.73 7.99 -14.96
N ILE C 45 -39.63 8.97 -15.06
CA ILE C 45 -41.03 8.70 -15.38
C ILE C 45 -41.15 8.40 -16.88
N VAL C 46 -41.32 7.13 -17.19
CA VAL C 46 -41.33 6.66 -18.56
C VAL C 46 -42.63 7.05 -19.24
N LYS C 47 -42.50 7.58 -20.47
CA LYS C 47 -43.62 8.05 -21.32
C LYS C 47 -43.48 7.38 -22.68
N ASN C 48 -44.46 6.59 -23.07
CA ASN C 48 -44.46 5.87 -24.34
C ASN C 48 -44.49 6.88 -25.47
N GLY C 49 -43.66 6.65 -26.48
CA GLY C 49 -43.60 7.52 -27.65
C GLY C 49 -42.52 8.59 -27.60
N GLU C 50 -41.88 8.77 -26.46
CA GLU C 50 -40.88 9.83 -26.30
C GLU C 50 -39.60 9.49 -27.06
N LYS C 51 -38.98 10.50 -27.67
CA LYS C 51 -37.79 10.31 -28.49
C LYS C 51 -36.63 10.90 -27.73
N TRP C 52 -35.57 10.15 -27.51
CA TRP C 52 -34.40 10.69 -26.78
C TRP C 52 -33.22 10.98 -27.71
N MET C 53 -32.58 12.12 -27.46
CA MET C 53 -31.40 12.55 -28.19
C MET C 53 -31.57 12.43 -29.68
N ASP C 54 -32.79 12.68 -30.13
CA ASP C 54 -33.12 12.57 -31.55
C ASP C 54 -32.62 11.22 -32.15
N ARG C 55 -32.90 10.12 -31.45
CA ARG C 55 -32.36 8.80 -31.80
C ARG C 55 -33.18 7.58 -31.33
N TYR C 56 -33.44 7.52 -30.03
CA TYR C 56 -34.09 6.39 -29.40
C TYR C 56 -35.59 6.67 -29.22
N GLU C 57 -36.44 5.95 -29.94
CA GLU C 57 -37.88 6.02 -29.73
C GLU C 57 -38.36 5.01 -28.67
N ILE C 58 -38.83 5.50 -27.54
CA ILE C 58 -39.27 4.67 -26.42
C ILE C 58 -40.64 4.06 -26.74
N ASP C 59 -40.74 2.74 -26.62
CA ASP C 59 -41.97 2.01 -26.92
C ASP C 59 -42.74 1.73 -25.64
N SER C 60 -42.09 1.05 -24.67
CA SER C 60 -42.76 0.57 -23.46
C SER C 60 -41.79 0.13 -22.37
N LEU C 61 -42.32 0.10 -21.16
CA LEU C 61 -41.63 -0.38 -19.97
C LEU C 61 -41.70 -1.90 -19.95
N ILE C 62 -40.57 -2.58 -19.88
CA ILE C 62 -40.51 -4.07 -19.89
C ILE C 62 -39.91 -4.72 -18.63
N GLY C 63 -39.43 -3.91 -17.69
CA GLY C 63 -38.64 -4.43 -16.58
C GLY C 63 -38.51 -3.42 -15.48
N LYS C 64 -38.53 -3.92 -14.24
CA LYS C 64 -38.39 -3.09 -13.06
C LYS C 64 -37.44 -3.77 -12.07
N GLY C 65 -36.81 -2.96 -11.24
CA GLY C 65 -35.92 -3.45 -10.21
C GLY C 65 -35.40 -2.28 -9.41
N SER C 66 -34.31 -2.48 -8.69
CA SER C 66 -34.02 -1.63 -7.59
C SER C 66 -33.13 -0.37 -7.69
N PHE C 67 -31.99 -0.22 -8.38
CA PHE C 67 -31.59 -0.36 -9.79
C PHE C 67 -32.31 0.67 -10.69
N GLY C 68 -33.60 0.45 -10.95
CA GLY C 68 -34.37 1.35 -11.80
C GLY C 68 -35.25 0.56 -12.73
N GLN C 69 -35.20 0.89 -14.02
CA GLN C 69 -36.13 0.34 -14.99
C GLN C 69 -35.44 -0.11 -16.28
N VAL C 70 -36.13 -0.94 -17.05
CA VAL C 70 -35.70 -1.33 -18.38
C VAL C 70 -36.81 -1.02 -19.39
N VAL C 71 -36.46 -0.47 -20.54
CA VAL C 71 -37.43 -0.19 -21.60
C VAL C 71 -37.08 -0.81 -22.93
N LYS C 72 -38.10 -1.13 -23.69
CA LYS C 72 -37.96 -1.49 -25.09
C LYS C 72 -37.95 -0.22 -25.89
N ALA C 73 -36.95 -0.07 -26.75
CA ALA C 73 -36.80 1.14 -27.58
C ALA C 73 -36.21 0.86 -28.98
N TYR C 74 -36.61 1.71 -29.96
CA TYR C 74 -36.07 1.61 -31.30
C TYR C 74 -34.97 2.64 -31.54
N ASP C 75 -33.82 2.13 -31.98
CA ASP C 75 -32.66 2.95 -32.38
C ASP C 75 -32.78 3.30 -33.88
N ARG C 76 -33.12 4.55 -34.17
CA ARG C 76 -33.31 5.03 -35.57
C ARG C 76 -32.05 4.98 -36.39
N VAL C 77 -30.93 5.25 -35.73
CA VAL C 77 -29.64 5.30 -36.37
C VAL C 77 -29.23 3.93 -36.87
N GLU C 78 -29.18 2.96 -35.95
CA GLU C 78 -28.74 1.57 -36.26
C GLU C 78 -29.85 0.70 -36.85
N GLN C 79 -31.10 1.15 -36.73
CA GLN C 79 -32.29 0.49 -37.27
C GLN C 79 -32.54 -0.86 -36.63
N GLU C 80 -32.49 -0.89 -35.31
CA GLU C 80 -32.76 -2.10 -34.54
C GLU C 80 -33.43 -1.79 -33.21
N TRP C 81 -34.12 -2.78 -32.65
CA TRP C 81 -34.66 -2.69 -31.27
C TRP C 81 -33.55 -2.89 -30.24
N VAL C 82 -33.61 -2.13 -29.16
CA VAL C 82 -32.71 -2.29 -28.04
C VAL C 82 -33.44 -2.26 -26.71
N ALA C 83 -32.80 -2.83 -25.69
CA ALA C 83 -33.28 -2.76 -24.33
C ALA C 83 -32.43 -1.73 -23.60
N ILE C 84 -33.04 -0.72 -22.99
CA ILE C 84 -32.26 0.30 -22.29
C ILE C 84 -32.50 0.20 -20.79
N LYS C 85 -31.41 0.07 -20.04
CA LYS C 85 -31.46 0.00 -18.60
C LYS C 85 -31.27 1.42 -18.05
N ILE C 86 -32.35 2.02 -17.56
CA ILE C 86 -32.33 3.39 -17.02
C ILE C 86 -32.13 3.31 -15.51
N ILE C 87 -30.94 3.71 -15.07
CA ILE C 87 -30.58 3.63 -13.68
C ILE C 87 -31.18 4.82 -12.93
N LYS C 88 -31.68 4.56 -11.73
CA LYS C 88 -32.13 5.61 -10.83
C LYS C 88 -31.13 6.77 -10.70
N ASN C 89 -31.66 7.97 -10.52
CA ASN C 89 -30.88 9.19 -10.34
C ASN C 89 -30.49 9.36 -8.87
N LYS C 90 -29.52 8.56 -8.44
CA LYS C 90 -29.17 8.44 -7.03
C LYS C 90 -27.78 7.82 -6.94
N LYS C 91 -26.86 8.50 -6.26
CA LYS C 91 -25.44 8.10 -6.25
C LYS C 91 -25.23 6.61 -6.06
N ALA C 92 -25.91 6.02 -5.09
CA ALA C 92 -25.71 4.61 -4.76
C ALA C 92 -25.91 3.66 -5.94
N PHE C 93 -26.96 3.87 -6.70
CA PHE C 93 -27.27 3.00 -7.83
C PHE C 93 -26.44 3.30 -9.06
N LEU C 94 -26.07 4.57 -9.21
CA LEU C 94 -25.16 5.01 -10.27
C LEU C 94 -23.82 4.30 -10.14
N ASN C 95 -23.24 4.34 -8.94
CA ASN C 95 -21.93 3.72 -8.69
C ASN C 95 -22.00 2.20 -8.85
N GLN C 96 -23.15 1.60 -8.52
CA GLN C 96 -23.36 0.17 -8.75
C GLN C 96 -23.37 -0.15 -10.25
N ALA C 97 -24.05 0.65 -11.04
CA ALA C 97 -24.14 0.45 -12.49
C ALA C 97 -22.82 0.65 -13.20
N GLN C 98 -21.98 1.53 -12.69
CA GLN C 98 -20.63 1.74 -13.21
C GLN C 98 -19.70 0.52 -13.02
N ILE C 99 -19.90 -0.23 -11.93
CA ILE C 99 -19.30 -1.56 -11.80
C ILE C 99 -19.78 -2.44 -12.95
N GLU C 100 -21.10 -2.50 -13.17
CA GLU C 100 -21.63 -3.30 -14.27
C GLU C 100 -21.03 -2.90 -15.62
N VAL C 101 -20.96 -1.60 -15.87
CA VAL C 101 -20.38 -1.11 -17.12
C VAL C 101 -18.93 -1.53 -17.25
N ARG C 102 -18.18 -1.38 -16.19
CA ARG C 102 -16.77 -1.70 -16.22
C ARG C 102 -16.53 -3.20 -16.54
N LEU C 103 -17.31 -4.09 -15.95
CA LEU C 103 -17.16 -5.53 -16.19
C LEU C 103 -17.54 -5.95 -17.59
N LEU C 104 -18.62 -5.37 -18.11
CA LEU C 104 -19.07 -5.65 -19.48
C LEU C 104 -18.07 -5.16 -20.51
N GLU C 105 -17.50 -3.99 -20.28
CA GLU C 105 -16.50 -3.42 -21.21
C GLU C 105 -15.21 -4.21 -21.20
N LEU C 106 -14.91 -4.78 -20.04
CA LEU C 106 -13.78 -5.67 -19.87
C LEU C 106 -13.99 -6.98 -20.67
N MET C 107 -15.18 -7.57 -20.57
CA MET C 107 -15.54 -8.75 -21.35
C MET C 107 -15.45 -8.45 -22.85
N ASN C 108 -15.88 -7.25 -23.22
CA ASN C 108 -15.96 -6.82 -24.62
C ASN C 108 -14.66 -6.77 -25.39
N LYS C 109 -13.56 -6.52 -24.70
CA LYS C 109 -12.29 -6.43 -25.40
C LYS C 109 -11.64 -7.80 -25.68
N HIS C 110 -12.30 -8.90 -25.31
CA HIS C 110 -11.82 -10.26 -25.63
C HIS C 110 -12.36 -10.79 -26.94
N ASP C 111 -11.48 -11.41 -27.70
CA ASP C 111 -11.75 -11.78 -29.09
C ASP C 111 -12.69 -12.99 -29.25
N THR C 112 -12.75 -13.89 -28.27
CA THR C 112 -13.38 -15.22 -28.45
C THR C 112 -14.88 -15.21 -28.72
N GLU C 113 -15.33 -16.31 -29.31
CA GLU C 113 -16.76 -16.55 -29.60
C GLU C 113 -17.59 -16.93 -28.37
N MET C 114 -16.93 -17.31 -27.27
CA MET C 114 -17.61 -17.70 -26.03
C MET C 114 -18.30 -16.54 -25.36
N LYS C 115 -17.90 -15.29 -25.65
CA LYS C 115 -18.55 -14.13 -25.03
C LYS C 115 -20.00 -13.90 -25.47
N TYR C 116 -20.44 -14.59 -26.52
CA TYR C 116 -21.81 -14.46 -27.00
C TYR C 116 -22.85 -15.01 -26.05
N TYR C 117 -22.44 -15.81 -25.06
CA TYR C 117 -23.35 -16.28 -24.03
C TYR C 117 -23.55 -15.28 -22.88
N ILE C 118 -22.94 -14.10 -23.00
CA ILE C 118 -23.20 -12.96 -22.14
C ILE C 118 -23.93 -11.89 -22.94
N VAL C 119 -24.93 -11.27 -22.32
CA VAL C 119 -25.66 -10.18 -22.97
C VAL C 119 -24.73 -9.02 -23.31
N HIS C 120 -24.86 -8.50 -24.52
CA HIS C 120 -23.90 -7.55 -25.07
C HIS C 120 -24.31 -6.08 -24.80
N LEU C 121 -23.45 -5.36 -24.06
CA LEU C 121 -23.59 -3.92 -23.88
C LEU C 121 -23.05 -3.19 -25.12
N LYS C 122 -23.90 -2.40 -25.74
CA LYS C 122 -23.56 -1.74 -27.01
C LYS C 122 -22.87 -0.39 -26.77
N ARG C 123 -23.46 0.40 -25.87
CA ARG C 123 -22.90 1.69 -25.39
C ARG C 123 -23.65 2.19 -24.13
N HIS C 124 -23.17 3.29 -23.57
CA HIS C 124 -23.90 3.98 -22.50
C HIS C 124 -23.81 5.49 -22.65
N PHE C 125 -24.71 6.18 -21.97
CA PHE C 125 -24.74 7.63 -21.95
C PHE C 125 -25.58 8.14 -20.78
N MET C 126 -25.35 9.41 -20.41
CA MET C 126 -26.19 10.08 -19.42
C MET C 126 -27.33 10.75 -20.16
N PHE C 127 -28.53 10.64 -19.62
CA PHE C 127 -29.69 11.32 -20.14
C PHE C 127 -30.56 11.85 -19.00
N ARG C 128 -30.69 13.18 -18.92
CA ARG C 128 -31.46 13.84 -17.86
C ARG C 128 -31.11 13.32 -16.45
N ASN C 129 -29.82 13.26 -16.19
CA ASN C 129 -29.25 12.79 -14.91
C ASN C 129 -29.44 11.29 -14.56
N HIS C 130 -29.74 10.46 -15.56
CA HIS C 130 -29.82 9.02 -15.40
C HIS C 130 -28.80 8.32 -16.30
N LEU C 131 -27.97 7.47 -15.71
CA LEU C 131 -27.11 6.60 -16.51
C LEU C 131 -27.96 5.56 -17.26
N CYS C 132 -27.73 5.45 -18.57
CA CYS C 132 -28.51 4.57 -19.45
C CYS C 132 -27.60 3.54 -20.15
N LEU C 133 -27.80 2.24 -19.87
CA LEU C 133 -27.03 1.17 -20.56
C LEU C 133 -27.87 0.57 -21.69
N VAL C 134 -27.31 0.59 -22.90
CA VAL C 134 -28.00 0.06 -24.10
C VAL C 134 -27.54 -1.36 -24.41
N PHE C 135 -28.48 -2.31 -24.30
CA PHE C 135 -28.23 -3.73 -24.57
C PHE C 135 -28.98 -4.18 -25.78
N GLU C 136 -28.45 -5.20 -26.44
CA GLU C 136 -29.22 -5.95 -27.46
C GLU C 136 -30.55 -6.41 -26.84
N MET C 137 -31.59 -6.47 -27.66
CA MET C 137 -32.94 -6.85 -27.17
C MET C 137 -33.06 -8.37 -27.14
N LEU C 138 -33.49 -8.93 -26.02
CA LEU C 138 -33.66 -10.39 -25.83
C LEU C 138 -35.15 -10.80 -25.60
N SER C 139 -35.41 -12.11 -25.47
CA SER C 139 -36.76 -12.64 -25.28
C SER C 139 -37.04 -12.94 -23.79
N TYR C 140 -37.88 -13.94 -23.47
CA TYR C 140 -38.18 -14.24 -22.06
C TYR C 140 -37.11 -15.08 -21.38
N ASN C 141 -37.13 -15.03 -20.05
CA ASN C 141 -36.23 -15.77 -19.21
C ASN C 141 -36.71 -17.17 -18.89
N LEU C 142 -35.82 -17.95 -18.31
CA LEU C 142 -36.10 -19.36 -18.05
C LEU C 142 -37.09 -19.59 -16.92
N TYR C 143 -37.37 -18.58 -16.10
CA TYR C 143 -38.48 -18.69 -15.13
C TYR C 143 -39.84 -18.62 -15.84
N ASP C 144 -40.01 -17.63 -16.71
CA ASP C 144 -41.20 -17.55 -17.59
C ASP C 144 -41.45 -18.84 -18.35
N LEU C 145 -40.37 -19.49 -18.80
CA LEU C 145 -40.47 -20.74 -19.57
C LEU C 145 -41.05 -21.86 -18.72
N LEU C 146 -40.57 -21.99 -17.49
CA LEU C 146 -41.15 -22.93 -16.53
C LEU C 146 -42.61 -22.64 -16.21
N ARG C 147 -42.96 -21.36 -16.09
CA ARG C 147 -44.35 -21.00 -15.84
C ARG C 147 -45.26 -21.58 -16.92
N ASN C 148 -44.83 -21.52 -18.19
CA ASN C 148 -45.64 -22.01 -19.32
C ASN C 148 -45.78 -23.53 -19.36
N THR C 149 -44.91 -24.25 -18.64
CA THR C 149 -45.02 -25.69 -18.43
C THR C 149 -45.86 -26.06 -17.21
N ASN C 150 -46.46 -25.08 -16.55
CA ASN C 150 -47.01 -25.24 -15.20
C ASN C 150 -46.04 -25.91 -14.27
N PHE C 151 -44.79 -25.49 -14.35
CA PHE C 151 -43.75 -25.98 -13.46
C PHE C 151 -43.62 -27.52 -13.50
N ARG C 152 -43.74 -28.07 -14.71
CA ARG C 152 -43.59 -29.50 -14.96
C ARG C 152 -42.27 -29.77 -15.73
N GLY C 153 -41.56 -28.74 -16.16
CA GLY C 153 -40.19 -28.88 -16.67
C GLY C 153 -40.16 -29.07 -18.16
N VAL C 154 -38.99 -28.79 -18.73
CA VAL C 154 -38.73 -29.01 -20.16
C VAL C 154 -37.92 -30.28 -20.36
N SER C 155 -37.86 -30.76 -21.61
CA SER C 155 -37.20 -32.03 -21.92
C SER C 155 -35.72 -32.02 -21.54
N LEU C 156 -35.15 -33.22 -21.46
CA LEU C 156 -33.75 -33.42 -21.10
C LEU C 156 -32.85 -32.97 -22.26
N ASN C 157 -33.35 -33.09 -23.48
CA ASN C 157 -32.65 -32.60 -24.66
C ASN C 157 -32.48 -31.09 -24.64
N LEU C 158 -33.53 -30.39 -24.20
CA LEU C 158 -33.47 -28.94 -24.06
C LEU C 158 -32.64 -28.52 -22.82
N THR C 159 -32.82 -29.22 -21.71
CA THR C 159 -32.00 -29.01 -20.53
C THR C 159 -30.52 -29.10 -20.92
N ARG C 160 -30.15 -30.10 -21.73
CA ARG C 160 -28.75 -30.29 -22.19
C ARG C 160 -28.23 -29.09 -22.97
N LYS C 161 -29.04 -28.58 -23.90
CA LYS C 161 -28.64 -27.42 -24.70
C LYS C 161 -28.33 -26.22 -23.81
N PHE C 162 -29.20 -25.98 -22.83
CA PHE C 162 -28.98 -24.94 -21.85
C PHE C 162 -27.73 -25.19 -20.99
N ALA C 163 -27.57 -26.44 -20.55
CA ALA C 163 -26.43 -26.82 -19.73
C ALA C 163 -25.11 -26.59 -20.46
N GLN C 164 -25.05 -26.93 -21.74
CA GLN C 164 -23.84 -26.75 -22.51
C GLN C 164 -23.44 -25.30 -22.71
N GLN C 165 -24.43 -24.47 -22.99
CA GLN C 165 -24.18 -23.06 -23.22
C GLN C 165 -23.72 -22.37 -21.94
N MET C 166 -24.33 -22.74 -20.82
CA MET C 166 -23.99 -22.16 -19.53
C MET C 166 -22.59 -22.57 -19.07
N CYS C 167 -22.22 -23.82 -19.31
CA CYS C 167 -20.87 -24.27 -19.02
C CYS C 167 -19.83 -23.46 -19.83
N THR C 168 -20.15 -23.20 -21.11
CA THR C 168 -19.33 -22.35 -21.95
C THR C 168 -19.24 -20.89 -21.42
N ALA C 169 -20.36 -20.34 -20.96
CA ALA C 169 -20.36 -18.99 -20.41
C ALA C 169 -19.51 -18.87 -19.16
N LEU C 170 -19.65 -19.86 -18.27
CA LEU C 170 -18.79 -19.95 -17.06
C LEU C 170 -17.31 -20.12 -17.41
N LEU C 171 -17.00 -20.84 -18.47
CA LEU C 171 -15.62 -20.96 -18.93
C LEU C 171 -15.05 -19.62 -19.36
N PHE C 172 -15.87 -18.84 -20.05
CA PHE C 172 -15.47 -17.50 -20.49
C PHE C 172 -15.19 -16.56 -19.31
N LEU C 173 -16.11 -16.54 -18.36
CA LEU C 173 -15.95 -15.79 -17.11
C LEU C 173 -14.73 -16.19 -16.34
N ALA C 174 -14.36 -17.47 -16.46
CA ALA C 174 -13.18 -18.00 -15.80
C ALA C 174 -11.86 -17.65 -16.50
N THR C 175 -11.88 -17.08 -17.73
CA THR C 175 -10.63 -16.77 -18.37
C THR C 175 -9.86 -15.87 -17.40
N PRO C 176 -8.58 -16.20 -17.17
CA PRO C 176 -7.79 -15.60 -16.08
C PRO C 176 -7.89 -14.09 -15.91
N GLU C 177 -7.79 -13.38 -17.02
CA GLU C 177 -7.79 -11.91 -17.03
C GLU C 177 -9.14 -11.28 -16.61
N LEU C 178 -10.19 -12.08 -16.64
CA LEU C 178 -11.51 -11.68 -16.15
C LEU C 178 -11.72 -12.19 -14.74
N SER C 179 -11.77 -13.51 -14.56
CA SER C 179 -12.03 -14.13 -13.26
C SER C 179 -13.28 -13.57 -12.58
N ILE C 180 -14.38 -13.55 -13.33
CA ILE C 180 -15.61 -12.90 -12.89
C ILE C 180 -16.58 -13.90 -12.25
N ILE C 181 -17.10 -13.53 -11.09
CA ILE C 181 -18.12 -14.30 -10.43
C ILE C 181 -19.44 -13.54 -10.57
N HIS C 182 -20.45 -14.17 -11.17
CA HIS C 182 -21.74 -13.54 -11.37
C HIS C 182 -22.49 -13.30 -10.05
N CYS C 183 -22.45 -14.27 -9.14
CA CYS C 183 -22.99 -14.13 -7.77
C CYS C 183 -24.50 -14.12 -7.66
N ASP C 184 -25.21 -14.44 -8.74
CA ASP C 184 -26.70 -14.39 -8.70
C ASP C 184 -27.38 -15.13 -9.85
N LEU C 185 -26.85 -16.30 -10.19
CA LEU C 185 -27.44 -17.09 -11.25
C LEU C 185 -28.70 -17.73 -10.74
N LYS C 186 -29.72 -17.63 -11.56
CA LYS C 186 -31.03 -18.21 -11.30
C LYS C 186 -31.80 -18.12 -12.64
N PRO C 187 -32.85 -18.93 -12.78
CA PRO C 187 -33.59 -18.93 -14.03
C PRO C 187 -33.99 -17.52 -14.52
N GLU C 188 -34.49 -16.65 -13.62
CA GLU C 188 -34.77 -15.21 -13.90
C GLU C 188 -33.69 -14.45 -14.70
N ASN C 189 -32.42 -14.75 -14.44
CA ASN C 189 -31.28 -14.05 -15.07
C ASN C 189 -30.64 -14.75 -16.27
N ILE C 190 -31.35 -15.73 -16.83
CA ILE C 190 -30.92 -16.39 -18.05
C ILE C 190 -32.06 -16.23 -19.03
N LEU C 191 -31.79 -15.56 -20.14
CA LEU C 191 -32.83 -15.23 -21.12
C LEU C 191 -32.62 -15.91 -22.45
N LEU C 192 -33.72 -16.30 -23.09
CA LEU C 192 -33.70 -16.75 -24.48
C LEU C 192 -33.39 -15.57 -25.39
N CYS C 193 -32.63 -15.80 -26.45
CA CYS C 193 -32.39 -14.77 -27.47
C CYS C 193 -33.61 -14.59 -28.34
N ASN C 194 -34.23 -15.71 -28.70
CA ASN C 194 -35.39 -15.76 -29.57
C ASN C 194 -36.35 -16.78 -28.95
N PRO C 195 -37.67 -16.48 -28.91
CA PRO C 195 -38.64 -17.39 -28.26
C PRO C 195 -38.80 -18.84 -28.84
N LYS C 196 -38.50 -19.00 -30.14
CA LYS C 196 -38.59 -20.28 -30.86
C LYS C 196 -37.22 -20.98 -31.01
N ARG C 197 -36.18 -20.52 -30.31
CA ARG C 197 -34.83 -21.13 -30.38
C ARG C 197 -34.30 -21.35 -28.97
N SER C 198 -33.28 -22.18 -28.87
CA SER C 198 -32.67 -22.55 -27.58
C SER C 198 -31.42 -21.71 -27.16
N ALA C 199 -31.02 -20.74 -27.99
CA ALA C 199 -29.89 -19.84 -27.65
C ALA C 199 -30.22 -19.01 -26.40
N ILE C 200 -29.31 -19.00 -25.44
CA ILE C 200 -29.50 -18.24 -24.19
C ILE C 200 -28.31 -17.37 -23.82
N LYS C 201 -28.58 -16.39 -22.97
CA LYS C 201 -27.55 -15.49 -22.44
C LYS C 201 -27.78 -15.19 -20.97
N ILE C 202 -26.69 -14.86 -20.27
CA ILE C 202 -26.76 -14.39 -18.88
C ILE C 202 -26.89 -12.87 -18.85
N VAL C 203 -27.70 -12.38 -17.94
CA VAL C 203 -27.88 -10.92 -17.77
C VAL C 203 -27.57 -10.50 -16.34
N ASP C 204 -27.40 -9.18 -16.17
CA ASP C 204 -27.31 -8.50 -14.88
C ASP C 204 -26.02 -8.82 -14.13
N PHE C 205 -24.99 -8.04 -14.42
CA PHE C 205 -23.74 -8.10 -13.69
C PHE C 205 -23.60 -6.99 -12.62
N GLY C 206 -24.73 -6.41 -12.19
CA GLY C 206 -24.74 -5.45 -11.11
C GLY C 206 -24.34 -6.02 -9.76
N SER C 207 -24.66 -7.29 -9.50
CA SER C 207 -24.26 -7.96 -8.26
C SER C 207 -22.88 -8.65 -8.32
N SER C 208 -22.18 -8.53 -9.43
CA SER C 208 -21.00 -9.35 -9.67
C SER C 208 -19.75 -8.80 -9.04
N CYS C 209 -18.70 -9.60 -9.05
CA CYS C 209 -17.37 -9.18 -8.64
C CYS C 209 -16.28 -10.05 -9.29
N GLN C 210 -15.03 -9.68 -9.09
CA GLN C 210 -13.88 -10.45 -9.57
C GLN C 210 -13.24 -11.18 -8.41
N LEU C 211 -12.52 -12.27 -8.74
CA LEU C 211 -11.76 -13.04 -7.77
C LEU C 211 -10.83 -12.16 -6.98
N GLY C 212 -10.86 -12.36 -5.66
CA GLY C 212 -10.03 -11.68 -4.70
C GLY C 212 -10.98 -11.04 -3.64
N GLN C 213 -12.09 -10.53 -4.15
CA GLN C 213 -12.92 -9.49 -3.48
C GLN C 213 -13.29 -9.67 -2.00
N ARG C 214 -13.92 -10.74 -1.53
CA ARG C 214 -14.16 -10.92 -0.06
C ARG C 214 -14.85 -9.68 0.67
N ILE C 215 -15.40 -8.78 -0.14
CA ILE C 215 -16.11 -7.59 0.34
C ILE C 215 -17.41 -8.17 0.84
N TYR C 216 -18.13 -8.81 -0.08
CA TYR C 216 -19.46 -9.28 0.15
C TYR C 216 -19.50 -10.62 0.86
N GLN C 217 -20.48 -10.80 1.75
CA GLN C 217 -20.72 -12.12 2.36
C GLN C 217 -22.12 -12.70 2.17
N PTR C 218 -23.14 -11.86 2.18
CA PTR C 218 -24.52 -12.30 1.96
C PTR C 218 -24.83 -12.19 0.50
O PTR C 218 -25.33 -11.15 0.04
CB PTR C 218 -25.42 -11.40 2.80
CG PTR C 218 -26.88 -11.79 2.87
CD1 PTR C 218 -27.27 -12.90 3.62
CD2 PTR C 218 -27.86 -11.01 2.22
CE1 PTR C 218 -28.61 -13.24 3.72
CE2 PTR C 218 -29.22 -11.34 2.32
CZ PTR C 218 -29.60 -12.47 3.08
OH PTR C 218 -30.94 -12.83 3.22
P PTR C 218 -31.74 -13.83 2.25
O1P PTR C 218 -33.14 -13.50 2.72
O2P PTR C 218 -31.29 -13.38 0.87
O3P PTR C 218 -31.32 -15.23 2.60
N ILE C 219 -24.53 -13.25 -0.26
CA ILE C 219 -24.63 -13.25 -1.71
C ILE C 219 -25.34 -14.49 -2.24
N GLN C 220 -25.73 -14.43 -3.52
CA GLN C 220 -26.51 -15.45 -4.21
C GLN C 220 -27.96 -15.46 -3.73
N SER C 221 -28.91 -15.67 -4.65
CA SER C 221 -30.30 -15.93 -4.27
C SER C 221 -30.36 -17.18 -3.41
N ARG C 222 -31.21 -17.14 -2.39
CA ARG C 222 -31.22 -18.18 -1.35
C ARG C 222 -31.25 -19.61 -1.88
N PHE C 223 -32.18 -19.92 -2.79
CA PHE C 223 -32.32 -21.28 -3.35
C PHE C 223 -31.07 -21.80 -4.07
N TYR C 224 -30.27 -20.86 -4.59
CA TYR C 224 -29.10 -21.13 -5.42
C TYR C 224 -27.78 -20.82 -4.69
N ARG C 225 -27.87 -20.61 -3.37
CA ARG C 225 -26.75 -20.17 -2.56
C ARG C 225 -25.90 -21.38 -2.15
N SER C 226 -24.58 -21.25 -2.32
CA SER C 226 -23.66 -22.36 -2.12
C SER C 226 -23.34 -22.60 -0.65
N PRO C 227 -22.91 -23.82 -0.31
CA PRO C 227 -22.59 -24.10 1.09
C PRO C 227 -21.44 -23.27 1.68
N GLU C 228 -20.41 -23.00 0.89
CA GLU C 228 -19.32 -22.15 1.35
C GLU C 228 -19.83 -20.75 1.76
N VAL C 229 -20.83 -20.23 1.05
CA VAL C 229 -21.42 -18.94 1.40
C VAL C 229 -22.27 -19.07 2.66
N LEU C 230 -23.09 -20.09 2.74
CA LEU C 230 -23.90 -20.36 3.94
C LEU C 230 -23.07 -20.52 5.21
N LEU C 231 -21.89 -21.13 5.06
CA LEU C 231 -20.97 -21.39 6.18
C LEU C 231 -20.05 -20.23 6.56
N GLY C 232 -20.09 -19.14 5.79
CA GLY C 232 -19.25 -17.96 6.04
C GLY C 232 -17.79 -18.13 5.67
N MET C 233 -17.52 -18.98 4.68
CA MET C 233 -16.17 -19.36 4.28
C MET C 233 -15.68 -18.54 3.07
N PRO C 234 -14.38 -18.66 2.74
CA PRO C 234 -13.90 -18.07 1.50
C PRO C 234 -14.60 -18.70 0.30
N TYR C 235 -14.74 -17.93 -0.77
CA TYR C 235 -15.39 -18.42 -1.98
C TYR C 235 -14.69 -17.92 -3.23
N ASP C 236 -15.02 -18.56 -4.34
CA ASP C 236 -14.40 -18.30 -5.64
C ASP C 236 -15.42 -18.56 -6.78
N LEU C 237 -14.94 -18.74 -8.03
CA LEU C 237 -15.82 -18.93 -9.21
C LEU C 237 -16.67 -20.20 -9.13
N ALA C 238 -16.28 -21.14 -8.25
CA ALA C 238 -16.99 -22.37 -8.07
C ALA C 238 -18.41 -22.16 -7.52
N ILE C 239 -18.71 -21.05 -6.85
CA ILE C 239 -20.08 -20.82 -6.38
C ILE C 239 -21.09 -20.73 -7.54
N ASP C 240 -20.66 -20.28 -8.71
CA ASP C 240 -21.55 -20.16 -9.88
C ASP C 240 -21.90 -21.55 -10.41
N MET C 241 -20.96 -22.50 -10.30
CA MET C 241 -21.20 -23.86 -10.72
C MET C 241 -22.23 -24.55 -9.82
N TRP C 242 -22.19 -24.27 -8.53
CA TRP C 242 -23.19 -24.80 -7.62
C TRP C 242 -24.57 -24.34 -8.06
N SER C 243 -24.69 -23.04 -8.32
CA SER C 243 -25.97 -22.45 -8.75
C SER C 243 -26.44 -23.16 -10.01
N LEU C 244 -25.54 -23.34 -10.96
CA LEU C 244 -25.87 -24.02 -12.21
C LEU C 244 -26.43 -25.43 -11.95
N GLY C 245 -25.80 -26.18 -11.06
CA GLY C 245 -26.31 -27.47 -10.63
C GLY C 245 -27.78 -27.44 -10.22
N CYS C 246 -28.12 -26.49 -9.35
CA CYS C 246 -29.47 -26.33 -8.86
C CYS C 246 -30.43 -25.94 -9.97
N ILE C 247 -29.95 -25.10 -10.87
CA ILE C 247 -30.77 -24.59 -11.98
C ILE C 247 -31.15 -25.71 -12.97
N LEU C 248 -30.18 -26.51 -13.38
CA LEU C 248 -30.42 -27.52 -14.41
C LEU C 248 -31.40 -28.59 -13.96
N VAL C 249 -31.32 -28.97 -12.69
CA VAL C 249 -32.30 -29.90 -12.12
C VAL C 249 -33.67 -29.26 -12.13
N GLU C 250 -33.76 -28.00 -11.71
CA GLU C 250 -35.04 -27.29 -11.67
C GLU C 250 -35.67 -27.12 -13.08
N MET C 251 -34.84 -26.96 -14.12
CA MET C 251 -35.35 -26.84 -15.49
C MET C 251 -36.05 -28.10 -15.95
N HIS C 252 -35.56 -29.27 -15.53
CA HIS C 252 -36.15 -30.53 -15.94
C HIS C 252 -37.33 -30.97 -15.08
N THR C 253 -37.29 -30.69 -13.78
CA THR C 253 -38.39 -31.02 -12.84
C THR C 253 -39.48 -29.98 -12.82
N GLY C 254 -39.11 -28.74 -13.12
CA GLY C 254 -39.98 -27.58 -13.00
C GLY C 254 -40.02 -26.92 -11.63
N GLU C 255 -39.24 -27.46 -10.70
CA GLU C 255 -39.38 -27.15 -9.28
C GLU C 255 -38.00 -26.89 -8.70
N PRO C 256 -37.89 -25.94 -7.75
CA PRO C 256 -36.54 -25.67 -7.23
C PRO C 256 -36.04 -26.85 -6.42
N LEU C 257 -34.77 -27.19 -6.59
CA LEU C 257 -34.20 -28.34 -5.91
C LEU C 257 -34.15 -28.10 -4.42
N PHE C 258 -33.68 -26.92 -4.02
CA PHE C 258 -33.50 -26.56 -2.62
C PHE C 258 -34.27 -25.27 -2.31
N SER C 259 -35.53 -25.38 -1.93
CA SER C 259 -36.40 -24.24 -1.68
C SER C 259 -36.49 -23.83 -0.18
N GLY C 260 -35.42 -23.25 0.34
CA GLY C 260 -35.35 -22.85 1.75
C GLY C 260 -36.10 -21.57 2.07
N ALA C 261 -36.89 -21.58 3.15
CA ALA C 261 -37.57 -20.39 3.69
C ALA C 261 -36.62 -19.41 4.44
N ASN C 262 -35.54 -19.94 4.99
CA ASN C 262 -34.47 -19.18 5.63
C ASN C 262 -33.15 -19.98 5.51
N GLU C 263 -32.06 -19.46 6.05
CA GLU C 263 -30.76 -20.10 5.87
C GLU C 263 -30.68 -21.48 6.55
N VAL C 264 -31.28 -21.64 7.73
CA VAL C 264 -31.29 -22.95 8.39
C VAL C 264 -32.06 -23.99 7.55
N ASP C 265 -33.26 -23.63 7.12
CA ASP C 265 -34.08 -24.50 6.26
C ASP C 265 -33.37 -24.80 4.92
N GLN C 266 -32.68 -23.81 4.36
CA GLN C 266 -31.91 -24.00 3.13
C GLN C 266 -30.82 -25.06 3.28
N MET C 267 -30.07 -24.99 4.38
CA MET C 267 -29.00 -25.98 4.65
C MET C 267 -29.60 -27.36 4.92
N ASN C 268 -30.69 -27.44 5.68
CA ASN C 268 -31.34 -28.72 5.92
C ASN C 268 -31.83 -29.42 4.66
N LYS C 269 -32.37 -28.64 3.71
CA LYS C 269 -32.83 -29.17 2.43
C LYS C 269 -31.69 -29.67 1.54
N ILE C 270 -30.54 -28.98 1.60
CA ILE C 270 -29.31 -29.45 0.96
C ILE C 270 -28.85 -30.79 1.56
N VAL C 271 -28.84 -30.87 2.89
CA VAL C 271 -28.39 -32.07 3.62
C VAL C 271 -29.29 -33.27 3.37
N GLU C 272 -30.60 -33.04 3.22
CA GLU C 272 -31.55 -34.09 2.84
C GLU C 272 -31.12 -34.90 1.61
N VAL C 273 -30.53 -34.21 0.64
CA VAL C 273 -30.11 -34.83 -0.62
C VAL C 273 -28.65 -35.35 -0.57
N LEU C 274 -27.75 -34.53 -0.02
CA LEU C 274 -26.30 -34.73 -0.16
C LEU C 274 -25.57 -35.14 1.13
N GLY C 275 -26.32 -35.35 2.22
CA GLY C 275 -25.75 -35.78 3.49
C GLY C 275 -25.03 -34.68 4.25
N ILE C 276 -24.43 -35.08 5.37
CA ILE C 276 -23.67 -34.16 6.22
C ILE C 276 -22.40 -33.78 5.43
N PRO C 277 -22.07 -32.48 5.36
CA PRO C 277 -20.82 -32.11 4.67
C PRO C 277 -19.58 -32.63 5.42
N PRO C 278 -18.44 -32.86 4.71
CA PRO C 278 -17.24 -33.43 5.34
C PRO C 278 -16.72 -32.67 6.56
N ALA C 279 -16.08 -33.39 7.48
CA ALA C 279 -15.56 -32.80 8.71
C ALA C 279 -14.53 -31.68 8.45
N HIS C 280 -13.64 -31.88 7.48
CA HIS C 280 -12.53 -30.93 7.25
C HIS C 280 -13.01 -29.55 6.80
N ILE C 281 -14.15 -29.52 6.09
CA ILE C 281 -14.83 -28.28 5.78
C ILE C 281 -15.47 -27.64 7.04
N LEU C 282 -16.33 -28.38 7.73
CA LEU C 282 -17.03 -27.84 8.89
C LEU C 282 -16.10 -27.38 10.02
N ASP C 283 -14.94 -28.02 10.14
CA ASP C 283 -13.92 -27.61 11.14
C ASP C 283 -13.41 -26.19 10.93
N GLN C 284 -13.50 -25.68 9.70
CA GLN C 284 -13.05 -24.34 9.35
C GLN C 284 -14.16 -23.31 9.10
N ALA C 285 -15.42 -23.73 9.05
CA ALA C 285 -16.58 -22.83 8.86
C ALA C 285 -16.85 -21.93 10.07
N PRO C 286 -16.78 -20.59 9.91
CA PRO C 286 -17.21 -19.71 11.02
C PRO C 286 -18.66 -19.89 11.46
N LYS C 287 -19.57 -20.11 10.50
CA LYS C 287 -20.98 -20.29 10.80
C LYS C 287 -21.41 -21.78 10.87
N ALA C 288 -20.44 -22.68 11.11
CA ALA C 288 -20.72 -24.10 11.30
C ALA C 288 -21.83 -24.33 12.31
N ARG C 289 -21.72 -23.68 13.46
CA ARG C 289 -22.66 -23.91 14.57
C ARG C 289 -24.04 -23.24 14.43
N LYS C 290 -24.25 -22.50 13.34
CA LYS C 290 -25.60 -22.08 12.98
C LYS C 290 -26.46 -23.27 12.57
N PHE C 291 -25.85 -24.28 11.93
CA PHE C 291 -26.56 -25.46 11.45
C PHE C 291 -26.23 -26.80 12.13
N PHE C 292 -25.02 -26.91 12.70
CA PHE C 292 -24.48 -28.19 13.16
C PHE C 292 -23.89 -28.11 14.57
N GLU C 293 -23.60 -29.29 15.12
CA GLU C 293 -22.84 -29.41 16.38
C GLU C 293 -21.81 -30.55 16.27
N LYS C 294 -20.65 -30.37 16.89
CA LYS C 294 -19.57 -31.34 16.88
C LYS C 294 -19.69 -32.24 18.12
N LEU C 295 -19.87 -33.54 17.89
CA LEU C 295 -20.05 -34.50 18.97
C LEU C 295 -18.73 -34.75 19.70
N PRO C 296 -18.78 -35.34 20.91
CA PRO C 296 -17.53 -35.56 21.62
C PRO C 296 -16.45 -36.36 20.84
N ASP C 297 -16.85 -37.24 19.91
CA ASP C 297 -15.88 -38.02 19.10
C ASP C 297 -15.28 -37.31 17.85
N GLY C 298 -15.62 -36.04 17.62
CA GLY C 298 -15.09 -35.29 16.48
C GLY C 298 -15.99 -35.22 15.24
N THR C 299 -17.03 -36.07 15.17
CA THR C 299 -17.97 -36.09 14.05
C THR C 299 -19.07 -35.07 14.23
N TRP C 300 -19.58 -34.59 13.10
CA TRP C 300 -20.59 -33.53 13.07
C TRP C 300 -22.01 -34.08 12.80
N ASN C 301 -23.00 -33.50 13.47
CA ASN C 301 -24.44 -33.77 13.26
C ASN C 301 -25.21 -32.48 13.04
N LEU C 302 -26.46 -32.60 12.58
CA LEU C 302 -27.39 -31.47 12.58
C LEU C 302 -27.80 -31.04 13.99
N LYS C 303 -28.16 -29.77 14.14
CA LYS C 303 -28.79 -29.27 15.38
C LYS C 303 -30.26 -29.70 15.45
N LYS C 304 -30.73 -30.14 16.61
CA LYS C 304 -32.18 -30.38 16.82
C LYS C 304 -32.89 -29.03 17.03
N THR C 305 -33.77 -28.62 16.11
CA THR C 305 -34.40 -27.26 16.14
C THR C 305 -35.95 -27.24 16.25
N GLU C 311 -39.81 -32.83 11.00
CA GLU C 311 -39.93 -32.09 9.74
C GLU C 311 -39.06 -32.65 8.60
N TYR C 312 -37.74 -32.76 8.78
CA TYR C 312 -36.84 -33.19 7.68
C TYR C 312 -36.64 -34.69 7.54
N LYS C 313 -36.29 -35.10 6.33
CA LYS C 313 -35.91 -36.48 6.00
C LYS C 313 -34.46 -36.70 6.45
N PRO C 314 -34.09 -37.92 6.90
CA PRO C 314 -32.71 -38.12 7.40
C PRO C 314 -31.59 -37.82 6.37
N PRO C 315 -30.40 -37.38 6.84
CA PRO C 315 -29.27 -36.99 6.01
C PRO C 315 -29.01 -37.89 4.81
N GLY C 316 -29.10 -37.36 3.60
CA GLY C 316 -28.79 -38.09 2.38
C GLY C 316 -29.82 -39.09 1.86
N THR C 317 -31.01 -39.12 2.45
CA THR C 317 -32.03 -40.11 2.09
C THR C 317 -32.95 -39.69 0.94
N ARG C 318 -33.01 -38.39 0.67
CA ARG C 318 -33.76 -37.86 -0.47
C ARG C 318 -32.90 -37.87 -1.73
N LYS C 319 -32.70 -39.05 -2.27
CA LYS C 319 -31.72 -39.26 -3.32
C LYS C 319 -32.08 -38.50 -4.59
N LEU C 320 -31.07 -37.89 -5.19
CA LEU C 320 -31.21 -37.27 -6.52
C LEU C 320 -31.68 -38.27 -7.59
N HIS C 321 -31.21 -39.51 -7.49
CA HIS C 321 -31.72 -40.64 -8.28
C HIS C 321 -33.25 -40.66 -8.44
N ASN C 322 -33.96 -40.56 -7.32
CA ASN C 322 -35.43 -40.54 -7.31
C ASN C 322 -36.05 -39.18 -7.72
N ILE C 323 -35.38 -38.06 -7.39
CA ILE C 323 -35.87 -36.74 -7.76
C ILE C 323 -35.98 -36.60 -9.29
N LEU C 324 -34.95 -37.07 -10.00
CA LEU C 324 -34.94 -37.08 -11.47
C LEU C 324 -35.78 -38.21 -12.06
N GLY C 325 -35.98 -39.28 -11.31
CA GLY C 325 -36.75 -40.41 -11.77
C GLY C 325 -35.99 -41.22 -12.81
N VAL C 326 -34.71 -41.49 -12.51
CA VAL C 326 -33.79 -42.16 -13.45
C VAL C 326 -34.38 -43.49 -13.98
N GLU C 327 -34.88 -44.32 -13.06
CA GLU C 327 -35.42 -45.64 -13.39
C GLU C 327 -36.96 -45.67 -13.43
N THR C 328 -37.60 -44.52 -13.18
CA THR C 328 -39.06 -44.43 -13.05
C THR C 328 -39.72 -43.47 -14.06
N GLY C 329 -39.10 -43.30 -15.24
CA GLY C 329 -39.70 -42.53 -16.33
C GLY C 329 -39.71 -41.02 -16.13
N GLY C 330 -38.71 -40.52 -15.41
CA GLY C 330 -38.53 -39.10 -15.23
C GLY C 330 -39.34 -38.54 -14.07
N PRO C 331 -39.25 -37.21 -13.85
CA PRO C 331 -39.95 -36.54 -12.75
C PRO C 331 -41.46 -36.74 -12.83
N GLY C 332 -42.06 -37.32 -11.78
CA GLY C 332 -43.49 -37.69 -11.78
C GLY C 332 -43.87 -38.80 -12.75
N GLY C 333 -42.90 -39.53 -13.29
CA GLY C 333 -43.13 -40.48 -14.37
C GLY C 333 -43.61 -39.89 -15.70
N ARG C 334 -43.47 -38.58 -15.89
CA ARG C 334 -44.07 -37.87 -17.03
C ARG C 334 -43.30 -38.00 -18.34
N ARG C 335 -42.09 -38.59 -18.30
CA ARG C 335 -41.28 -38.79 -19.50
C ARG C 335 -41.20 -40.25 -19.95
N ALA C 336 -41.98 -41.13 -19.32
CA ALA C 336 -42.05 -42.53 -19.74
C ALA C 336 -42.39 -42.64 -21.23
N GLY C 337 -41.54 -43.32 -22.00
CA GLY C 337 -41.75 -43.50 -23.45
C GLY C 337 -41.19 -42.44 -24.39
N GLU C 338 -40.77 -41.30 -23.86
CA GLU C 338 -40.16 -40.26 -24.70
C GLU C 338 -38.74 -40.63 -25.13
N SER C 339 -38.40 -40.31 -26.38
CA SER C 339 -37.01 -40.47 -26.84
C SER C 339 -36.08 -39.41 -26.19
N GLY C 340 -34.79 -39.75 -26.10
CA GLY C 340 -33.80 -38.96 -25.37
C GLY C 340 -33.94 -38.95 -23.85
N HIS C 341 -34.67 -39.91 -23.29
CA HIS C 341 -34.95 -39.99 -21.84
C HIS C 341 -34.72 -41.42 -21.35
N THR C 342 -33.69 -42.07 -21.88
CA THR C 342 -33.38 -43.46 -21.53
C THR C 342 -32.72 -43.46 -20.14
N VAL C 343 -32.63 -44.64 -19.53
CA VAL C 343 -31.98 -44.77 -18.23
C VAL C 343 -30.51 -44.36 -18.33
N ALA C 344 -29.84 -44.80 -19.39
CA ALA C 344 -28.46 -44.39 -19.72
C ALA C 344 -28.29 -42.85 -19.76
N ASP C 345 -29.23 -42.16 -20.42
CA ASP C 345 -29.20 -40.70 -20.52
C ASP C 345 -29.36 -40.05 -19.14
N TYR C 346 -30.35 -40.51 -18.37
CA TYR C 346 -30.57 -40.02 -17.01
C TYR C 346 -29.34 -40.20 -16.06
N LEU C 347 -28.64 -41.34 -16.16
CA LEU C 347 -27.44 -41.61 -15.33
C LEU C 347 -26.28 -40.65 -15.59
N LYS C 348 -26.12 -40.25 -16.86
CA LYS C 348 -25.12 -39.21 -17.22
C LYS C 348 -25.48 -37.83 -16.65
N PHE C 349 -26.75 -37.46 -16.75
CA PHE C 349 -27.22 -36.21 -16.16
C PHE C 349 -27.00 -36.22 -14.65
N LYS C 350 -27.43 -37.29 -13.98
CA LYS C 350 -27.24 -37.42 -12.54
C LYS C 350 -25.78 -37.22 -12.16
N ASP C 351 -24.90 -37.92 -12.86
CA ASP C 351 -23.46 -37.85 -12.56
C ASP C 351 -22.91 -36.44 -12.68
N LEU C 352 -23.22 -35.77 -13.80
CA LEU C 352 -22.78 -34.39 -13.99
C LEU C 352 -23.28 -33.49 -12.88
N ILE C 353 -24.56 -33.60 -12.53
CA ILE C 353 -25.13 -32.77 -11.49
C ILE C 353 -24.43 -32.97 -10.15
N LEU C 354 -24.17 -34.22 -9.76
CA LEU C 354 -23.49 -34.50 -8.48
C LEU C 354 -22.07 -33.93 -8.41
N ARG C 355 -21.41 -33.84 -9.56
CA ARG C 355 -20.10 -33.20 -9.66
C ARG C 355 -20.20 -31.66 -9.52
N MET C 356 -21.27 -31.06 -10.05
CA MET C 356 -21.58 -29.65 -9.79
C MET C 356 -22.01 -29.36 -8.35
N LEU C 357 -22.59 -30.34 -7.67
CA LEU C 357 -23.01 -30.19 -6.27
C LEU C 357 -22.05 -30.81 -5.22
N ASP C 358 -20.78 -30.98 -5.60
CA ASP C 358 -19.71 -31.33 -4.68
C ASP C 358 -19.67 -30.29 -3.58
N TYR C 359 -19.64 -30.73 -2.32
CA TYR C 359 -19.53 -29.82 -1.17
C TYR C 359 -18.22 -29.04 -1.19
N ASP C 360 -17.14 -29.68 -1.66
CA ASP C 360 -15.79 -29.09 -1.66
C ASP C 360 -15.59 -28.25 -2.92
N PRO C 361 -15.39 -26.93 -2.76
CA PRO C 361 -15.19 -26.09 -3.95
C PRO C 361 -13.88 -26.31 -4.69
N LYS C 362 -12.92 -26.95 -4.06
CA LYS C 362 -11.65 -27.29 -4.71
C LYS C 362 -11.74 -28.51 -5.65
N THR C 363 -12.69 -29.41 -5.42
CA THR C 363 -12.90 -30.60 -6.27
C THR C 363 -14.20 -30.55 -7.06
N ARG C 364 -15.05 -29.58 -6.78
CA ARG C 364 -16.25 -29.33 -7.60
C ARG C 364 -15.82 -29.14 -9.06
N ILE C 365 -16.58 -29.73 -9.97
CA ILE C 365 -16.19 -29.75 -11.38
C ILE C 365 -16.10 -28.32 -11.92
N GLN C 366 -15.15 -28.11 -12.83
CA GLN C 366 -14.91 -26.83 -13.43
C GLN C 366 -15.41 -26.82 -14.88
N PRO C 367 -15.63 -25.62 -15.44
CA PRO C 367 -16.23 -25.50 -16.79
C PRO C 367 -15.57 -26.29 -17.90
N TYR C 368 -14.23 -26.26 -17.97
CA TYR C 368 -13.52 -26.97 -19.02
C TYR C 368 -13.77 -28.48 -19.03
N TYR C 369 -13.79 -29.09 -17.82
CA TYR C 369 -14.07 -30.52 -17.65
C TYR C 369 -15.56 -30.88 -17.68
N ALA C 370 -16.43 -29.98 -17.25
CA ALA C 370 -17.86 -30.16 -17.43
C ALA C 370 -18.22 -30.31 -18.91
N LEU C 371 -17.60 -29.50 -19.78
CA LEU C 371 -17.87 -29.56 -21.21
C LEU C 371 -17.46 -30.88 -21.87
N GLN C 372 -16.52 -31.59 -21.26
CA GLN C 372 -16.09 -32.91 -21.72
C GLN C 372 -16.88 -34.11 -21.18
N HIS C 373 -17.78 -33.90 -20.22
CA HIS C 373 -18.62 -34.97 -19.64
C HIS C 373 -19.43 -35.72 -20.72
N SER C 374 -19.70 -37.00 -20.47
CA SER C 374 -20.38 -37.88 -21.47
C SER C 374 -21.83 -37.48 -21.80
N PHE C 375 -22.41 -36.64 -20.96
CA PHE C 375 -23.73 -36.08 -21.14
C PHE C 375 -23.78 -35.18 -22.38
N PHE C 376 -22.63 -34.65 -22.80
CA PHE C 376 -22.54 -33.84 -24.02
C PHE C 376 -22.02 -34.55 -25.27
N LYS C 377 -21.53 -35.79 -25.17
CA LYS C 377 -21.05 -36.54 -26.37
C LYS C 377 -22.22 -36.85 -27.36
N LYS C 378 -22.07 -36.40 -28.62
CA LYS C 378 -23.12 -36.30 -29.64
C LYS C 378 -22.74 -37.05 -30.90
N LYS D 31 25.15 -16.42 -19.52
CA LYS D 31 23.87 -15.93 -18.91
C LYS D 31 23.03 -15.24 -19.97
N VAL D 32 21.91 -15.86 -20.33
CA VAL D 32 20.88 -15.24 -21.20
C VAL D 32 19.67 -14.71 -20.40
N TYR D 33 18.97 -13.74 -20.97
CA TYR D 33 17.76 -13.14 -20.35
C TYR D 33 16.61 -13.29 -21.32
N ASN D 34 15.48 -13.77 -20.81
CA ASN D 34 14.25 -13.94 -21.62
C ASN D 34 14.51 -14.83 -22.83
N ASP D 35 15.18 -15.96 -22.61
CA ASP D 35 15.72 -16.82 -23.67
C ASP D 35 16.74 -15.99 -24.54
N GLY D 36 16.63 -15.97 -25.86
CA GLY D 36 17.44 -15.03 -26.67
C GLY D 36 17.49 -13.54 -26.27
N TYR D 37 16.38 -13.01 -25.78
CA TYR D 37 15.74 -11.88 -26.44
C TYR D 37 16.01 -10.53 -25.81
N ASP D 38 16.28 -10.52 -24.51
CA ASP D 38 16.60 -9.30 -23.75
C ASP D 38 18.10 -9.15 -23.44
N ASP D 39 18.53 -7.90 -23.28
CA ASP D 39 19.86 -7.58 -22.73
C ASP D 39 19.85 -7.68 -21.20
N ASP D 40 21.00 -7.42 -20.56
CA ASP D 40 21.12 -7.45 -19.07
C ASP D 40 20.37 -6.32 -18.34
N ASN D 41 19.57 -5.58 -19.10
CA ASN D 41 18.93 -4.36 -18.67
C ASN D 41 17.40 -4.32 -19.01
N TYR D 42 16.83 -5.51 -19.27
CA TYR D 42 15.40 -5.69 -19.59
C TYR D 42 14.88 -5.06 -20.91
N ASP D 43 15.76 -4.53 -21.76
CA ASP D 43 15.35 -4.02 -23.09
C ASP D 43 15.28 -5.19 -24.10
N TYR D 44 14.31 -5.18 -25.02
CA TYR D 44 14.34 -6.13 -26.14
C TYR D 44 15.53 -5.77 -27.06
N ILE D 45 16.34 -6.77 -27.43
CA ILE D 45 17.50 -6.55 -28.31
C ILE D 45 16.99 -6.37 -29.74
N VAL D 46 16.99 -5.12 -30.18
CA VAL D 46 16.42 -4.76 -31.48
C VAL D 46 17.34 -5.22 -32.60
N LYS D 47 16.73 -5.88 -33.61
CA LYS D 47 17.42 -6.40 -34.79
C LYS D 47 16.72 -5.82 -36.02
N ASN D 48 17.46 -5.07 -36.85
CA ASN D 48 16.90 -4.50 -38.08
C ASN D 48 16.50 -5.60 -39.03
N GLY D 49 15.31 -5.49 -39.63
CA GLY D 49 14.80 -6.47 -40.59
C GLY D 49 13.88 -7.53 -40.01
N GLU D 50 13.80 -7.63 -38.69
CA GLU D 50 13.01 -8.68 -38.05
C GLU D 50 11.52 -8.42 -38.28
N LYS D 51 10.75 -9.48 -38.52
CA LYS D 51 9.30 -9.39 -38.77
C LYS D 51 8.60 -9.92 -37.54
N TRP D 52 7.69 -9.14 -36.95
CA TRP D 52 6.93 -9.61 -35.78
C TRP D 52 5.52 -10.02 -36.15
N MET D 53 5.07 -11.12 -35.54
CA MET D 53 3.70 -11.63 -35.68
C MET D 53 3.29 -11.66 -37.13
N ASP D 54 4.26 -11.94 -38.01
CA ASP D 54 4.05 -11.97 -39.44
C ASP D 54 3.30 -10.72 -39.95
N ARG D 55 3.75 -9.54 -39.49
CA ARG D 55 3.04 -8.27 -39.74
C ARG D 55 3.93 -7.02 -39.73
N TYR D 56 4.70 -6.83 -38.66
CA TYR D 56 5.48 -5.61 -38.46
C TYR D 56 6.92 -5.83 -38.84
N GLU D 57 7.39 -5.18 -39.89
CA GLU D 57 8.81 -5.25 -40.25
C GLU D 57 9.59 -4.11 -39.60
N ILE D 58 10.49 -4.49 -38.72
CA ILE D 58 11.29 -3.54 -37.95
C ILE D 58 12.38 -2.94 -38.85
N ASP D 59 12.45 -1.62 -38.91
CA ASP D 59 13.41 -0.90 -39.76
C ASP D 59 14.61 -0.48 -38.96
N SER D 60 14.38 0.30 -37.89
CA SER D 60 15.47 0.87 -37.10
C SER D 60 15.01 1.41 -35.74
N LEU D 61 15.99 1.54 -34.85
CA LEU D 61 15.81 2.12 -33.52
C LEU D 61 15.81 3.64 -33.65
N ILE D 62 14.76 4.31 -33.19
CA ILE D 62 14.64 5.78 -33.29
C ILE D 62 14.57 6.54 -31.97
N GLY D 63 14.55 5.84 -30.85
CA GLY D 63 14.31 6.46 -29.57
C GLY D 63 14.71 5.55 -28.44
N LYS D 64 15.22 6.16 -27.38
CA LYS D 64 15.63 5.45 -26.19
C LYS D 64 15.17 6.23 -24.95
N GLY D 65 14.97 5.50 -23.87
CA GLY D 65 14.57 6.08 -22.61
C GLY D 65 14.48 4.98 -21.56
N SER D 66 13.78 5.26 -20.49
CA SER D 66 14.00 4.50 -19.29
C SER D 66 13.17 3.24 -18.90
N PHE D 67 11.84 3.04 -19.04
CA PHE D 67 10.89 3.04 -20.16
C PHE D 67 11.23 1.94 -21.17
N GLY D 68 12.28 2.11 -21.96
CA GLY D 68 12.63 1.13 -22.98
C GLY D 68 13.03 1.82 -24.26
N GLN D 69 12.47 1.37 -25.38
CA GLN D 69 12.89 1.85 -26.70
C GLN D 69 11.71 2.15 -27.63
N VAL D 70 11.99 2.91 -28.69
CA VAL D 70 11.02 3.18 -29.76
C VAL D 70 11.63 2.80 -31.08
N VAL D 71 10.85 2.14 -31.93
CA VAL D 71 11.33 1.76 -33.25
C VAL D 71 10.43 2.27 -34.37
N LYS D 72 11.04 2.54 -35.52
CA LYS D 72 10.33 2.73 -36.77
C LYS D 72 10.06 1.36 -37.38
N ALA D 73 8.81 1.11 -37.76
CA ALA D 73 8.40 -0.19 -38.34
C ALA D 73 7.32 -0.06 -39.41
N TYR D 74 7.34 -0.98 -40.38
CA TYR D 74 6.32 -1.04 -41.41
C TYR D 74 5.25 -2.09 -41.10
N ASP D 75 3.98 -1.65 -41.10
CA ASP D 75 2.81 -2.50 -40.91
C ASP D 75 2.38 -3.00 -42.29
N ARG D 76 2.65 -4.28 -42.58
CA ARG D 76 2.32 -4.90 -43.87
C ARG D 76 0.83 -4.95 -44.14
N VAL D 77 0.05 -5.14 -43.08
CA VAL D 77 -1.40 -5.25 -43.17
C VAL D 77 -2.03 -3.94 -43.58
N GLU D 78 -1.76 -2.89 -42.81
CA GLU D 78 -2.36 -1.56 -43.05
C GLU D 78 -1.59 -0.76 -44.12
N GLN D 79 -0.36 -1.18 -44.44
CA GLN D 79 0.50 -0.55 -45.46
C GLN D 79 0.92 0.86 -45.10
N GLU D 80 1.38 1.02 -43.87
CA GLU D 80 1.83 2.31 -43.36
C GLU D 80 2.99 2.13 -42.39
N TRP D 81 3.79 3.17 -42.22
CA TRP D 81 4.83 3.23 -41.18
C TRP D 81 4.19 3.52 -39.83
N VAL D 82 4.71 2.87 -38.80
CA VAL D 82 4.31 3.14 -37.40
C VAL D 82 5.52 3.27 -36.49
N ALA D 83 5.32 3.93 -35.36
CA ALA D 83 6.31 4.01 -34.30
C ALA D 83 5.86 3.07 -33.20
N ILE D 84 6.73 2.14 -32.80
CA ILE D 84 6.35 1.19 -31.75
C ILE D 84 7.18 1.45 -30.50
N LYS D 85 6.48 1.64 -29.40
CA LYS D 85 7.12 1.84 -28.09
C LYS D 85 7.23 0.49 -27.36
N ILE D 86 8.45 -0.05 -27.30
CA ILE D 86 8.70 -1.37 -26.68
C ILE D 86 9.14 -1.15 -25.26
N ILE D 87 8.24 -1.50 -24.34
CA ILE D 87 8.50 -1.29 -22.91
C ILE D 87 9.40 -2.40 -22.39
N LYS D 88 10.33 -2.01 -21.53
CA LYS D 88 11.16 -2.98 -20.80
C LYS D 88 10.37 -4.10 -20.14
N ASN D 89 10.96 -5.29 -20.09
CA ASN D 89 10.34 -6.48 -19.51
C ASN D 89 10.61 -6.49 -18.00
N LYS D 90 9.90 -5.63 -17.27
CA LYS D 90 10.17 -5.37 -15.86
C LYS D 90 8.93 -4.73 -15.24
N LYS D 91 8.40 -5.33 -14.18
CA LYS D 91 7.10 -4.95 -13.65
C LYS D 91 6.89 -3.43 -13.56
N ALA D 92 7.89 -2.73 -13.02
CA ALA D 92 7.78 -1.31 -12.74
C ALA D 92 7.43 -0.49 -13.97
N PHE D 93 8.10 -0.78 -15.07
CA PHE D 93 7.88 -0.03 -16.31
C PHE D 93 6.63 -0.46 -17.03
N LEU D 94 6.29 -1.74 -16.92
CA LEU D 94 5.05 -2.27 -17.46
C LEU D 94 3.85 -1.55 -16.86
N ASN D 95 3.82 -1.45 -15.53
CA ASN D 95 2.73 -0.80 -14.82
C ASN D 95 2.67 0.70 -15.15
N GLN D 96 3.82 1.32 -15.37
CA GLN D 96 3.88 2.72 -15.82
C GLN D 96 3.29 2.90 -17.23
N ALA D 97 3.61 2.01 -18.15
CA ALA D 97 3.06 2.05 -19.51
C ALA D 97 1.54 1.78 -19.58
N GLN D 98 1.03 0.96 -18.66
CA GLN D 98 -0.40 0.71 -18.57
C GLN D 98 -1.19 1.95 -18.12
N ILE D 99 -0.59 2.81 -17.30
CA ILE D 99 -1.11 4.15 -17.05
C ILE D 99 -1.21 4.91 -18.39
N GLU D 100 -0.12 4.94 -19.15
CA GLU D 100 -0.12 5.63 -20.44
C GLU D 100 -1.20 5.08 -21.36
N VAL D 101 -1.31 3.76 -21.43
CA VAL D 101 -2.36 3.13 -22.25
C VAL D 101 -3.76 3.55 -21.79
N ARG D 102 -3.99 3.52 -20.49
CA ARG D 102 -5.30 3.84 -19.94
C ARG D 102 -5.71 5.30 -20.27
N LEU D 103 -4.77 6.24 -20.17
CA LEU D 103 -5.04 7.66 -20.45
C LEU D 103 -5.32 7.92 -21.92
N LEU D 104 -4.55 7.28 -22.81
CA LEU D 104 -4.73 7.42 -24.27
C LEU D 104 -6.07 6.86 -24.74
N GLU D 105 -6.44 5.70 -24.19
CA GLU D 105 -7.72 5.06 -24.53
C GLU D 105 -8.91 5.88 -24.02
N LEU D 106 -8.71 6.55 -22.89
CA LEU D 106 -9.69 7.44 -22.31
C LEU D 106 -9.90 8.65 -23.21
N MET D 107 -8.80 9.24 -23.68
CA MET D 107 -8.87 10.34 -24.66
C MET D 107 -9.59 9.89 -25.94
N ASN D 108 -9.32 8.67 -26.36
CA ASN D 108 -9.86 8.11 -27.61
C ASN D 108 -11.36 8.00 -27.72
N LYS D 109 -12.03 7.81 -26.60
CA LYS D 109 -13.47 7.67 -26.66
C LYS D 109 -14.24 9.00 -26.77
N HIS D 110 -13.51 10.13 -26.82
CA HIS D 110 -14.13 11.45 -27.01
C HIS D 110 -14.24 11.86 -28.46
N ASP D 111 -15.40 12.41 -28.82
CA ASP D 111 -15.80 12.65 -30.20
C ASP D 111 -15.08 13.82 -30.88
N THR D 112 -14.62 14.81 -30.11
CA THR D 112 -14.16 16.10 -30.68
C THR D 112 -12.91 16.06 -31.58
N GLU D 113 -12.80 17.10 -32.42
CA GLU D 113 -11.68 17.29 -33.35
C GLU D 113 -10.40 17.81 -32.65
N MET D 114 -10.54 18.28 -31.41
CA MET D 114 -9.40 18.75 -30.63
C MET D 114 -8.42 17.64 -30.20
N LYS D 115 -8.87 16.38 -30.17
CA LYS D 115 -7.97 15.28 -29.79
C LYS D 115 -6.84 14.98 -30.80
N TYR D 116 -6.92 15.56 -32.00
CA TYR D 116 -5.88 15.37 -33.02
C TYR D 116 -4.55 16.01 -32.69
N TYR D 117 -4.53 16.92 -31.71
CA TYR D 117 -3.28 17.46 -31.21
C TYR D 117 -2.56 16.59 -30.16
N ILE D 118 -3.12 15.42 -29.89
CA ILE D 118 -2.47 14.36 -29.11
C ILE D 118 -2.11 13.20 -30.04
N VAL D 119 -0.91 12.67 -29.87
CA VAL D 119 -0.47 11.50 -30.65
C VAL D 119 -1.43 10.32 -30.45
N HIS D 120 -1.77 9.64 -31.54
CA HIS D 120 -2.79 8.62 -31.52
C HIS D 120 -2.21 7.21 -31.32
N LEU D 121 -2.65 6.55 -30.25
CA LEU D 121 -2.39 5.14 -30.03
C LEU D 121 -3.34 4.28 -30.87
N LYS D 122 -2.80 3.45 -31.76
CA LYS D 122 -3.59 2.64 -32.71
C LYS D 122 -4.05 1.31 -32.10
N ARG D 123 -3.11 0.61 -31.44
CA ARG D 123 -3.38 -0.60 -30.66
C ARG D 123 -2.15 -0.96 -29.78
N HIS D 124 -2.33 -1.97 -28.92
CA HIS D 124 -1.21 -2.50 -28.16
C HIS D 124 -1.31 -4.01 -28.07
N PHE D 125 -0.20 -4.63 -27.74
CA PHE D 125 -0.10 -6.07 -27.63
C PHE D 125 1.15 -6.46 -26.84
N MET D 126 1.14 -7.67 -26.29
CA MET D 126 2.33 -8.26 -25.69
C MET D 126 3.08 -9.02 -26.76
N PHE D 127 4.40 -8.85 -26.77
CA PHE D 127 5.27 -9.56 -27.70
C PHE D 127 6.54 -9.98 -26.96
N ARG D 128 6.73 -11.30 -26.83
CA ARG D 128 7.90 -11.86 -26.15
C ARG D 128 8.15 -11.20 -24.77
N ASN D 129 7.07 -11.10 -23.99
CA ASN D 129 7.08 -10.51 -22.64
C ASN D 129 7.34 -8.99 -22.52
N HIS D 130 7.16 -8.26 -23.63
CA HIS D 130 7.25 -6.81 -23.67
C HIS D 130 5.91 -6.22 -24.12
N LEU D 131 5.38 -5.30 -23.34
CA LEU D 131 4.25 -4.49 -23.80
C LEU D 131 4.69 -3.54 -24.92
N CYS D 132 3.93 -3.55 -26.02
CA CYS D 132 4.24 -2.77 -27.22
C CYS D 132 3.10 -1.83 -27.59
N LEU D 133 3.34 -0.52 -27.55
CA LEU D 133 2.33 0.46 -27.96
C LEU D 133 2.64 0.92 -29.40
N VAL D 134 1.64 0.77 -30.28
CA VAL D 134 1.73 1.16 -31.68
C VAL D 134 1.12 2.53 -31.89
N PHE D 135 1.97 3.50 -32.26
CA PHE D 135 1.54 4.87 -32.53
C PHE D 135 1.68 5.18 -34.02
N GLU D 136 0.88 6.13 -34.50
CA GLU D 136 1.12 6.78 -35.78
C GLU D 136 2.57 7.31 -35.81
N MET D 137 3.20 7.28 -37.00
CA MET D 137 4.59 7.73 -37.15
C MET D 137 4.61 9.22 -37.36
N LEU D 138 5.43 9.92 -36.59
CA LEU D 138 5.53 11.38 -36.67
C LEU D 138 6.93 11.79 -37.17
N SER D 139 7.17 13.09 -37.30
CA SER D 139 8.47 13.61 -37.74
C SER D 139 9.35 14.04 -36.55
N TYR D 140 10.22 15.06 -36.73
CA TYR D 140 11.06 15.51 -35.62
C TYR D 140 10.34 16.42 -34.65
N ASN D 141 10.93 16.52 -33.46
CA ASN D 141 10.43 17.36 -32.37
C ASN D 141 10.93 18.81 -32.45
N LEU D 142 10.35 19.66 -31.64
CA LEU D 142 10.65 21.08 -31.68
C LEU D 142 12.01 21.42 -31.13
N TYR D 143 12.66 20.51 -30.41
CA TYR D 143 14.06 20.73 -30.06
C TYR D 143 14.96 20.58 -31.29
N ASP D 144 14.78 19.50 -32.05
CA ASP D 144 15.50 19.29 -33.30
C ASP D 144 15.35 20.47 -34.26
N LEU D 145 14.15 21.07 -34.26
CA LEU D 145 13.85 22.22 -35.10
C LEU D 145 14.72 23.40 -34.72
N LEU D 146 14.81 23.68 -33.42
CA LEU D 146 15.70 24.74 -32.93
C LEU D 146 17.17 24.45 -33.26
N ARG D 147 17.59 23.18 -33.18
CA ARG D 147 18.98 22.83 -33.49
C ARG D 147 19.28 23.27 -34.94
N ASN D 148 18.35 23.08 -35.87
CA ASN D 148 18.55 23.46 -37.30
C ASN D 148 18.58 24.98 -37.58
N THR D 149 18.09 25.78 -36.64
CA THR D 149 18.22 27.24 -36.66
C THR D 149 19.50 27.74 -35.97
N ASN D 150 20.38 26.81 -35.52
CA ASN D 150 21.44 27.14 -34.56
C ASN D 150 20.96 27.93 -33.38
N PHE D 151 19.81 27.51 -32.86
CA PHE D 151 19.24 28.11 -31.66
C PHE D 151 19.06 29.63 -31.80
N ARG D 152 18.60 30.03 -32.99
CA ARG D 152 18.30 31.41 -33.31
C ARG D 152 16.77 31.61 -33.41
N GLY D 153 16.00 30.53 -33.38
CA GLY D 153 14.55 30.63 -33.25
C GLY D 153 13.85 30.67 -34.59
N VAL D 154 12.56 30.35 -34.56
CA VAL D 154 11.69 30.39 -35.73
C VAL D 154 10.84 31.66 -35.70
N SER D 155 10.24 32.00 -36.84
CA SER D 155 9.44 33.22 -36.98
C SER D 155 8.27 33.26 -35.97
N LEU D 156 7.73 34.46 -35.79
CA LEU D 156 6.63 34.70 -34.89
C LEU D 156 5.34 34.13 -35.47
N ASN D 157 5.26 34.11 -36.79
CA ASN D 157 4.14 33.49 -37.48
C ASN D 157 4.07 32.00 -37.20
N LEU D 158 5.23 31.36 -37.20
CA LEU D 158 5.30 29.94 -36.91
C LEU D 158 5.09 29.66 -35.41
N THR D 159 5.70 30.51 -34.57
CA THR D 159 5.47 30.43 -33.13
C THR D 159 3.96 30.49 -32.83
N ARG D 160 3.25 31.40 -33.51
CA ARG D 160 1.80 31.53 -33.35
C ARG D 160 1.03 30.25 -33.68
N LYS D 161 1.38 29.64 -34.81
CA LYS D 161 0.72 28.40 -35.22
C LYS D 161 0.89 27.31 -34.16
N PHE D 162 2.11 27.18 -33.64
CA PHE D 162 2.38 26.24 -32.56
C PHE D 162 1.61 26.60 -31.28
N ALA D 163 1.60 27.89 -30.95
CA ALA D 163 0.91 28.37 -29.76
C ALA D 163 -0.57 28.05 -29.81
N GLN D 164 -1.19 28.26 -30.97
CA GLN D 164 -2.63 28.02 -31.10
C GLN D 164 -2.99 26.56 -30.97
N GLN D 165 -2.20 25.69 -31.57
CA GLN D 165 -2.47 24.26 -31.51
C GLN D 165 -2.30 23.72 -30.09
N MET D 166 -1.27 24.21 -29.40
CA MET D 166 -1.00 23.79 -28.02
C MET D 166 -2.07 24.24 -27.03
N CYS D 167 -2.56 25.46 -27.23
CA CYS D 167 -3.69 25.96 -26.43
C CYS D 167 -4.93 25.09 -26.62
N THR D 168 -5.18 24.67 -27.87
CA THR D 168 -6.26 23.75 -28.17
C THR D 168 -6.06 22.39 -27.49
N ALA D 169 -4.83 21.89 -27.51
CA ALA D 169 -4.54 20.60 -26.89
C ALA D 169 -4.78 20.64 -25.40
N LEU D 170 -4.33 21.72 -24.77
CA LEU D 170 -4.55 21.92 -23.34
C LEU D 170 -6.03 22.06 -23.00
N LEU D 171 -6.81 22.66 -23.89
CA LEU D 171 -8.26 22.74 -23.72
C LEU D 171 -8.89 21.36 -23.71
N PHE D 172 -8.41 20.50 -24.60
CA PHE D 172 -8.91 19.14 -24.69
C PHE D 172 -8.61 18.34 -23.43
N LEU D 173 -7.35 18.41 -22.99
CA LEU D 173 -6.94 17.78 -21.72
C LEU D 173 -7.72 18.28 -20.52
N ALA D 174 -8.15 19.54 -20.60
CA ALA D 174 -8.96 20.15 -19.56
C ALA D 174 -10.41 19.74 -19.57
N THR D 175 -10.90 19.08 -20.61
CA THR D 175 -12.31 18.66 -20.60
C THR D 175 -12.55 17.85 -19.30
N PRO D 176 -13.61 18.19 -18.56
CA PRO D 176 -13.83 17.74 -17.17
C PRO D 176 -13.62 16.26 -16.90
N GLU D 177 -14.16 15.43 -17.77
CA GLU D 177 -14.08 13.98 -17.64
C GLU D 177 -12.65 13.42 -17.80
N LEU D 178 -11.75 14.21 -18.40
CA LEU D 178 -10.34 13.85 -18.51
C LEU D 178 -9.53 14.48 -17.40
N SER D 179 -9.47 15.82 -17.40
CA SER D 179 -8.71 16.58 -16.40
C SER D 179 -7.28 16.07 -16.30
N ILE D 180 -6.61 15.96 -17.45
CA ILE D 180 -5.29 15.38 -17.52
C ILE D 180 -4.21 16.44 -17.44
N ILE D 181 -3.21 16.19 -16.60
CA ILE D 181 -2.02 17.01 -16.52
C ILE D 181 -0.84 16.24 -17.12
N HIS D 182 -0.23 16.81 -18.15
CA HIS D 182 0.86 16.14 -18.85
C HIS D 182 2.10 16.03 -17.96
N CYS D 183 2.41 17.10 -17.23
CA CYS D 183 3.51 17.11 -16.23
C CYS D 183 4.92 17.12 -16.80
N ASP D 184 5.09 17.30 -18.10
CA ASP D 184 6.43 17.26 -18.72
C ASP D 184 6.50 17.84 -20.11
N LEU D 185 5.82 18.97 -20.32
CA LEU D 185 5.88 19.64 -21.60
C LEU D 185 7.20 20.33 -21.76
N LYS D 186 7.79 20.12 -22.93
CA LYS D 186 9.04 20.72 -23.32
C LYS D 186 9.17 20.49 -24.83
N PRO D 187 10.04 21.26 -25.50
CA PRO D 187 10.16 21.11 -26.95
C PRO D 187 10.36 19.66 -27.41
N GLU D 188 11.21 18.90 -26.72
CA GLU D 188 11.40 17.45 -26.97
C GLU D 188 10.13 16.61 -27.14
N ASN D 189 9.09 16.94 -26.38
CA ASN D 189 7.84 16.17 -26.37
C ASN D 189 6.73 16.74 -27.23
N ILE D 190 7.07 17.66 -28.14
CA ILE D 190 6.12 18.19 -29.12
C ILE D 190 6.71 17.94 -30.50
N LEU D 191 6.02 17.15 -31.31
CA LEU D 191 6.58 16.69 -32.58
C LEU D 191 5.79 17.24 -33.75
N LEU D 192 6.49 17.52 -34.85
CA LEU D 192 5.85 17.81 -36.14
C LEU D 192 5.25 16.53 -36.71
N CYS D 193 4.09 16.64 -37.37
CA CYS D 193 3.50 15.52 -38.08
C CYS D 193 4.26 15.24 -39.34
N ASN D 194 4.62 16.32 -40.04
CA ASN D 194 5.29 16.28 -41.32
C ASN D 194 6.39 17.36 -41.27
N PRO D 195 7.61 17.05 -41.77
CA PRO D 195 8.73 18.01 -41.66
C PRO D 195 8.57 19.37 -42.37
N LYS D 196 7.74 19.42 -43.43
CA LYS D 196 7.49 20.64 -44.21
C LYS D 196 6.17 21.34 -43.85
N ARG D 197 5.53 20.95 -42.75
CA ARG D 197 4.24 21.53 -42.33
C ARG D 197 4.32 21.88 -40.86
N SER D 198 3.37 22.71 -40.42
CA SER D 198 3.34 23.21 -39.05
C SER D 198 2.43 22.43 -38.07
N ALA D 199 1.75 21.39 -38.55
CA ALA D 199 0.93 20.56 -37.66
C ALA D 199 1.80 19.87 -36.59
N ILE D 200 1.39 19.96 -35.33
CA ILE D 200 2.11 19.33 -34.23
C ILE D 200 1.23 18.52 -33.29
N LYS D 201 1.88 17.64 -32.51
CA LYS D 201 1.23 16.81 -31.50
C LYS D 201 2.10 16.66 -30.26
N ILE D 202 1.44 16.39 -29.13
CA ILE D 202 2.10 16.11 -27.86
C ILE D 202 2.27 14.60 -27.73
N VAL D 203 3.42 14.19 -27.21
CA VAL D 203 3.71 12.77 -27.00
C VAL D 203 4.08 12.51 -25.55
N ASP D 204 4.07 11.22 -25.20
CA ASP D 204 4.57 10.68 -23.93
C ASP D 204 3.72 11.08 -22.73
N PHE D 205 2.70 10.27 -22.48
CA PHE D 205 1.87 10.43 -21.29
C PHE D 205 2.23 9.46 -20.16
N GLY D 206 3.46 8.93 -20.19
CA GLY D 206 3.97 8.10 -19.10
C GLY D 206 4.17 8.80 -17.78
N SER D 207 4.50 10.09 -17.82
CA SER D 207 4.65 10.90 -16.60
C SER D 207 3.37 11.58 -16.12
N SER D 208 2.25 11.35 -16.81
CA SER D 208 1.07 12.16 -16.63
C SER D 208 0.26 11.69 -15.48
N CYS D 209 -0.72 12.50 -15.10
CA CYS D 209 -1.71 12.11 -14.10
C CYS D 209 -2.99 12.92 -14.31
N GLN D 210 -4.01 12.57 -13.54
CA GLN D 210 -5.29 13.30 -13.55
C GLN D 210 -5.38 14.17 -12.31
N LEU D 211 -6.20 15.20 -12.41
CA LEU D 211 -6.50 16.07 -11.27
C LEU D 211 -6.96 15.27 -10.07
N GLY D 212 -6.42 15.63 -8.91
CA GLY D 212 -6.86 15.11 -7.64
C GLY D 212 -5.61 14.94 -6.80
N GLN D 213 -5.23 13.68 -6.57
CA GLN D 213 -4.25 13.34 -5.56
C GLN D 213 -2.87 13.98 -5.91
N ARG D 214 -2.27 14.58 -4.88
CA ARG D 214 -0.94 15.13 -4.92
C ARG D 214 0.01 13.95 -4.59
N ILE D 215 0.13 12.96 -5.47
CA ILE D 215 1.00 11.81 -5.22
C ILE D 215 2.39 12.36 -5.41
N TYR D 216 2.63 12.84 -6.63
CA TYR D 216 3.94 13.28 -7.05
C TYR D 216 4.21 14.70 -6.57
N GLN D 217 5.47 14.98 -6.23
CA GLN D 217 5.90 16.37 -5.93
C GLN D 217 7.07 16.92 -6.77
N PTR D 218 8.04 16.08 -7.12
CA PTR D 218 9.17 16.47 -7.96
C PTR D 218 8.81 16.17 -9.39
O PTR D 218 9.12 15.10 -9.90
CB PTR D 218 10.38 15.67 -7.50
CG PTR D 218 11.71 16.05 -8.11
CD1 PTR D 218 12.33 17.25 -7.73
CD2 PTR D 218 12.36 15.20 -9.01
CE1 PTR D 218 13.57 17.58 -8.28
CE2 PTR D 218 13.59 15.54 -9.56
CZ PTR D 218 14.21 16.74 -9.20
OH PTR D 218 15.46 17.09 -9.69
P PTR D 218 15.72 17.95 -11.02
O1P PTR D 218 17.14 17.62 -11.31
O2P PTR D 218 14.74 17.34 -12.00
O3P PTR D 218 15.44 19.39 -10.68
N ILE D 219 8.15 17.12 -10.05
CA ILE D 219 7.63 16.94 -11.42
C ILE D 219 8.01 18.10 -12.32
N GLN D 220 7.82 17.88 -13.62
CA GLN D 220 8.17 18.82 -14.69
C GLN D 220 9.69 18.86 -14.90
N SER D 221 10.11 18.96 -16.16
CA SER D 221 11.52 19.29 -16.47
C SER D 221 11.91 20.63 -15.86
N ARG D 222 13.11 20.71 -15.30
CA ARG D 222 13.51 21.85 -14.49
C ARG D 222 13.25 23.22 -15.14
N PHE D 223 13.69 23.40 -16.39
CA PHE D 223 13.53 24.68 -17.10
C PHE D 223 12.05 25.13 -17.24
N TYR D 224 11.14 24.16 -17.25
CA TYR D 224 9.71 24.34 -17.52
C TYR D 224 8.86 24.12 -16.28
N ARG D 225 9.52 24.07 -15.12
CA ARG D 225 8.88 23.74 -13.85
C ARG D 225 8.24 24.99 -13.27
N SER D 226 7.00 24.85 -12.81
CA SER D 226 6.20 25.98 -12.34
C SER D 226 6.53 26.38 -10.91
N PRO D 227 6.19 27.63 -10.54
CA PRO D 227 6.55 28.09 -9.20
C PRO D 227 5.80 27.36 -8.10
N GLU D 228 4.53 27.01 -8.32
CA GLU D 228 3.80 26.20 -7.34
C GLU D 228 4.47 24.86 -7.04
N VAL D 229 5.08 24.25 -8.06
CA VAL D 229 5.84 23.01 -7.86
C VAL D 229 7.17 23.26 -7.11
N LEU D 230 7.91 24.28 -7.52
CA LEU D 230 9.14 24.69 -6.82
C LEU D 230 8.93 25.03 -5.34
N LEU D 231 7.78 25.64 -5.03
CA LEU D 231 7.42 26.04 -3.67
C LEU D 231 6.78 24.92 -2.80
N GLY D 232 6.53 23.75 -3.37
CA GLY D 232 5.95 22.62 -2.66
C GLY D 232 4.48 22.78 -2.36
N MET D 233 3.78 23.51 -3.23
CA MET D 233 2.36 23.84 -3.06
C MET D 233 1.41 22.87 -3.82
N PRO D 234 0.08 22.93 -3.55
CA PRO D 234 -0.85 22.22 -4.41
C PRO D 234 -0.76 22.70 -5.86
N TYR D 235 -1.07 21.81 -6.79
CA TYR D 235 -1.02 22.14 -8.21
C TYR D 235 -2.15 21.49 -8.98
N ASP D 236 -2.35 21.98 -10.20
CA ASP D 236 -3.46 21.57 -11.06
C ASP D 236 -3.05 21.69 -12.53
N LEU D 237 -4.02 21.73 -13.45
CA LEU D 237 -3.74 21.78 -14.89
C LEU D 237 -2.99 23.04 -15.33
N ALA D 238 -3.03 24.09 -14.49
CA ALA D 238 -2.35 25.34 -14.78
C ALA D 238 -0.84 25.18 -14.89
N ILE D 239 -0.25 24.15 -14.29
CA ILE D 239 1.21 23.96 -14.43
C ILE D 239 1.62 23.72 -15.89
N ASP D 240 0.75 23.12 -16.70
CA ASP D 240 1.06 22.89 -18.12
C ASP D 240 1.09 24.23 -18.89
N MET D 241 0.24 25.17 -18.49
CA MET D 241 0.22 26.48 -19.13
C MET D 241 1.50 27.26 -18.85
N TRP D 242 2.03 27.14 -17.64
CA TRP D 242 3.31 27.74 -17.32
C TRP D 242 4.38 27.22 -18.28
N SER D 243 4.44 25.91 -18.41
CA SER D 243 5.42 25.28 -19.28
C SER D 243 5.27 25.84 -20.67
N LEU D 244 4.04 25.92 -21.15
CA LEU D 244 3.79 26.44 -22.49
C LEU D 244 4.35 27.87 -22.65
N GLY D 245 4.13 28.72 -21.65
CA GLY D 245 4.70 30.05 -21.65
C GLY D 245 6.20 30.06 -21.91
N CYS D 246 6.92 29.21 -21.19
CA CYS D 246 8.37 29.11 -21.32
C CYS D 246 8.76 28.58 -22.70
N ILE D 247 7.98 27.64 -23.19
CA ILE D 247 8.26 27.00 -24.47
C ILE D 247 8.13 27.98 -25.65
N LEU D 248 7.05 28.76 -25.67
CA LEU D 248 6.77 29.63 -26.82
C LEU D 248 7.80 30.74 -26.96
N VAL D 249 8.26 31.27 -25.83
CA VAL D 249 9.34 32.24 -25.84
C VAL D 249 10.62 31.59 -26.41
N GLU D 250 10.93 30.38 -25.93
CA GLU D 250 12.13 29.66 -26.37
C GLU D 250 12.10 29.32 -27.87
N MET D 251 10.91 29.06 -28.43
CA MET D 251 10.78 28.79 -29.86
C MET D 251 11.15 29.99 -30.71
N HIS D 252 10.83 31.20 -30.24
CA HIS D 252 11.15 32.39 -31.00
C HIS D 252 12.58 32.92 -30.78
N THR D 253 13.12 32.77 -29.58
CA THR D 253 14.49 33.22 -29.26
C THR D 253 15.54 32.18 -29.60
N GLY D 254 15.12 30.91 -29.58
CA GLY D 254 16.02 29.76 -29.74
C GLY D 254 16.67 29.26 -28.46
N GLU D 255 16.34 29.88 -27.34
CA GLU D 255 17.09 29.73 -26.12
C GLU D 255 16.10 29.54 -24.98
N PRO D 256 16.44 28.73 -23.98
CA PRO D 256 15.47 28.55 -22.90
C PRO D 256 15.34 29.83 -22.08
N LEU D 257 14.11 30.16 -21.72
CA LEU D 257 13.83 31.38 -20.97
C LEU D 257 14.46 31.32 -19.59
N PHE D 258 14.26 30.19 -18.90
CA PHE D 258 14.71 30.00 -17.53
C PHE D 258 15.58 28.75 -17.41
N SER D 259 16.88 28.89 -17.62
CA SER D 259 17.80 27.76 -17.68
C SER D 259 18.55 27.52 -16.34
N GLY D 260 17.83 27.01 -15.34
CA GLY D 260 18.39 26.81 -14.02
C GLY D 260 19.27 25.57 -13.92
N ALA D 261 20.43 25.70 -13.30
CA ALA D 261 21.32 24.56 -12.99
C ALA D 261 20.82 23.69 -11.81
N ASN D 262 20.05 24.29 -10.91
CA ASN D 262 19.41 23.62 -9.77
C ASN D 262 18.16 24.42 -9.40
N GLU D 263 17.42 23.98 -8.36
CA GLU D 263 16.14 24.62 -8.04
C GLU D 263 16.30 26.06 -7.54
N VAL D 264 17.34 26.36 -6.76
CA VAL D 264 17.58 27.74 -6.33
C VAL D 264 17.86 28.66 -7.53
N ASP D 265 18.77 28.23 -8.40
CA ASP D 265 19.11 28.99 -9.60
C ASP D 265 17.89 29.16 -10.53
N GLN D 266 17.07 28.12 -10.63
CA GLN D 266 15.85 28.16 -11.42
C GLN D 266 14.90 29.24 -10.93
N MET D 267 14.69 29.32 -9.61
CA MET D 267 13.78 30.32 -9.03
C MET D 267 14.39 31.72 -9.20
N ASN D 268 15.69 31.88 -9.01
CA ASN D 268 16.33 33.17 -9.19
C ASN D 268 16.22 33.71 -10.61
N LYS D 269 16.33 32.81 -11.59
CA LYS D 269 16.16 33.20 -12.99
C LYS D 269 14.73 33.62 -13.32
N ILE D 270 13.75 32.97 -12.70
CA ILE D 270 12.33 33.35 -12.81
C ILE D 270 12.13 34.76 -12.24
N VAL D 271 12.68 34.99 -11.05
CA VAL D 271 12.55 36.26 -10.33
C VAL D 271 13.21 37.41 -11.08
N GLU D 272 14.33 37.16 -11.75
CA GLU D 272 15.00 38.16 -12.61
C GLU D 272 14.04 38.81 -13.62
N VAL D 273 13.10 38.03 -14.14
CA VAL D 273 12.15 38.49 -15.16
C VAL D 273 10.85 39.02 -14.56
N LEU D 274 10.30 38.29 -13.58
CA LEU D 274 8.93 38.48 -13.08
C LEU D 274 8.82 39.04 -11.67
N GLY D 275 9.95 39.37 -11.06
CA GLY D 275 9.96 39.97 -9.72
C GLY D 275 9.67 38.99 -8.62
N ILE D 276 9.59 39.51 -7.39
CA ILE D 276 9.31 38.70 -6.20
C ILE D 276 7.85 38.25 -6.30
N PRO D 277 7.57 36.95 -6.06
CA PRO D 277 6.16 36.51 -6.12
C PRO D 277 5.36 37.13 -4.97
N PRO D 278 4.02 37.29 -5.13
CA PRO D 278 3.19 37.95 -4.12
C PRO D 278 3.30 37.35 -2.71
N ALA D 279 3.09 38.18 -1.70
CA ALA D 279 3.18 37.74 -0.31
C ALA D 279 2.18 36.61 0.05
N HIS D 280 0.93 36.71 -0.45
CA HIS D 280 -0.12 35.75 -0.07
C HIS D 280 0.21 34.33 -0.52
N ILE D 281 0.93 34.21 -1.64
CA ILE D 281 1.45 32.91 -2.10
C ILE D 281 2.59 32.42 -1.20
N LEU D 282 3.63 33.23 -1.03
CA LEU D 282 4.78 32.82 -0.22
C LEU D 282 4.46 32.51 1.24
N ASP D 283 3.43 33.18 1.80
CA ASP D 283 2.95 32.88 3.16
C ASP D 283 2.46 31.44 3.35
N GLN D 284 2.03 30.80 2.27
CA GLN D 284 1.53 29.42 2.30
C GLN D 284 2.48 28.36 1.73
N ALA D 285 3.57 28.76 1.09
CA ALA D 285 4.55 27.82 0.51
C ALA D 285 5.35 27.09 1.59
N PRO D 286 5.28 25.74 1.64
CA PRO D 286 6.18 24.98 2.50
C PRO D 286 7.66 25.20 2.24
N LYS D 287 8.06 25.30 0.96
CA LYS D 287 9.47 25.49 0.59
C LYS D 287 9.82 26.99 0.31
N ALA D 288 9.03 27.91 0.85
CA ALA D 288 9.29 29.36 0.74
C ALA D 288 10.71 29.72 1.14
N ARG D 289 11.14 29.20 2.29
CA ARG D 289 12.46 29.53 2.84
C ARG D 289 13.65 28.84 2.17
N LYS D 290 13.42 27.96 1.22
CA LYS D 290 14.49 27.48 0.35
C LYS D 290 15.05 28.62 -0.50
N PHE D 291 14.18 29.55 -0.92
CA PHE D 291 14.56 30.66 -1.82
C PHE D 291 14.48 32.07 -1.23
N PHE D 292 13.64 32.26 -0.20
CA PHE D 292 13.29 33.58 0.30
C PHE D 292 13.37 33.69 1.83
N GLU D 293 13.30 34.92 2.32
CA GLU D 293 13.16 35.19 3.76
C GLU D 293 12.14 36.32 3.97
N LYS D 294 11.38 36.22 5.06
CA LYS D 294 10.36 37.20 5.42
C LYS D 294 10.97 38.23 6.38
N LEU D 295 10.98 39.49 5.95
CA LEU D 295 11.57 40.58 6.73
C LEU D 295 10.69 40.90 7.93
N PRO D 296 11.25 41.62 8.95
CA PRO D 296 10.41 41.92 10.11
C PRO D 296 9.06 42.63 9.82
N ASP D 297 8.98 43.40 8.73
CA ASP D 297 7.74 44.11 8.33
C ASP D 297 6.69 43.28 7.56
N GLY D 298 6.94 41.99 7.31
CA GLY D 298 6.01 41.11 6.59
C GLY D 298 6.28 40.90 5.11
N THR D 299 7.13 41.74 4.52
CA THR D 299 7.48 41.64 3.09
C THR D 299 8.60 40.61 2.88
N TRP D 300 8.61 40.01 1.69
CA TRP D 300 9.55 38.94 1.34
C TRP D 300 10.68 39.44 0.42
N ASN D 301 11.87 38.90 0.65
CA ASN D 301 13.06 39.12 -0.20
C ASN D 301 13.70 37.81 -0.60
N LEU D 302 14.61 37.86 -1.57
CA LEU D 302 15.51 36.73 -1.84
C LEU D 302 16.52 36.47 -0.71
N LYS D 303 16.98 35.21 -0.60
CA LYS D 303 18.10 34.85 0.30
C LYS D 303 19.44 35.28 -0.32
N LYS D 304 20.35 35.87 0.46
CA LYS D 304 21.73 36.12 -0.02
C LYS D 304 22.56 34.80 0.04
N THR D 305 22.98 34.25 -1.12
CA THR D 305 23.60 32.86 -1.20
C THR D 305 25.12 32.77 -1.59
N LYS D 306 25.71 31.58 -1.88
CA LYS D 306 25.23 30.21 -1.57
C LYS D 306 25.67 29.78 -0.18
N GLU D 311 25.94 37.81 -8.53
CA GLU D 311 25.59 36.95 -9.65
C GLU D 311 24.30 37.38 -10.40
N TYR D 312 23.16 37.50 -9.71
CA TYR D 312 21.88 37.79 -10.40
C TYR D 312 21.53 39.26 -10.58
N LYS D 313 20.70 39.53 -11.58
CA LYS D 313 20.18 40.87 -11.88
C LYS D 313 19.04 41.14 -10.91
N PRO D 314 18.86 42.41 -10.50
CA PRO D 314 17.83 42.67 -9.47
C PRO D 314 16.40 42.26 -9.88
N PRO D 315 15.57 41.87 -8.89
CA PRO D 315 14.18 41.41 -9.11
C PRO D 315 13.39 42.19 -10.16
N GLY D 316 12.98 41.50 -11.22
CA GLY D 316 12.13 42.09 -12.28
C GLY D 316 12.78 43.02 -13.29
N THR D 317 14.12 43.11 -13.28
CA THR D 317 14.86 44.05 -14.15
C THR D 317 15.23 43.47 -15.52
N ARG D 318 15.23 42.15 -15.64
CA ARG D 318 15.42 41.46 -16.93
C ARG D 318 14.08 41.34 -17.70
N LYS D 319 13.62 42.47 -18.23
CA LYS D 319 12.27 42.58 -18.75
C LYS D 319 12.07 41.69 -19.97
N LEU D 320 10.92 41.01 -20.00
CA LEU D 320 10.51 40.22 -21.17
C LEU D 320 10.46 41.08 -22.44
N HIS D 321 10.03 42.34 -22.28
CA HIS D 321 10.08 43.37 -23.32
C HIS D 321 11.38 43.33 -24.14
N ASN D 322 12.51 43.33 -23.44
CA ASN D 322 13.85 43.30 -24.07
C ASN D 322 14.29 41.91 -24.54
N ILE D 323 13.87 40.86 -23.84
CA ILE D 323 14.20 39.50 -24.24
C ILE D 323 13.63 39.19 -25.63
N LEU D 324 12.37 39.59 -25.87
CA LEU D 324 11.72 39.43 -27.18
C LEU D 324 12.18 40.46 -28.20
N GLY D 325 12.67 41.62 -27.73
CA GLY D 325 13.11 42.68 -28.60
C GLY D 325 11.96 43.40 -29.27
N VAL D 326 10.92 43.71 -28.49
CA VAL D 326 9.65 44.27 -29.00
C VAL D 326 9.89 45.51 -29.86
N GLU D 327 10.70 46.43 -29.34
CA GLU D 327 11.00 47.69 -30.02
C GLU D 327 12.37 47.71 -30.72
N THR D 328 13.13 46.60 -30.64
CA THR D 328 14.50 46.52 -31.15
C THR D 328 14.70 45.45 -32.24
N GLY D 329 13.64 45.15 -33.01
CA GLY D 329 13.75 44.25 -34.16
C GLY D 329 13.89 42.77 -33.82
N GLY D 330 13.31 42.36 -32.69
CA GLY D 330 13.28 40.96 -32.30
C GLY D 330 14.52 40.53 -31.55
N PRO D 331 14.58 39.24 -31.17
CA PRO D 331 15.72 38.68 -30.43
C PRO D 331 17.04 38.85 -31.19
N GLY D 332 18.02 39.52 -30.56
CA GLY D 332 19.29 39.87 -31.22
C GLY D 332 19.18 40.86 -32.39
N GLY D 333 18.04 41.54 -32.51
CA GLY D 333 17.75 42.37 -33.67
C GLY D 333 17.64 41.64 -35.00
N ARG D 334 17.49 40.31 -34.97
CA ARG D 334 17.56 39.48 -36.18
C ARG D 334 16.28 39.47 -37.02
N ARG D 335 15.18 40.08 -36.54
CA ARG D 335 13.92 40.15 -37.30
C ARG D 335 13.61 41.58 -37.81
N ALA D 336 14.57 42.51 -37.68
CA ALA D 336 14.41 43.87 -38.21
C ALA D 336 14.08 43.84 -39.71
N GLY D 337 12.96 44.45 -40.08
CA GLY D 337 12.50 44.48 -41.47
C GLY D 337 11.63 43.33 -41.96
N GLU D 338 11.52 42.24 -41.20
CA GLU D 338 10.66 41.12 -41.62
C GLU D 338 9.18 41.46 -41.41
N SER D 339 8.35 41.02 -42.35
CA SER D 339 6.90 41.14 -42.19
C SER D 339 6.38 40.16 -41.09
N GLY D 340 5.24 40.47 -40.50
CA GLY D 340 4.69 39.73 -39.35
C GLY D 340 5.45 39.88 -38.03
N HIS D 341 6.31 40.90 -37.94
CA HIS D 341 7.16 41.15 -36.78
C HIS D 341 7.11 42.64 -36.42
N THR D 342 5.91 43.22 -36.51
CA THR D 342 5.72 44.62 -36.18
C THR D 342 5.75 44.78 -34.67
N VAL D 343 5.87 46.02 -34.21
CA VAL D 343 5.83 46.30 -32.77
C VAL D 343 4.48 45.88 -32.18
N ALA D 344 3.38 46.22 -32.89
CA ALA D 344 2.03 45.79 -32.53
C ALA D 344 1.93 44.26 -32.34
N ASP D 345 2.53 43.49 -33.26
CA ASP D 345 2.52 42.02 -33.18
C ASP D 345 3.28 41.53 -31.95
N TYR D 346 4.48 42.07 -31.74
CA TYR D 346 5.27 41.74 -30.54
C TYR D 346 4.58 42.05 -29.20
N LEU D 347 3.85 43.17 -29.12
CA LEU D 347 3.13 43.54 -27.88
C LEU D 347 2.00 42.57 -27.51
N LYS D 348 1.31 42.04 -28.51
CA LYS D 348 0.31 40.99 -28.30
C LYS D 348 0.94 39.68 -27.79
N PHE D 349 2.05 39.28 -28.38
CA PHE D 349 2.78 38.10 -27.93
C PHE D 349 3.23 38.28 -26.49
N LYS D 350 3.86 39.41 -26.20
CA LYS D 350 4.32 39.71 -24.85
C LYS D 350 3.18 39.59 -23.84
N ASP D 351 2.04 40.21 -24.16
CA ASP D 351 0.88 40.19 -23.26
C ASP D 351 0.39 38.78 -22.97
N LEU D 352 0.19 37.98 -24.02
CA LEU D 352 -0.22 36.58 -23.87
C LEU D 352 0.76 35.80 -22.99
N ILE D 353 2.06 35.94 -23.25
CA ILE D 353 3.07 35.21 -22.47
C ILE D 353 3.00 35.59 -21.00
N LEU D 354 2.87 36.88 -20.68
CA LEU D 354 2.80 37.31 -19.27
C LEU D 354 1.57 36.77 -18.53
N ARG D 355 0.49 36.54 -19.26
CA ARG D 355 -0.69 35.91 -18.71
C ARG D 355 -0.47 34.41 -18.45
N MET D 356 0.30 33.75 -19.33
CA MET D 356 0.72 32.35 -19.08
C MET D 356 1.74 32.24 -17.94
N LEU D 357 2.52 33.29 -17.69
CA LEU D 357 3.52 33.29 -16.62
C LEU D 357 3.08 34.05 -15.33
N ASP D 358 1.77 34.19 -15.15
CA ASP D 358 1.17 34.65 -13.90
C ASP D 358 1.66 33.72 -12.79
N TYR D 359 2.14 34.31 -11.71
CA TYR D 359 2.57 33.54 -10.54
C TYR D 359 1.41 32.77 -9.89
N ASP D 360 0.21 33.36 -9.91
CA ASP D 360 -0.97 32.79 -9.26
C ASP D 360 -1.67 31.81 -10.19
N PRO D 361 -1.72 30.51 -9.83
CA PRO D 361 -2.37 29.52 -10.71
C PRO D 361 -3.88 29.68 -10.83
N LYS D 362 -4.51 30.41 -9.91
CA LYS D 362 -5.93 30.67 -9.99
C LYS D 362 -6.32 31.78 -10.98
N THR D 363 -5.41 32.70 -11.28
CA THR D 363 -5.64 33.76 -12.27
C THR D 363 -4.82 33.60 -13.55
N ARG D 364 -3.89 32.65 -13.56
CA ARG D 364 -3.14 32.33 -14.78
C ARG D 364 -4.15 32.00 -15.86
N ILE D 365 -3.89 32.47 -17.08
CA ILE D 365 -4.83 32.33 -18.16
C ILE D 365 -5.09 30.85 -18.45
N GLN D 366 -6.33 30.55 -18.82
CA GLN D 366 -6.75 29.19 -19.12
C GLN D 366 -6.92 29.00 -20.63
N PRO D 367 -6.91 27.73 -21.09
CA PRO D 367 -6.93 27.47 -22.53
C PRO D 367 -8.04 28.17 -23.32
N TYR D 368 -9.27 28.14 -22.81
CA TYR D 368 -10.41 28.71 -23.53
C TYR D 368 -10.22 30.21 -23.83
N TYR D 369 -9.72 30.94 -22.84
CA TYR D 369 -9.46 32.39 -22.95
C TYR D 369 -8.17 32.72 -23.69
N ALA D 370 -7.17 31.85 -23.59
CA ALA D 370 -5.95 32.00 -24.37
C ALA D 370 -6.26 31.98 -25.86
N LEU D 371 -7.15 31.08 -26.27
CA LEU D 371 -7.55 30.99 -27.67
C LEU D 371 -8.28 32.21 -28.22
N GLN D 372 -8.88 33.00 -27.33
CA GLN D 372 -9.52 34.26 -27.69
C GLN D 372 -8.63 35.53 -27.68
N HIS D 373 -7.39 35.41 -27.20
CA HIS D 373 -6.43 36.53 -27.18
C HIS D 373 -6.21 37.17 -28.57
N SER D 374 -5.90 38.46 -28.61
CA SER D 374 -5.76 39.19 -29.88
C SER D 374 -4.58 38.75 -30.76
N PHE D 375 -3.66 38.02 -30.17
CA PHE D 375 -2.52 37.42 -30.84
C PHE D 375 -2.97 36.37 -31.86
N PHE D 376 -4.17 35.80 -31.69
CA PHE D 376 -4.74 34.87 -32.67
C PHE D 376 -5.78 35.45 -33.65
N LYS D 377 -6.22 36.70 -33.49
CA LYS D 377 -7.20 37.31 -34.44
C LYS D 377 -6.58 37.53 -35.84
FAC AWR E . 16.03 -6.79 -1.12
CAX AWR E . 15.54 -5.59 -0.96
FAD AWR E . 16.52 -4.75 -1.06
FAE AWR E . 14.73 -5.35 -1.99
CAR AWR E . 14.82 -5.45 0.35
CAV AWR E . 15.42 -5.59 1.65
NAO AWR E . 13.52 -5.21 0.21
CAF AWR E . 12.77 -5.06 1.33
CAH AWR E . 13.25 -5.18 2.62
CAT AWR E . 14.60 -5.44 2.80
CAS AWR E . 15.46 -5.63 3.94
CAI AWR E . 15.22 -5.61 5.32
CAG AWR E . 16.28 -5.83 6.18
CAQ AWR E . 17.55 -6.07 5.69
OAP AWR E . 18.52 -6.29 6.65
CAA AWR E . 19.90 -6.14 6.28
CAJ AWR E . 17.81 -6.10 4.32
CAU AWR E . 16.74 -5.88 3.45
NAW AWR E . 16.73 -5.86 2.07
CAN AWR E . 17.92 -6.04 1.25
CAM AWR E . 18.41 -7.49 1.21
CAL AWR E . 19.93 -7.62 1.29
CAK AWR E . 20.58 -7.93 -0.03
NAB AWR E . 20.41 -6.84 -1.03
P PO4 F . 16.57 -6.37 -9.33
O1 PO4 F . 17.39 -5.84 -8.17
O2 PO4 F . 17.21 -5.96 -10.64
O3 PO4 F . 15.16 -5.79 -9.26
O4 PO4 F . 16.49 -7.88 -9.22
P PO4 G . 18.71 -21.93 17.26
O1 PO4 G . 17.90 -21.59 18.50
O2 PO4 G . 18.75 -20.73 16.35
O3 PO4 G . 18.04 -23.11 16.58
O4 PO4 G . 20.14 -22.25 17.59
FAC AWR H . 18.72 21.50 36.07
CAX AWR H . 19.49 21.96 37.02
FAD AWR H . 20.13 22.98 36.52
FAE AWR H . 18.70 22.40 37.96
CAR AWR H . 20.43 20.90 37.51
CAV AWR H . 21.32 20.17 36.63
NAO AWR H . 20.38 20.63 38.81
CAF AWR H . 21.18 19.67 39.30
CAH AWR H . 22.06 18.90 38.55
CAT AWR H . 22.12 19.16 37.19
CAS AWR H . 22.90 18.60 36.10
CAI AWR H . 23.84 17.59 36.02
CAG AWR H . 24.40 17.28 34.79
CAQ AWR H . 24.01 17.97 33.66
OAP AWR H . 24.61 17.64 32.46
CAA AWR H . 23.79 17.47 31.30
CAJ AWR H . 23.08 19.01 33.71
CAU AWR H . 22.52 19.30 34.94
NAW AWR H . 21.57 20.23 35.26
CAN AWR H . 21.01 21.16 34.28
CAM AWR H . 19.99 20.53 33.36
CAL AWR H . 19.67 21.45 32.18
CAK AWR H . 19.54 22.91 32.54
NAB AWR H . 18.85 23.72 31.49
P PO4 I . 13.00 28.07 37.01
O1 PO4 I . 11.89 29.05 36.66
O2 PO4 I . 14.27 28.53 36.34
O3 PO4 I . 12.66 26.67 36.59
O4 PO4 I . 13.18 28.04 38.51
P PO4 J . 20.85 39.39 49.97
O1 PO4 J . 21.45 39.82 51.30
O2 PO4 J . 20.97 40.56 49.02
O3 PO4 J . 19.40 39.03 50.15
O4 PO4 J . 21.57 38.19 49.38
P PO4 K . 20.65 -0.16 26.39
O1 PO4 K . 21.56 -1.20 25.82
O2 PO4 K . 21.46 0.69 27.35
O3 PO4 K . 19.51 -0.86 27.09
O4 PO4 K . 20.18 0.73 25.26
FAC AWR L . -32.42 -7.63 -15.33
CAX AWR L . -31.77 -6.50 -15.47
FAD AWR L . -32.64 -5.55 -15.36
FAE AWR L . -30.95 -6.42 -14.43
CAR AWR L . -31.02 -6.45 -16.77
CAV AWR L . -31.55 -6.77 -18.07
NAO AWR L . -29.74 -6.12 -16.61
CAF AWR L . -28.95 -6.07 -17.69
CAH AWR L . -29.35 -6.34 -18.98
CAT AWR L . -30.68 -6.70 -19.18
CAS AWR L . -31.46 -7.04 -20.34
CAI AWR L . -31.15 -7.15 -21.70
CAG AWR L . -32.16 -7.48 -22.60
CAQ AWR L . -33.44 -7.73 -22.13
OAP AWR L . -34.35 -8.08 -23.11
CAA AWR L . -35.74 -7.95 -22.82
CAJ AWR L . -33.77 -7.67 -20.78
CAU AWR L . -32.75 -7.31 -19.89
NAW AWR L . -32.81 -7.16 -18.51
CAN AWR L . -34.04 -7.28 -17.73
CAM AWR L . -34.36 -8.67 -17.23
CAL AWR L . -35.65 -8.69 -16.39
CAK AWR L . -35.50 -8.43 -14.89
NAB AWR L . -36.24 -7.21 -14.41
P PO4 M . -33.72 -6.56 -7.30
O1 PO4 M . -34.63 -5.46 -7.83
O2 PO4 M . -33.58 -7.62 -8.36
O3 PO4 M . -34.36 -7.15 -6.06
O4 PO4 M . -32.36 -6.01 -6.95
P PO4 N . -31.85 -24.91 -31.78
O1 PO4 N . -32.92 -25.75 -32.46
O2 PO4 N . -30.87 -24.46 -32.83
O3 PO4 N . -31.15 -25.75 -30.73
O4 PO4 N . -32.49 -23.70 -31.15
FAC AWR O . 8.58 9.99 -25.76
CAX AWR O . 8.35 8.72 -25.95
FAD AWR O . 9.39 8.23 -26.57
FAE AWR O . 8.36 8.14 -24.76
CAR AWR O . 7.07 8.48 -26.71
CAV AWR O . 6.97 8.60 -28.16
NAO AWR O . 6.01 8.16 -25.98
CAF AWR O . 4.83 7.95 -26.62
CAH AWR O . 4.62 8.05 -27.99
CAT AWR O . 5.72 8.38 -28.77
CAS AWR O . 5.91 8.55 -30.20
CAI AWR O . 5.06 8.46 -31.30
CAG AWR O . 5.58 8.67 -32.58
CAQ AWR O . 6.91 9.00 -32.74
OAP AWR O . 7.34 9.20 -34.03
CAA AWR O . 8.41 10.14 -34.29
CAJ AWR O . 7.79 9.09 -31.66
CAU AWR O . 7.26 8.87 -30.39
NAW AWR O . 7.91 8.91 -29.16
CAN AWR O . 9.34 9.18 -28.96
CAM AWR O . 9.85 10.45 -29.58
CAL AWR O . 11.21 10.25 -30.23
CAK AWR O . 12.31 9.96 -29.25
NAB AWR O . 13.65 10.36 -29.76
P PO4 P . 10.32 -7.06 -11.30
O1 PO4 P . 10.18 -5.60 -10.87
O2 PO4 P . 9.94 -7.23 -12.76
O3 PO4 P . 9.41 -7.96 -10.48
O4 PO4 P . 11.73 -7.52 -11.05
P PO4 Q . 13.52 9.31 -19.41
O1 PO4 Q . 13.45 10.82 -19.35
O2 PO4 Q . 13.83 8.88 -20.82
O3 PO4 Q . 12.21 8.71 -18.97
O4 PO4 Q . 14.64 8.85 -18.50
P PO4 R . 1.32 25.20 -42.91
O1 PO4 R . -0.16 25.05 -43.20
O2 PO4 R . 1.88 23.85 -42.58
O3 PO4 R . 1.58 26.15 -41.76
O4 PO4 R . 2.04 25.73 -44.13
#